data_8OG4
#
_entry.id   8OG4
#
_cell.length_a   121.617
_cell.length_b   121.617
_cell.length_c   259.537
_cell.angle_alpha   90.000
_cell.angle_beta   90.000
_cell.angle_gamma   120.000
#
_symmetry.space_group_name_H-M   'P 32 2 1'
#
loop_
_entity.id
_entity.type
_entity.pdbx_description
1 polymer 'Exostosin-like 3'
2 branched 2-acetamido-2-deoxy-beta-D-glucopyranose-(1-4)-2-acetamido-2-deoxy-beta-D-glucopyranose
3 branched alpha-D-mannopyranose-(1-3)-[alpha-D-mannopyranose-(1-6)]beta-D-mannopyranose-(1-4)-2-acetamido-2-deoxy-beta-D-glucopyranose-(1-4)-2-acetamido-2-deoxy-beta-D-glucopyranose
4 non-polymer 'MANGANESE (II) ION'
5 non-polymer "URIDINE-5'-DIPHOSPHATE"
6 water water
#
_entity_poly.entity_id   1
_entity_poly.type   'polypeptide(L)'
_entity_poly.pdbx_seq_one_letter_code
;APLVHHHHHHALDENLYFQGALATTLDEADEAGKRIFGPRVGNELCEVKHVLDLCRIRESVSEELLQLEAKRQELNSEIA
KLNLKIEACKKSIENAKQDLLQLKNVISQTEHSYKELMAQNQPKLSLPIRLLPEKDDAGLPPPKATRGCRLHNCFDYSRC
PLTSGFPVYVYDSDQFVFGSYLDPLVKQAFQATARANVYVTENADIACLYVILVGEMQEPVVLRPAELEKQLYSLPHWRT
DGHNHVIINLSRKSDTQNLLYNVSTGRAMVAQSTFYTVQYRPGFDLVVSPLVHAMSEPNFMEIPPQVPVKRKYLFTFQGE
KIESLRSSLQEARSFEEEMEGDPPADYDDRIIATLKAVQDSKLDQVLVEFTCKNQPKPSLPTEWALCGEREDRLELLKLS
TFALIITPGDPRLVISSGCATRLFEALEVGAVPVVLGEQVQLPYQDMLQWNEAALVVPKPRVTEVHFLLRSLSDSDLLAM
RRQGRFLWETYFSTADSIFNTVLAMIRTRIQIPAAPIREEAAAEIPHRSGKAAGTDPNMADNGDLDLGPVETEPPYASPR
YLRNFTLTVTDFYRSWN(CSO)APGPFHLFPHTPFDPVLPSEAKFLGSGTGFRPIGGGAGGSGKEFQAALGGNVPREQFT
VVMLTYEREEVLMNSLERLNGLPYLNKVVVVWNSPKLPSEDLLWPDIGVPIMVVRTEKNSLNNRFLPWNEIETEAILSID
DDAHLRHDEIMFGFRVWREARDRIVGFPGRYHAWDIPHQSWLYNSNYSCELSMVLTGAAFFHKYYAYLYSYVMPQAIRDM
VDEYINCEDIAMNFLVSHITRKPPIKVTSRWTFRCPGCPQALSHDDSHFHERHKCINFFVKVYGYMPLLYTQFRVDSVLF
KTRLPHDKTKCFKFI
;
_entity_poly.pdbx_strand_id   A,B
#
# COMPACT_ATOMS: atom_id res chain seq x y z
N SER A 126 3.85 -1.15 -33.49
CA SER A 126 4.50 -2.23 -34.24
C SER A 126 4.96 -3.44 -33.38
N LEU A 127 5.34 -4.59 -34.03
CA LEU A 127 5.48 -5.83 -33.25
C LEU A 127 6.75 -5.84 -32.41
N PRO A 128 6.67 -6.39 -31.21
CA PRO A 128 7.89 -6.61 -30.43
C PRO A 128 8.92 -7.39 -31.21
N ILE A 129 10.19 -7.16 -30.88
CA ILE A 129 11.26 -7.92 -31.52
C ILE A 129 11.15 -9.42 -31.21
N ARG A 130 11.45 -10.24 -32.20
CA ARG A 130 11.32 -11.69 -32.07
C ARG A 130 12.54 -12.34 -31.40
N LEU A 131 12.25 -13.26 -30.47
CA LEU A 131 13.30 -14.10 -29.91
C LEU A 131 13.78 -15.07 -30.97
N LEU A 132 15.09 -15.25 -31.04
CA LEU A 132 15.74 -16.15 -32.01
C LEU A 132 15.74 -17.58 -31.47
N PRO A 133 15.14 -18.54 -32.18
CA PRO A 133 14.94 -19.86 -31.58
C PRO A 133 16.21 -20.70 -31.60
N GLU A 134 16.09 -21.86 -30.96
CA GLU A 134 17.10 -22.91 -31.05
C GLU A 134 17.04 -23.54 -32.45
N LYS A 135 18.22 -23.80 -33.02
CA LYS A 135 18.38 -24.06 -34.46
C LYS A 135 17.79 -25.38 -35.01
N LEU A 140 18.42 -31.58 -26.31
CA LEU A 140 19.69 -31.18 -26.90
C LEU A 140 20.44 -30.12 -26.04
N PRO A 141 19.78 -29.04 -25.60
CA PRO A 141 20.48 -28.03 -24.80
C PRO A 141 20.93 -28.59 -23.47
N PRO A 142 22.07 -28.14 -22.94
CA PRO A 142 22.60 -28.73 -21.66
C PRO A 142 21.86 -28.22 -20.44
N PRO A 143 22.02 -28.89 -19.29
CA PRO A 143 21.31 -28.45 -18.08
C PRO A 143 21.72 -27.06 -17.57
N LYS A 144 22.96 -26.61 -17.83
CA LYS A 144 23.32 -25.23 -17.47
C LYS A 144 22.47 -24.24 -18.26
N ALA A 145 22.19 -24.54 -19.54
CA ALA A 145 21.40 -23.64 -20.37
C ALA A 145 19.96 -23.53 -19.86
N THR A 146 19.30 -24.67 -19.61
CA THR A 146 17.92 -24.68 -19.15
C THR A 146 17.77 -24.11 -17.72
N ARG A 147 18.75 -24.29 -16.85
CA ARG A 147 18.68 -23.60 -15.57
C ARG A 147 18.83 -22.10 -15.70
N GLY A 148 19.36 -21.63 -16.82
CA GLY A 148 19.60 -20.24 -17.04
C GLY A 148 18.47 -19.50 -17.67
N CYS A 149 17.36 -20.19 -17.90
CA CYS A 149 16.24 -19.55 -18.60
C CYS A 149 15.57 -18.52 -17.70
N ARG A 150 15.21 -17.38 -18.31
CA ARG A 150 14.43 -16.29 -17.72
C ARG A 150 13.61 -15.66 -18.85
N LEU A 151 12.68 -14.78 -18.51
CA LEU A 151 11.91 -14.13 -19.56
C LEU A 151 12.79 -13.34 -20.55
N HIS A 152 13.92 -12.83 -20.08
CA HIS A 152 14.66 -11.91 -20.95
C HIS A 152 15.47 -12.65 -22.00
N ASN A 153 15.57 -13.98 -21.92
CA ASN A 153 16.30 -14.75 -22.90
C ASN A 153 15.57 -15.99 -23.40
N CYS A 154 14.42 -16.39 -22.84
CA CYS A 154 13.69 -17.58 -23.30
C CYS A 154 12.23 -17.35 -23.67
N PHE A 155 11.74 -16.10 -23.64
CA PHE A 155 10.35 -15.81 -23.95
C PHE A 155 10.28 -14.98 -25.23
N ASP A 156 9.36 -15.32 -26.12
CA ASP A 156 9.25 -14.67 -27.43
C ASP A 156 8.19 -13.57 -27.32
N TYR A 157 8.66 -12.32 -27.10
CA TYR A 157 7.68 -11.25 -26.96
C TYR A 157 6.96 -10.92 -28.24
N SER A 158 7.43 -11.39 -29.41
CA SER A 158 6.73 -11.01 -30.64
C SER A 158 5.37 -11.66 -30.76
N ARG A 159 5.09 -12.72 -30.00
CA ARG A 159 3.75 -13.30 -30.05
C ARG A 159 2.73 -12.52 -29.20
N CYS A 160 3.20 -11.50 -28.46
CA CYS A 160 2.42 -10.89 -27.38
C CYS A 160 2.51 -9.36 -27.38
N PRO A 161 1.98 -8.69 -28.40
CA PRO A 161 1.88 -7.23 -28.36
C PRO A 161 1.05 -6.78 -27.18
N LEU A 162 1.40 -5.60 -26.63
CA LEU A 162 0.72 -5.12 -25.43
C LEU A 162 -0.78 -4.91 -25.65
N THR A 163 -1.19 -4.67 -26.89
CA THR A 163 -2.58 -4.34 -27.19
C THR A 163 -3.33 -5.46 -27.89
N SER A 164 -2.82 -6.68 -27.88
CA SER A 164 -3.49 -7.78 -28.57
C SER A 164 -4.15 -8.74 -27.61
N GLY A 165 -4.27 -8.34 -26.36
CA GLY A 165 -4.92 -9.19 -25.41
C GLY A 165 -3.93 -10.25 -25.03
N PHE A 166 -4.40 -11.25 -24.33
CA PHE A 166 -3.54 -12.32 -23.83
C PHE A 166 -4.24 -13.61 -24.20
N PRO A 167 -4.23 -13.96 -25.48
CA PRO A 167 -4.89 -15.21 -25.90
C PRO A 167 -4.00 -16.43 -25.58
N VAL A 168 -4.64 -17.44 -24.99
CA VAL A 168 -4.01 -18.59 -24.37
C VAL A 168 -4.53 -19.84 -25.07
N TYR A 169 -3.63 -20.67 -25.57
CA TYR A 169 -4.02 -21.92 -26.20
C TYR A 169 -3.84 -23.06 -25.19
N VAL A 170 -4.89 -23.83 -24.97
CA VAL A 170 -4.84 -24.95 -24.02
C VAL A 170 -4.89 -26.28 -24.74
N TYR A 171 -3.82 -27.04 -24.62
CA TYR A 171 -3.75 -28.36 -25.21
C TYR A 171 -4.76 -29.27 -24.53
N ASP A 172 -5.48 -30.06 -25.34
CA ASP A 172 -6.42 -31.07 -24.81
C ASP A 172 -5.62 -32.30 -24.38
N SER A 173 -5.48 -32.53 -23.05
CA SER A 173 -4.46 -33.49 -22.62
C SER A 173 -4.84 -34.93 -23.01
N ASP A 174 -6.12 -35.16 -23.33
CA ASP A 174 -6.61 -36.42 -23.91
C ASP A 174 -6.07 -36.74 -25.30
N GLN A 175 -5.40 -35.83 -26.00
CA GLN A 175 -4.77 -36.20 -27.25
C GLN A 175 -3.31 -36.54 -27.12
N PHE A 176 -2.75 -36.53 -25.90
CA PHE A 176 -1.31 -36.75 -25.70
C PHE A 176 -1.11 -37.81 -24.62
N VAL A 177 0.10 -38.39 -24.54
CA VAL A 177 0.22 -39.53 -23.63
C VAL A 177 -0.21 -39.17 -22.21
N PHE A 178 -0.14 -37.88 -21.81
CA PHE A 178 -0.35 -37.51 -20.40
C PHE A 178 -1.76 -37.86 -19.94
N GLY A 179 -2.76 -37.68 -20.82
CA GLY A 179 -4.15 -37.71 -20.38
C GLY A 179 -4.55 -38.95 -19.60
N SER A 180 -4.06 -40.12 -20.01
CA SER A 180 -4.54 -41.34 -19.40
C SER A 180 -3.77 -41.68 -18.13
N TYR A 181 -2.62 -41.03 -17.89
CA TYR A 181 -1.93 -41.15 -16.62
C TYR A 181 -2.32 -40.06 -15.61
N LEU A 182 -3.12 -39.08 -16.01
CA LEU A 182 -3.43 -37.99 -15.09
C LEU A 182 -4.35 -38.48 -14.01
N ASP A 183 -4.17 -37.94 -12.81
CA ASP A 183 -5.16 -38.06 -11.76
C ASP A 183 -6.51 -37.60 -12.29
N PRO A 184 -7.56 -38.40 -12.17
CA PRO A 184 -8.81 -38.02 -12.85
C PRO A 184 -9.45 -36.74 -12.35
N LEU A 185 -9.40 -36.46 -11.05
CA LEU A 185 -10.04 -35.25 -10.54
C LEU A 185 -9.29 -33.99 -10.98
N VAL A 186 -7.96 -34.00 -10.91
CA VAL A 186 -7.15 -32.90 -11.44
C VAL A 186 -7.52 -32.63 -12.87
N LYS A 187 -7.54 -33.67 -13.70
CA LYS A 187 -7.84 -33.44 -15.12
C LYS A 187 -9.22 -32.85 -15.32
N GLN A 188 -10.21 -33.33 -14.56
CA GLN A 188 -11.57 -32.87 -14.80
C GLN A 188 -11.76 -31.42 -14.37
N ALA A 189 -11.21 -31.05 -13.22
CA ALA A 189 -11.40 -29.67 -12.74
C ALA A 189 -10.63 -28.71 -13.63
N PHE A 190 -9.45 -29.13 -14.09
CA PHE A 190 -8.67 -28.29 -14.98
C PHE A 190 -9.37 -28.08 -16.32
N GLN A 191 -9.97 -29.12 -16.89
CA GLN A 191 -10.63 -28.96 -18.19
C GLN A 191 -11.85 -28.07 -18.08
N ALA A 192 -12.59 -28.18 -16.99
CA ALA A 192 -13.78 -27.36 -16.82
C ALA A 192 -13.43 -25.89 -16.61
N THR A 193 -12.38 -25.59 -15.82
CA THR A 193 -11.91 -24.20 -15.68
C THR A 193 -11.43 -23.64 -17.02
N ALA A 194 -10.63 -24.42 -17.73
CA ALA A 194 -10.08 -23.95 -19.00
C ALA A 194 -11.19 -23.65 -20.00
N ARG A 195 -12.28 -24.43 -19.97
CA ARG A 195 -13.38 -24.26 -20.93
C ARG A 195 -14.12 -22.95 -20.69
N ALA A 196 -14.18 -22.52 -19.44
CA ALA A 196 -14.92 -21.34 -19.01
C ALA A 196 -14.14 -20.02 -19.04
N ASN A 197 -12.87 -20.02 -19.46
CA ASN A 197 -11.93 -18.95 -19.19
C ASN A 197 -11.87 -17.95 -20.34
N VAL A 198 -11.89 -16.66 -20.01
CA VAL A 198 -12.10 -15.62 -21.02
C VAL A 198 -10.94 -15.47 -21.98
N TYR A 199 -9.73 -15.87 -21.58
CA TYR A 199 -8.55 -15.71 -22.44
C TYR A 199 -8.35 -16.85 -23.43
N VAL A 200 -8.99 -17.99 -23.25
CA VAL A 200 -8.63 -19.21 -23.96
C VAL A 200 -9.14 -19.13 -25.39
N THR A 201 -8.32 -19.55 -26.31
CA THR A 201 -8.66 -19.49 -27.71
C THR A 201 -8.29 -20.82 -28.32
N GLU A 202 -9.07 -21.23 -29.32
CA GLU A 202 -8.77 -22.45 -30.07
C GLU A 202 -7.86 -22.19 -31.27
N ASN A 203 -7.47 -20.94 -31.48
CA ASN A 203 -6.67 -20.55 -32.64
C ASN A 203 -5.21 -20.45 -32.23
N ALA A 204 -4.50 -21.56 -32.34
CA ALA A 204 -3.11 -21.59 -31.92
C ALA A 204 -2.25 -20.59 -32.64
N ASP A 205 -2.70 -20.09 -33.81
CA ASP A 205 -1.84 -19.22 -34.63
C ASP A 205 -1.67 -17.83 -34.00
N ILE A 206 -2.66 -17.36 -33.24
CA ILE A 206 -2.59 -16.08 -32.54
C ILE A 206 -2.16 -16.21 -31.08
N ALA A 207 -2.05 -17.43 -30.55
CA ALA A 207 -1.88 -17.55 -29.12
C ALA A 207 -0.56 -16.92 -28.71
N CYS A 208 -0.57 -16.29 -27.54
CA CYS A 208 0.63 -15.76 -26.90
C CYS A 208 1.27 -16.80 -25.98
N LEU A 209 0.45 -17.66 -25.35
CA LEU A 209 0.83 -18.65 -24.34
C LEU A 209 0.20 -20.00 -24.68
N TYR A 210 0.92 -21.09 -24.40
CA TYR A 210 0.44 -22.45 -24.59
C TYR A 210 0.53 -23.22 -23.26
N VAL A 211 -0.58 -23.79 -22.83
CA VAL A 211 -0.69 -24.50 -21.54
C VAL A 211 -0.79 -26.01 -21.80
N ILE A 212 0.10 -26.80 -21.22
CA ILE A 212 -0.05 -28.27 -21.21
C ILE A 212 -0.09 -28.79 -19.77
N LEU A 213 -1.14 -29.52 -19.45
CA LEU A 213 -1.32 -30.14 -18.14
C LEU A 213 -0.74 -31.56 -18.20
N VAL A 214 0.18 -31.85 -17.28
CA VAL A 214 0.91 -33.12 -17.25
C VAL A 214 0.79 -33.87 -15.91
N GLY A 215 0.18 -33.30 -14.88
CA GLY A 215 0.12 -33.96 -13.60
C GLY A 215 -0.77 -33.17 -12.66
N GLU A 216 -0.95 -33.72 -11.44
CA GLU A 216 -0.19 -34.90 -11.01
C GLU A 216 -0.74 -36.20 -11.62
N MET A 217 0.12 -37.21 -11.65
CA MET A 217 -0.16 -38.50 -12.23
C MET A 217 -0.68 -39.49 -11.19
N GLN A 218 -1.31 -40.55 -11.70
CA GLN A 218 -1.80 -41.61 -10.82
C GLN A 218 -0.63 -42.44 -10.34
N GLU A 219 -0.65 -42.80 -8.96
CA GLU A 219 0.43 -43.58 -8.37
C GLU A 219 0.14 -45.09 -8.44
N PRO A 220 1.16 -45.92 -8.60
CA PRO A 220 2.56 -45.59 -8.83
C PRO A 220 2.79 -45.04 -10.23
N VAL A 221 3.75 -44.12 -10.33
CA VAL A 221 3.96 -43.39 -11.58
C VAL A 221 4.51 -44.37 -12.61
N VAL A 222 3.69 -44.66 -13.62
CA VAL A 222 4.07 -45.59 -14.68
C VAL A 222 5.10 -44.96 -15.61
N LEU A 223 4.85 -43.74 -16.05
CA LEU A 223 5.65 -43.16 -17.11
C LEU A 223 7.07 -42.86 -16.66
N ARG A 224 8.07 -43.15 -17.53
CA ARG A 224 9.46 -42.86 -17.16
C ARG A 224 9.85 -41.44 -17.55
N PRO A 225 10.78 -40.81 -16.86
CA PRO A 225 11.12 -39.41 -17.18
C PRO A 225 11.44 -39.12 -18.65
N ALA A 226 12.43 -39.80 -19.22
CA ALA A 226 12.82 -39.48 -20.60
C ALA A 226 11.68 -39.68 -21.61
N GLU A 227 10.66 -40.48 -21.29
CA GLU A 227 9.47 -40.57 -22.13
C GLU A 227 8.58 -39.33 -21.99
N LEU A 228 8.43 -38.83 -20.75
CA LEU A 228 7.73 -37.58 -20.52
C LEU A 228 8.37 -36.45 -21.31
N GLU A 229 9.71 -36.44 -21.38
CA GLU A 229 10.41 -35.46 -22.20
C GLU A 229 10.01 -35.54 -23.66
N LYS A 230 9.98 -36.75 -24.22
CA LYS A 230 9.78 -36.91 -25.66
C LYS A 230 8.40 -36.46 -26.08
N GLN A 231 7.39 -36.72 -25.25
CA GLN A 231 6.05 -36.25 -25.61
CA GLN A 231 6.06 -36.26 -25.59
C GLN A 231 5.94 -34.75 -25.44
N LEU A 232 6.75 -34.13 -24.57
CA LEU A 232 6.74 -32.66 -24.49
C LEU A 232 7.29 -32.10 -25.78
N TYR A 233 8.43 -32.61 -26.22
CA TYR A 233 9.02 -32.08 -27.45
C TYR A 233 8.21 -32.43 -28.69
N SER A 234 7.17 -33.24 -28.56
CA SER A 234 6.25 -33.57 -29.65
C SER A 234 4.98 -32.75 -29.65
N LEU A 235 4.78 -31.85 -28.70
CA LEU A 235 3.50 -31.15 -28.69
C LEU A 235 3.33 -30.38 -30.00
N PRO A 236 2.10 -30.27 -30.46
CA PRO A 236 1.89 -29.66 -31.78
C PRO A 236 2.56 -28.31 -32.01
N HIS A 237 2.60 -27.41 -31.02
CA HIS A 237 3.16 -26.07 -31.22
C HIS A 237 4.42 -25.83 -30.41
N TRP A 238 5.13 -26.90 -30.08
CA TRP A 238 6.40 -26.78 -29.40
C TRP A 238 7.43 -26.05 -30.26
N ARG A 239 7.29 -26.11 -31.58
CA ARG A 239 8.31 -25.54 -32.47
C ARG A 239 9.60 -26.25 -32.05
N THR A 240 10.72 -25.56 -31.88
CA THR A 240 11.93 -26.32 -31.63
C THR A 240 12.28 -26.45 -30.16
N ASP A 241 11.59 -25.72 -29.25
CA ASP A 241 12.16 -25.51 -27.93
C ASP A 241 11.15 -25.27 -26.82
N GLY A 242 9.88 -25.26 -27.10
CA GLY A 242 8.90 -24.96 -26.08
C GLY A 242 8.72 -23.51 -25.70
N HIS A 243 9.31 -22.54 -26.42
CA HIS A 243 9.11 -21.14 -26.02
C HIS A 243 7.63 -20.81 -25.94
N ASN A 244 7.29 -19.99 -24.94
CA ASN A 244 5.95 -19.53 -24.65
C ASN A 244 5.00 -20.63 -24.21
N HIS A 245 5.53 -21.75 -23.71
CA HIS A 245 4.70 -22.80 -23.09
C HIS A 245 4.85 -22.77 -21.57
N VAL A 246 3.79 -23.04 -20.85
CA VAL A 246 3.88 -23.31 -19.44
C VAL A 246 3.35 -24.72 -19.18
N ILE A 247 4.16 -25.51 -18.49
CA ILE A 247 3.80 -26.87 -18.06
C ILE A 247 3.16 -26.82 -16.67
N ILE A 248 1.93 -27.28 -16.55
CA ILE A 248 1.22 -27.25 -15.27
C ILE A 248 1.16 -28.64 -14.66
N ASN A 249 1.51 -28.75 -13.39
CA ASN A 249 1.55 -30.03 -12.66
C ASN A 249 1.03 -29.76 -11.25
N LEU A 250 -0.27 -30.08 -11.04
CA LEU A 250 -1.00 -29.77 -9.83
C LEU A 250 -1.15 -30.97 -8.89
N SER A 251 -0.65 -30.78 -7.68
CA SER A 251 -0.70 -31.76 -6.62
C SER A 251 -2.11 -31.91 -6.06
N ARG A 252 -2.45 -33.15 -5.68
CA ARG A 252 -3.71 -33.40 -5.00
C ARG A 252 -3.62 -34.53 -3.96
N LYS A 253 -3.02 -35.66 -4.30
CA LYS A 253 -2.95 -36.77 -3.35
C LYS A 253 -1.55 -37.14 -2.94
N SER A 254 -0.56 -36.82 -3.76
CA SER A 254 0.79 -37.30 -3.53
C SER A 254 1.68 -36.18 -3.05
N ASP A 255 2.54 -36.50 -2.09
CA ASP A 255 3.52 -35.54 -1.59
C ASP A 255 4.94 -35.93 -1.94
N THR A 256 5.12 -36.93 -2.80
CA THR A 256 6.42 -37.48 -3.14
C THR A 256 6.71 -37.40 -4.60
N GLN A 257 5.70 -37.12 -5.43
CA GLN A 257 5.93 -36.90 -6.84
C GLN A 257 6.79 -35.66 -7.05
N ASN A 258 7.67 -35.79 -8.03
CA ASN A 258 8.46 -34.74 -8.60
C ASN A 258 8.68 -35.14 -10.06
N LEU A 259 7.64 -34.99 -10.88
CA LEU A 259 7.68 -35.60 -12.20
C LEU A 259 8.74 -35.02 -13.13
N LEU A 260 9.07 -33.75 -12.99
CA LEU A 260 9.91 -33.12 -14.00
C LEU A 260 11.37 -33.13 -13.66
N TYR A 261 11.75 -33.70 -12.51
CA TYR A 261 13.11 -33.54 -12.01
C TYR A 261 14.18 -33.87 -13.06
N ASN A 262 14.07 -35.01 -13.74
CA ASN A 262 15.10 -35.39 -14.70
C ASN A 262 14.65 -35.12 -16.13
N VAL A 263 13.68 -34.22 -16.31
CA VAL A 263 13.06 -33.94 -17.61
C VAL A 263 13.56 -32.60 -18.11
N SER A 264 14.00 -32.55 -19.36
CA SER A 264 14.37 -31.28 -19.97
C SER A 264 13.13 -30.58 -20.54
N THR A 265 12.92 -29.32 -20.13
CA THR A 265 11.72 -28.57 -20.45
C THR A 265 11.94 -27.54 -21.54
N GLY A 266 13.11 -27.51 -22.15
CA GLY A 266 13.41 -26.52 -23.16
C GLY A 266 13.29 -25.11 -22.61
N ARG A 267 12.56 -24.25 -23.33
CA ARG A 267 12.30 -22.89 -22.90
C ARG A 267 10.96 -22.73 -22.24
N ALA A 268 10.36 -23.82 -21.78
CA ALA A 268 9.07 -23.72 -21.13
C ALA A 268 9.24 -23.36 -19.66
N MET A 269 8.21 -22.73 -19.12
CA MET A 269 8.04 -22.45 -17.71
C MET A 269 7.33 -23.64 -17.06
N VAL A 270 7.52 -23.78 -15.75
CA VAL A 270 6.93 -24.88 -14.99
C VAL A 270 6.13 -24.28 -13.84
N ALA A 271 4.90 -24.78 -13.65
CA ALA A 271 4.05 -24.39 -12.54
C ALA A 271 3.72 -25.62 -11.71
N GLN A 272 4.21 -25.69 -10.48
CA GLN A 272 3.97 -26.86 -9.63
C GLN A 272 4.20 -26.46 -8.18
N SER A 273 4.00 -27.42 -7.29
CA SER A 273 4.16 -27.20 -5.84
C SER A 273 5.46 -27.76 -5.27
N THR A 274 6.28 -28.48 -6.05
CA THR A 274 7.53 -29.05 -5.54
C THR A 274 8.71 -28.65 -6.42
N PHE A 275 9.76 -28.10 -5.81
CA PHE A 275 10.96 -27.73 -6.53
C PHE A 275 12.16 -27.98 -5.67
N TYR A 276 13.21 -28.54 -6.25
CA TYR A 276 14.54 -28.46 -5.69
C TYR A 276 15.24 -27.28 -6.31
N THR A 277 16.29 -26.81 -5.65
CA THR A 277 16.99 -25.61 -6.11
C THR A 277 17.45 -25.76 -7.56
N VAL A 278 18.03 -26.90 -7.91
CA VAL A 278 18.50 -27.08 -9.28
C VAL A 278 17.38 -26.98 -10.31
N GLN A 279 16.12 -27.11 -9.92
CA GLN A 279 15.07 -26.99 -10.93
C GLN A 279 14.30 -25.68 -10.91
N TYR A 280 14.38 -24.89 -9.82
CA TYR A 280 13.67 -23.62 -9.71
C TYR A 280 14.46 -22.52 -10.41
N ARG A 281 13.82 -21.88 -11.42
CA ARG A 281 14.26 -20.66 -12.10
C ARG A 281 13.45 -19.48 -11.60
N PRO A 282 14.00 -18.62 -10.74
CA PRO A 282 13.15 -17.54 -10.16
C PRO A 282 12.83 -16.44 -11.16
N GLY A 283 11.62 -15.88 -11.03
CA GLY A 283 11.03 -15.00 -12.04
C GLY A 283 10.55 -15.69 -13.32
N PHE A 284 10.66 -17.01 -13.42
CA PHE A 284 10.31 -17.71 -14.66
C PHE A 284 9.37 -18.88 -14.38
N ASP A 285 9.77 -19.80 -13.52
CA ASP A 285 8.86 -20.80 -12.96
C ASP A 285 7.85 -20.18 -12.00
N LEU A 286 6.79 -20.92 -11.71
CA LEU A 286 5.77 -20.53 -10.76
C LEU A 286 5.59 -21.58 -9.70
N VAL A 287 5.65 -21.18 -8.44
CA VAL A 287 5.22 -22.00 -7.32
C VAL A 287 3.74 -21.77 -7.12
N VAL A 288 2.92 -22.84 -7.13
CA VAL A 288 1.47 -22.70 -7.02
C VAL A 288 0.93 -23.57 -5.89
N SER A 289 -0.30 -23.43 -5.66
CA SER A 289 -1.00 -24.09 -4.57
C SER A 289 -1.46 -25.50 -4.97
N PRO A 290 -1.61 -26.42 -4.02
CA PRO A 290 -2.23 -27.71 -4.35
C PRO A 290 -3.72 -27.57 -4.67
N LEU A 291 -4.22 -28.46 -5.51
CA LEU A 291 -5.63 -28.44 -5.89
C LEU A 291 -6.41 -29.25 -4.87
N VAL A 292 -7.10 -28.58 -3.98
CA VAL A 292 -7.87 -29.28 -2.98
C VAL A 292 -9.29 -29.49 -3.43
N HIS A 293 -9.99 -28.42 -3.81
CA HIS A 293 -11.42 -28.54 -4.11
C HIS A 293 -11.65 -28.79 -5.59
N ALA A 294 -11.15 -29.93 -6.02
CA ALA A 294 -11.33 -30.37 -7.39
C ALA A 294 -12.75 -30.91 -7.55
N MET A 295 -13.42 -30.46 -8.60
CA MET A 295 -14.80 -30.87 -8.88
C MET A 295 -15.70 -30.70 -7.65
N SER A 296 -15.40 -29.72 -6.81
CA SER A 296 -16.27 -29.35 -5.69
C SER A 296 -16.19 -27.85 -5.48
N GLU A 297 -16.98 -27.36 -4.52
CA GLU A 297 -16.94 -25.98 -4.06
C GLU A 297 -16.70 -25.97 -2.56
N PRO A 298 -15.83 -25.08 -2.05
CA PRO A 298 -15.65 -24.97 -0.59
C PRO A 298 -16.86 -24.33 0.07
N ASN A 299 -17.06 -24.67 1.34
CA ASN A 299 -18.19 -24.17 2.09
C ASN A 299 -17.74 -23.09 3.06
N PHE A 300 -17.94 -21.83 2.69
CA PHE A 300 -17.52 -20.72 3.53
C PHE A 300 -18.14 -20.76 4.92
N MET A 301 -19.20 -21.55 5.12
CA MET A 301 -19.84 -21.65 6.43
C MET A 301 -19.12 -22.59 7.40
N GLU A 302 -18.27 -23.51 6.90
CA GLU A 302 -17.44 -24.38 7.74
C GLU A 302 -16.10 -23.71 8.16
N ILE A 303 -15.92 -22.41 7.88
CA ILE A 303 -14.71 -21.68 8.26
C ILE A 303 -14.97 -20.99 9.60
N PRO A 304 -14.14 -21.21 10.61
CA PRO A 304 -14.37 -20.54 11.89
C PRO A 304 -14.33 -19.03 11.73
N PRO A 305 -15.10 -18.29 12.55
CA PRO A 305 -15.06 -16.83 12.47
C PRO A 305 -13.69 -16.30 12.86
N GLN A 306 -13.38 -15.12 12.33
CA GLN A 306 -12.07 -14.56 12.60
C GLN A 306 -11.99 -14.02 14.00
N VAL A 307 -13.11 -13.71 14.62
CA VAL A 307 -13.15 -13.26 16.01
C VAL A 307 -13.89 -14.30 16.85
N PRO A 308 -13.41 -14.65 18.07
CA PRO A 308 -12.32 -14.04 18.87
C PRO A 308 -10.91 -14.30 18.34
N VAL A 309 -10.02 -13.35 18.62
CA VAL A 309 -8.67 -13.41 18.06
C VAL A 309 -7.93 -14.65 18.56
N LYS A 310 -7.79 -14.77 19.87
CA LYS A 310 -7.08 -15.88 20.51
C LYS A 310 -8.01 -17.06 20.70
N ARG A 311 -7.63 -18.20 20.15
CA ARG A 311 -8.34 -19.45 20.23
C ARG A 311 -7.76 -20.27 21.38
N LYS A 312 -8.22 -21.51 21.48
CA LYS A 312 -7.83 -22.40 22.58
C LYS A 312 -6.32 -22.53 22.70
N TYR A 313 -5.67 -22.90 21.60
CA TYR A 313 -4.23 -23.11 21.55
C TYR A 313 -3.56 -21.88 20.96
N LEU A 314 -2.46 -21.44 21.56
CA LEU A 314 -1.68 -20.37 20.95
C LEU A 314 -1.02 -20.85 19.67
N PHE A 315 -0.40 -22.03 19.70
CA PHE A 315 0.00 -22.65 18.45
C PHE A 315 0.01 -24.17 18.57
N THR A 316 -0.03 -24.84 17.41
CA THR A 316 0.01 -26.29 17.33
C THR A 316 0.89 -26.73 16.17
N PHE A 317 1.34 -27.97 16.23
CA PHE A 317 2.08 -28.60 15.14
C PHE A 317 1.90 -30.11 15.24
N GLN A 318 1.74 -30.77 14.09
CA GLN A 318 1.65 -32.23 14.00
C GLN A 318 2.52 -32.73 12.85
N GLY A 319 3.49 -33.56 13.15
CA GLY A 319 4.23 -34.17 12.07
C GLY A 319 5.13 -35.30 12.53
N GLU A 320 5.77 -35.94 11.58
CA GLU A 320 6.71 -36.99 11.93
C GLU A 320 7.77 -37.07 10.84
N LYS A 321 9.00 -37.17 11.27
CA LYS A 321 10.15 -37.30 10.39
C LYS A 321 10.73 -38.69 10.56
N ILE A 322 10.97 -39.39 9.46
CA ILE A 322 11.51 -40.74 9.60
C ILE A 322 12.97 -40.79 9.15
N GLU A 323 13.85 -40.22 9.98
CA GLU A 323 15.30 -40.00 9.72
C GLU A 323 15.85 -40.78 8.53
N ALA A 345 23.56 -27.88 8.14
CA ALA A 345 23.42 -27.66 9.57
C ALA A 345 22.08 -28.22 10.06
N ASP A 346 22.08 -28.97 11.18
CA ASP A 346 20.88 -29.63 11.72
C ASP A 346 20.36 -28.89 12.94
N TYR A 347 19.45 -27.92 12.69
CA TYR A 347 18.77 -27.16 13.74
C TYR A 347 17.53 -27.85 14.26
N ASP A 348 17.15 -28.95 13.62
CA ASP A 348 15.94 -29.67 13.94
C ASP A 348 15.89 -30.09 15.40
N ASP A 349 17.03 -30.39 15.97
CA ASP A 349 17.00 -30.94 17.31
C ASP A 349 16.81 -29.86 18.35
N ARG A 350 17.28 -28.63 18.08
CA ARG A 350 17.03 -27.52 18.98
C ARG A 350 15.60 -27.01 18.86
N ILE A 351 15.04 -27.06 17.65
CA ILE A 351 13.62 -26.73 17.49
C ILE A 351 12.77 -27.62 18.39
N ILE A 352 12.89 -28.94 18.22
CA ILE A 352 12.11 -29.87 19.02
C ILE A 352 12.31 -29.62 20.50
N ALA A 353 13.55 -29.39 20.92
CA ALA A 353 13.77 -29.21 22.37
C ALA A 353 13.17 -27.91 22.87
N THR A 354 13.23 -26.86 22.04
CA THR A 354 12.66 -25.58 22.43
C THR A 354 11.14 -25.65 22.45
N LEU A 355 10.54 -26.28 21.45
CA LEU A 355 9.07 -26.35 21.42
C LEU A 355 8.53 -27.26 22.52
N LYS A 356 9.23 -28.35 22.85
CA LYS A 356 8.80 -29.18 23.98
C LYS A 356 8.90 -28.39 25.28
N ALA A 357 9.96 -27.62 25.43
CA ALA A 357 10.07 -26.85 26.66
C ALA A 357 8.96 -25.83 26.78
N VAL A 358 8.46 -25.27 25.66
CA VAL A 358 7.36 -24.32 25.76
C VAL A 358 6.11 -25.01 26.25
N GLN A 359 5.80 -26.17 25.66
CA GLN A 359 4.65 -26.95 26.10
C GLN A 359 4.73 -27.22 27.60
N ASP A 360 5.89 -27.67 28.08
CA ASP A 360 6.02 -28.06 29.50
C ASP A 360 6.03 -26.87 30.45
N SER A 361 6.38 -25.68 29.98
CA SER A 361 6.35 -24.52 30.85
C SER A 361 4.93 -24.20 31.30
N LYS A 362 3.94 -24.49 30.47
CA LYS A 362 2.55 -24.14 30.78
C LYS A 362 2.42 -22.65 31.09
N LEU A 363 2.96 -21.85 30.17
CA LEU A 363 2.74 -20.42 30.08
C LEU A 363 1.66 -20.05 29.06
N ASP A 364 1.39 -20.96 28.13
CA ASP A 364 0.32 -20.84 27.16
C ASP A 364 -0.17 -22.25 26.91
N GLN A 365 -1.37 -22.37 26.37
CA GLN A 365 -1.90 -23.66 25.99
C GLN A 365 -1.40 -23.93 24.59
N VAL A 366 -0.50 -24.91 24.42
CA VAL A 366 -0.04 -25.29 23.09
C VAL A 366 -0.05 -26.80 22.98
N LEU A 367 0.09 -27.27 21.75
CA LEU A 367 -0.01 -28.70 21.50
C LEU A 367 0.90 -28.98 20.32
N VAL A 368 2.06 -29.56 20.60
CA VAL A 368 3.07 -29.85 19.62
C VAL A 368 3.35 -31.34 19.66
N GLU A 369 3.38 -31.97 18.50
CA GLU A 369 3.49 -33.42 18.40
C GLU A 369 4.40 -33.78 17.24
N PHE A 370 5.49 -34.49 17.53
CA PHE A 370 6.51 -34.81 16.54
C PHE A 370 6.53 -36.26 16.11
N THR A 371 5.44 -37.01 16.38
CA THR A 371 5.14 -38.30 15.79
C THR A 371 3.64 -38.35 15.51
N CYS A 372 3.19 -39.25 14.63
CA CYS A 372 1.76 -39.41 14.36
C CYS A 372 1.19 -40.60 15.13
N LYS A 373 -0.12 -40.50 15.46
CA LYS A 373 -0.83 -41.62 16.07
C LYS A 373 -0.75 -42.86 15.19
N ASN A 374 -1.12 -42.73 13.93
CA ASN A 374 -1.02 -43.87 13.02
C ASN A 374 0.23 -43.72 12.18
N GLN A 375 0.21 -44.26 10.97
CA GLN A 375 1.33 -44.11 10.04
C GLN A 375 1.30 -42.70 9.44
N PRO A 376 2.46 -42.14 9.13
CA PRO A 376 2.48 -40.84 8.43
C PRO A 376 2.31 -41.01 6.93
N LYS A 377 1.73 -39.99 6.32
CA LYS A 377 1.70 -39.95 4.86
C LYS A 377 3.15 -40.00 4.36
N PRO A 378 3.40 -40.64 3.24
CA PRO A 378 4.74 -40.57 2.65
C PRO A 378 5.12 -39.12 2.33
N SER A 379 6.42 -38.88 2.21
CA SER A 379 6.94 -37.53 2.02
C SER A 379 8.35 -37.59 1.46
N LEU A 380 8.86 -36.43 1.07
CA LEU A 380 10.22 -36.35 0.56
C LEU A 380 11.24 -36.43 1.71
N PRO A 381 12.47 -36.81 1.42
CA PRO A 381 13.49 -36.88 2.48
C PRO A 381 13.64 -35.54 3.19
N THR A 382 13.82 -35.61 4.52
CA THR A 382 14.02 -34.56 5.53
C THR A 382 12.79 -33.71 5.84
N GLU A 383 11.65 -34.01 5.25
CA GLU A 383 10.39 -33.31 5.43
C GLU A 383 9.70 -33.78 6.72
N TRP A 384 8.90 -32.90 7.30
CA TRP A 384 8.05 -33.27 8.43
C TRP A 384 6.73 -33.74 7.85
N ALA A 385 6.51 -35.04 7.86
CA ALA A 385 5.40 -35.62 7.12
C ALA A 385 4.06 -35.32 7.77
N LEU A 386 3.03 -35.30 6.95
CA LEU A 386 1.72 -34.94 7.41
C LEU A 386 1.11 -36.14 8.13
N CYS A 387 0.21 -35.85 9.08
CA CYS A 387 -0.42 -36.84 9.95
C CYS A 387 -1.92 -36.89 9.72
N GLY A 388 -2.43 -38.10 9.45
CA GLY A 388 -3.86 -38.29 9.42
C GLY A 388 -4.45 -37.93 8.07
N GLU A 389 -5.72 -37.60 8.10
CA GLU A 389 -6.39 -37.14 6.90
C GLU A 389 -6.67 -35.66 7.05
N ARG A 390 -6.82 -34.99 5.91
CA ARG A 390 -7.18 -33.58 5.87
C ARG A 390 -8.14 -33.21 6.99
N GLU A 391 -9.13 -34.07 7.26
CA GLU A 391 -10.20 -33.72 8.19
C GLU A 391 -9.72 -33.75 9.65
N ASP A 392 -8.78 -34.64 9.97
CA ASP A 392 -8.20 -34.67 11.31
C ASP A 392 -7.38 -33.41 11.58
N ARG A 393 -6.49 -33.06 10.65
CA ARG A 393 -5.62 -31.90 10.84
C ARG A 393 -6.44 -30.64 10.97
N LEU A 394 -7.47 -30.48 10.13
CA LEU A 394 -8.32 -29.28 10.25
C LEU A 394 -8.96 -29.15 11.63
N GLU A 395 -9.37 -30.27 12.24
CA GLU A 395 -10.10 -30.13 13.50
C GLU A 395 -9.22 -29.44 14.54
N LEU A 396 -7.94 -29.75 14.52
CA LEU A 396 -6.99 -29.10 15.42
C LEU A 396 -6.64 -27.67 14.96
N LEU A 397 -6.38 -27.47 13.66
CA LEU A 397 -6.03 -26.12 13.21
C LEU A 397 -7.17 -25.12 13.45
N LYS A 398 -8.44 -25.56 13.36
CA LYS A 398 -9.55 -24.65 13.63
C LYS A 398 -9.51 -24.11 15.06
N LEU A 399 -8.77 -24.76 15.96
CA LEU A 399 -8.62 -24.31 17.34
C LEU A 399 -7.30 -23.59 17.64
N SER A 400 -6.53 -23.23 16.63
CA SER A 400 -5.19 -22.68 16.83
C SER A 400 -5.12 -21.21 16.42
N THR A 401 -4.60 -20.35 17.30
CA THR A 401 -4.29 -18.98 16.91
C THR A 401 -3.26 -18.94 15.81
N PHE A 402 -2.16 -19.70 15.99
CA PHE A 402 -1.09 -19.83 14.99
C PHE A 402 -0.82 -21.31 14.71
N ALA A 403 -0.34 -21.61 13.51
CA ALA A 403 0.02 -22.95 13.11
C ALA A 403 1.48 -22.97 12.69
N LEU A 404 2.27 -23.87 13.28
CA LEU A 404 3.68 -23.99 12.89
C LEU A 404 3.80 -24.81 11.61
N ILE A 405 4.73 -24.40 10.77
CA ILE A 405 5.14 -25.07 9.56
C ILE A 405 6.66 -25.11 9.61
N ILE A 406 7.24 -26.29 9.83
CA ILE A 406 8.68 -26.45 9.96
C ILE A 406 9.22 -26.94 8.62
N THR A 407 9.98 -26.10 7.92
CA THR A 407 10.40 -26.41 6.57
C THR A 407 11.37 -27.59 6.58
N PRO A 408 11.61 -28.19 5.41
CA PRO A 408 12.41 -29.41 5.36
C PRO A 408 13.83 -29.14 5.81
N GLY A 409 14.45 -30.18 6.37
CA GLY A 409 15.82 -30.07 6.82
C GLY A 409 16.83 -29.85 5.70
N ASP A 410 16.55 -30.37 4.51
CA ASP A 410 17.44 -30.15 3.37
C ASP A 410 17.20 -28.76 2.77
N PRO A 411 18.13 -27.81 2.91
CA PRO A 411 17.87 -26.46 2.40
C PRO A 411 17.63 -26.39 0.91
N ARG A 412 18.04 -27.42 0.17
CA ARG A 412 17.84 -27.48 -1.28
C ARG A 412 16.41 -27.76 -1.69
N LEU A 413 15.56 -28.18 -0.75
CA LEU A 413 14.14 -28.39 -0.97
C LEU A 413 13.50 -27.02 -0.77
N VAL A 414 13.45 -26.27 -1.87
CA VAL A 414 12.91 -24.90 -1.90
C VAL A 414 11.44 -24.89 -1.50
N ILE A 415 10.64 -25.83 -2.00
CA ILE A 415 9.25 -25.94 -1.57
C ILE A 415 8.82 -27.36 -1.85
N SER A 416 7.83 -27.85 -1.10
CA SER A 416 7.25 -29.15 -1.41
C SER A 416 5.74 -29.15 -1.28
N SER A 417 5.11 -30.09 -2.00
CA SER A 417 3.67 -30.37 -1.89
C SER A 417 3.20 -30.38 -0.43
N GLY A 418 4.01 -30.96 0.45
CA GLY A 418 3.59 -31.04 1.84
C GLY A 418 3.61 -29.71 2.56
N CYS A 419 4.67 -28.94 2.35
CA CYS A 419 4.74 -27.60 2.94
CA CYS A 419 4.74 -27.60 2.95
C CYS A 419 3.58 -26.73 2.49
N ALA A 420 3.24 -26.77 1.19
CA ALA A 420 2.16 -25.94 0.66
C ALA A 420 0.79 -26.41 1.14
N THR A 421 0.64 -27.71 1.35
CA THR A 421 -0.59 -28.23 1.93
C THR A 421 -0.80 -27.68 3.33
N ARG A 422 0.25 -27.68 4.14
CA ARG A 422 0.11 -27.15 5.50
C ARG A 422 -0.27 -25.69 5.47
N LEU A 423 0.28 -24.96 4.50
CA LEU A 423 -0.01 -23.55 4.36
C LEU A 423 -1.46 -23.38 3.92
N PHE A 424 -1.84 -24.13 2.89
CA PHE A 424 -3.22 -24.10 2.45
C PHE A 424 -4.18 -24.33 3.62
N GLU A 425 -3.90 -25.35 4.46
CA GLU A 425 -4.88 -25.79 5.46
C GLU A 425 -4.94 -24.81 6.59
N ALA A 426 -3.81 -24.20 6.91
CA ALA A 426 -3.83 -23.22 7.98
C ALA A 426 -4.57 -21.96 7.58
N LEU A 427 -4.40 -21.50 6.33
CA LEU A 427 -5.06 -20.27 5.91
C LEU A 427 -6.55 -20.52 5.80
N GLU A 428 -6.91 -21.72 5.31
CA GLU A 428 -8.30 -22.12 5.16
C GLU A 428 -9.13 -21.86 6.40
N VAL A 429 -8.58 -22.09 7.59
CA VAL A 429 -9.36 -21.97 8.82
C VAL A 429 -8.85 -20.85 9.73
N GLY A 430 -8.00 -19.94 9.23
CA GLY A 430 -7.67 -18.76 10.00
C GLY A 430 -6.56 -18.91 11.04
N ALA A 431 -5.81 -20.00 11.02
CA ALA A 431 -4.62 -20.13 11.86
C ALA A 431 -3.46 -19.43 11.16
N VAL A 432 -2.91 -18.40 11.79
CA VAL A 432 -1.87 -17.58 11.14
C VAL A 432 -0.63 -18.43 10.99
N PRO A 433 -0.17 -18.71 9.79
CA PRO A 433 1.03 -19.57 9.63
C PRO A 433 2.27 -18.97 10.28
N VAL A 434 3.12 -19.84 10.80
CA VAL A 434 4.41 -19.45 11.38
C VAL A 434 5.46 -20.35 10.74
N VAL A 435 6.14 -19.85 9.71
CA VAL A 435 7.01 -20.67 8.89
C VAL A 435 8.41 -20.55 9.46
N LEU A 436 8.99 -21.66 9.88
CA LEU A 436 10.36 -21.69 10.39
C LEU A 436 11.30 -22.13 9.28
N GLY A 437 12.08 -21.19 8.75
CA GLY A 437 12.99 -21.47 7.67
C GLY A 437 12.79 -20.48 6.55
N GLU A 438 13.69 -19.50 6.42
CA GLU A 438 13.53 -18.47 5.40
C GLU A 438 13.89 -18.92 4.00
N GLN A 439 14.46 -20.12 3.83
CA GLN A 439 14.88 -20.58 2.51
C GLN A 439 13.72 -21.03 1.63
N VAL A 440 12.52 -21.09 2.16
CA VAL A 440 11.39 -21.63 1.42
C VAL A 440 10.85 -20.59 0.46
N GLN A 441 10.30 -21.07 -0.68
CA GLN A 441 9.55 -20.26 -1.65
C GLN A 441 8.08 -20.61 -1.55
N LEU A 442 7.28 -19.69 -1.01
CA LEU A 442 5.87 -19.93 -0.82
C LEU A 442 5.10 -19.72 -2.10
N PRO A 443 3.91 -20.33 -2.24
CA PRO A 443 3.12 -20.14 -3.47
C PRO A 443 3.00 -18.66 -3.85
N TYR A 444 3.24 -18.36 -5.12
CA TYR A 444 2.98 -17.05 -5.68
C TYR A 444 3.86 -15.97 -5.06
N GLN A 445 5.03 -16.32 -4.53
CA GLN A 445 5.79 -15.38 -3.74
C GLN A 445 6.28 -14.16 -4.51
N ASP A 446 6.48 -14.28 -5.82
CA ASP A 446 6.91 -13.13 -6.61
C ASP A 446 5.89 -11.99 -6.63
N MET A 447 4.63 -12.28 -6.34
CA MET A 447 3.57 -11.28 -6.43
CA MET A 447 3.58 -11.29 -6.42
C MET A 447 2.96 -10.95 -5.09
N LEU A 448 3.02 -11.88 -4.14
CA LEU A 448 2.42 -11.68 -2.84
C LEU A 448 3.44 -11.35 -1.79
N GLN A 449 3.09 -10.37 -0.94
CA GLN A 449 3.84 -9.99 0.23
C GLN A 449 3.41 -10.89 1.39
N TRP A 450 4.11 -12.01 1.54
CA TRP A 450 3.66 -13.03 2.50
C TRP A 450 3.79 -12.61 3.95
N ASN A 451 4.59 -11.63 4.28
CA ASN A 451 4.68 -11.27 5.69
C ASN A 451 3.39 -10.65 6.19
N GLU A 452 2.55 -10.14 5.29
CA GLU A 452 1.28 -9.61 5.77
C GLU A 452 0.32 -10.70 6.25
N ALA A 453 0.46 -11.97 5.80
CA ALA A 453 -0.42 -13.05 6.26
C ALA A 453 0.27 -14.15 7.07
N ALA A 454 1.57 -14.07 7.28
CA ALA A 454 2.36 -15.15 7.86
C ALA A 454 3.62 -14.59 8.52
N LEU A 455 4.04 -15.21 9.63
CA LEU A 455 5.34 -14.89 10.21
C LEU A 455 6.37 -15.84 9.60
N VAL A 456 7.40 -15.30 8.95
CA VAL A 456 8.48 -16.10 8.40
C VAL A 456 9.75 -15.78 9.17
N VAL A 457 10.35 -16.81 9.75
CA VAL A 457 11.25 -16.69 10.88
C VAL A 457 12.41 -17.64 10.61
N PRO A 458 13.66 -17.21 10.78
CA PRO A 458 14.77 -18.13 10.60
C PRO A 458 14.74 -19.19 11.69
N LYS A 459 15.18 -20.41 11.32
CA LYS A 459 15.18 -21.48 12.30
C LYS A 459 15.99 -21.13 13.55
N PRO A 460 17.11 -20.41 13.45
CA PRO A 460 17.83 -19.97 14.66
C PRO A 460 17.04 -19.08 15.61
N ARG A 461 15.99 -18.39 15.17
CA ARG A 461 15.17 -17.60 16.09
C ARG A 461 14.04 -18.40 16.77
N VAL A 462 14.07 -19.72 16.69
CA VAL A 462 13.02 -20.53 17.30
C VAL A 462 12.95 -20.25 18.79
N THR A 463 14.09 -19.96 19.40
CA THR A 463 14.17 -19.64 20.81
C THR A 463 13.50 -18.34 21.18
N GLU A 464 12.95 -17.62 20.21
CA GLU A 464 12.30 -16.34 20.43
C GLU A 464 10.87 -16.31 19.91
N VAL A 465 10.42 -17.43 19.33
CA VAL A 465 9.08 -17.49 18.74
C VAL A 465 8.02 -17.28 19.80
N HIS A 466 8.21 -17.84 20.99
CA HIS A 466 7.19 -17.73 22.02
C HIS A 466 6.97 -16.29 22.43
N PHE A 467 8.06 -15.57 22.75
CA PHE A 467 7.99 -14.12 22.98
C PHE A 467 7.31 -13.39 21.84
N LEU A 468 7.67 -13.73 20.61
CA LEU A 468 7.18 -12.96 19.46
C LEU A 468 5.67 -13.12 19.31
N LEU A 469 5.19 -14.36 19.44
CA LEU A 469 3.76 -14.64 19.32
C LEU A 469 2.96 -14.01 20.45
N ARG A 470 3.55 -13.84 21.63
CA ARG A 470 2.88 -13.16 22.72
C ARG A 470 2.92 -11.65 22.60
N SER A 471 3.76 -11.10 21.76
CA SER A 471 3.88 -9.65 21.69
C SER A 471 3.00 -9.02 20.60
N LEU A 472 2.30 -9.80 19.78
CA LEU A 472 1.53 -9.21 18.71
C LEU A 472 0.20 -8.75 19.25
N SER A 473 -0.16 -7.49 19.00
CA SER A 473 -1.46 -6.98 19.44
C SER A 473 -2.61 -7.71 18.74
N ASP A 474 -3.82 -7.55 19.30
CA ASP A 474 -5.01 -8.15 18.73
C ASP A 474 -5.36 -7.56 17.35
N SER A 475 -5.21 -6.26 17.15
CA SER A 475 -5.56 -5.73 15.84
C SER A 475 -4.52 -6.10 14.77
N ASP A 476 -3.24 -6.23 15.13
CA ASP A 476 -2.25 -6.73 14.16
C ASP A 476 -2.53 -8.18 13.81
N LEU A 477 -2.78 -9.00 14.85
CA LEU A 477 -3.03 -10.42 14.60
C LEU A 477 -4.29 -10.60 13.77
N LEU A 478 -5.35 -9.83 14.04
CA LEU A 478 -6.58 -9.96 13.24
C LEU A 478 -6.39 -9.45 11.81
N ALA A 479 -5.58 -8.38 11.64
CA ALA A 479 -5.20 -7.97 10.29
C ALA A 479 -4.53 -9.12 9.55
N MET A 480 -3.62 -9.87 10.20
CA MET A 480 -2.95 -10.98 9.49
C MET A 480 -3.95 -12.07 9.10
N ARG A 481 -4.89 -12.39 10.00
CA ARG A 481 -5.88 -13.42 9.70
C ARG A 481 -6.76 -12.98 8.53
N ARG A 482 -7.15 -11.70 8.51
CA ARG A 482 -8.01 -11.16 7.47
C ARG A 482 -7.31 -11.13 6.11
N GLN A 483 -5.98 -10.90 6.07
CA GLN A 483 -5.25 -10.99 4.80
C GLN A 483 -5.01 -12.43 4.33
N GLY A 484 -4.86 -13.36 5.26
CA GLY A 484 -4.73 -14.76 4.89
C GLY A 484 -6.01 -15.29 4.25
N ARG A 485 -7.17 -14.80 4.69
CA ARG A 485 -8.44 -15.15 4.05
C ARG A 485 -8.53 -14.59 2.63
N PHE A 486 -8.12 -13.34 2.42
CA PHE A 486 -8.07 -12.77 1.07
C PHE A 486 -7.18 -13.59 0.16
N LEU A 487 -5.96 -13.87 0.60
CA LEU A 487 -5.04 -14.63 -0.23
C LEU A 487 -5.58 -16.02 -0.51
N TRP A 488 -6.13 -16.68 0.52
CA TRP A 488 -6.53 -18.07 0.36
C TRP A 488 -7.73 -18.16 -0.58
N GLU A 489 -8.72 -17.29 -0.38
CA GLU A 489 -9.89 -17.30 -1.26
C GLU A 489 -9.51 -16.99 -2.71
N THR A 490 -8.70 -15.94 -2.93
CA THR A 490 -8.44 -15.43 -4.27
C THR A 490 -7.52 -16.32 -5.09
N TYR A 491 -6.44 -16.83 -4.47
CA TYR A 491 -5.43 -17.56 -5.24
C TYR A 491 -5.27 -19.05 -4.93
N PHE A 492 -5.92 -19.60 -3.91
CA PHE A 492 -5.67 -20.97 -3.51
C PHE A 492 -6.88 -21.88 -3.64
N SER A 493 -8.10 -21.38 -3.44
CA SER A 493 -9.20 -22.18 -2.93
C SER A 493 -9.82 -23.11 -3.95
N THR A 494 -9.86 -22.73 -5.22
CA THR A 494 -10.46 -23.60 -6.22
C THR A 494 -9.54 -23.74 -7.41
N ALA A 495 -9.93 -24.64 -8.31
CA ALA A 495 -9.19 -24.76 -9.56
C ALA A 495 -9.25 -23.47 -10.36
N ASP A 496 -10.38 -22.77 -10.32
CA ASP A 496 -10.50 -21.49 -11.01
C ASP A 496 -9.48 -20.49 -10.44
N SER A 497 -9.44 -20.37 -9.12
CA SER A 497 -8.46 -19.52 -8.46
C SER A 497 -7.06 -19.80 -8.96
N ILE A 498 -6.69 -21.09 -8.99
CA ILE A 498 -5.33 -21.45 -9.34
C ILE A 498 -5.05 -21.17 -10.81
N PHE A 499 -5.98 -21.50 -11.69
CA PHE A 499 -5.74 -21.30 -13.12
C PHE A 499 -5.67 -19.81 -13.44
N ASN A 500 -6.58 -19.02 -12.87
CA ASN A 500 -6.53 -17.58 -13.02
C ASN A 500 -5.26 -16.97 -12.48
N THR A 501 -4.66 -17.61 -11.47
CA THR A 501 -3.45 -17.05 -10.88
C THR A 501 -2.25 -17.32 -11.77
N VAL A 502 -2.13 -18.53 -12.28
CA VAL A 502 -1.09 -18.88 -13.25
C VAL A 502 -1.14 -17.96 -14.46
N LEU A 503 -2.33 -17.81 -15.05
CA LEU A 503 -2.46 -16.95 -16.23
C LEU A 503 -2.09 -15.51 -15.88
N ALA A 504 -2.67 -14.98 -14.81
CA ALA A 504 -2.45 -13.59 -14.45
C ALA A 504 -1.03 -13.34 -14.03
N MET A 505 -0.31 -14.33 -13.50
CA MET A 505 1.10 -14.12 -13.18
C MET A 505 1.90 -13.94 -14.46
N ILE A 506 1.71 -14.85 -15.42
CA ILE A 506 2.51 -14.78 -16.64
C ILE A 506 2.20 -13.50 -17.39
N ARG A 507 0.91 -13.13 -17.42
CA ARG A 507 0.48 -11.94 -18.13
C ARG A 507 1.05 -10.66 -17.51
N THR A 508 1.09 -10.58 -16.18
CA THR A 508 1.62 -9.39 -15.53
C THR A 508 3.12 -9.28 -15.71
N ARG A 509 3.82 -10.42 -15.64
CA ARG A 509 5.25 -10.41 -15.89
C ARG A 509 5.62 -9.90 -17.27
N ILE A 510 4.71 -9.95 -18.25
CA ILE A 510 5.00 -9.45 -19.59
C ILE A 510 4.21 -8.19 -19.89
N GLN A 511 3.61 -7.57 -18.88
CA GLN A 511 3.11 -6.19 -18.91
CA GLN A 511 3.10 -6.20 -18.88
C GLN A 511 1.82 -6.02 -19.68
N ILE A 512 1.00 -7.05 -19.84
CA ILE A 512 -0.25 -6.96 -20.60
C ILE A 512 -1.42 -6.78 -19.63
N PRO A 513 -2.32 -5.86 -19.87
CA PRO A 513 -3.43 -5.69 -18.92
C PRO A 513 -4.42 -6.85 -19.00
N ALA A 514 -5.22 -6.98 -17.95
CA ALA A 514 -6.22 -8.02 -17.85
C ALA A 514 -7.35 -7.76 -18.84
N ALA A 515 -8.15 -8.79 -19.05
CA ALA A 515 -9.34 -8.62 -19.86
C ALA A 515 -10.31 -7.68 -19.17
N PRO A 516 -11.06 -6.91 -19.94
CA PRO A 516 -11.99 -5.95 -19.35
C PRO A 516 -13.19 -6.67 -18.79
N ILE A 517 -13.51 -6.33 -17.54
CA ILE A 517 -14.62 -6.99 -16.89
C ILE A 517 -15.87 -6.74 -17.70
N ARG A 518 -16.70 -7.78 -17.84
CA ARG A 518 -17.91 -7.72 -18.65
C ARG A 518 -18.86 -6.69 -18.06
N GLU A 519 -19.88 -6.33 -18.84
CA GLU A 519 -20.96 -5.50 -18.34
C GLU A 519 -22.30 -6.00 -18.83
N GLU A 520 -23.36 -5.38 -18.30
CA GLU A 520 -24.74 -5.86 -18.48
C GLU A 520 -25.30 -5.20 -19.75
N ALA A 521 -25.25 -5.96 -20.85
CA ALA A 521 -25.88 -5.50 -22.08
C ALA A 521 -27.35 -5.29 -21.81
N ALA A 522 -27.84 -4.09 -22.11
CA ALA A 522 -29.21 -3.74 -21.82
C ALA A 522 -30.07 -3.75 -23.07
N ALA A 523 -31.30 -4.23 -22.90
CA ALA A 523 -32.35 -4.18 -23.91
C ALA A 523 -33.20 -2.96 -23.58
N GLU A 524 -33.05 -1.88 -24.36
CA GLU A 524 -33.84 -0.67 -24.14
C GLU A 524 -35.28 -0.95 -24.52
N ILE A 525 -36.21 -0.44 -23.71
CA ILE A 525 -37.64 -0.50 -24.03
C ILE A 525 -38.03 0.83 -24.66
N PRO A 526 -38.03 0.96 -25.98
CA PRO A 526 -38.30 2.29 -26.57
C PRO A 526 -39.66 2.80 -26.13
N HIS A 527 -39.75 4.13 -26.06
CA HIS A 527 -40.93 4.79 -25.51
C HIS A 527 -41.04 6.16 -26.18
N ARG A 528 -42.15 6.84 -25.89
CA ARG A 528 -42.46 8.13 -26.49
C ARG A 528 -42.58 9.15 -25.37
N SER A 529 -42.05 10.36 -25.60
CA SER A 529 -41.97 11.40 -24.58
C SER A 529 -43.02 12.49 -24.80
N GLY A 530 -43.45 13.11 -23.71
CA GLY A 530 -44.33 14.27 -23.74
C GLY A 530 -43.54 15.55 -24.02
N LYS A 531 -44.17 16.69 -23.74
CA LYS A 531 -43.52 17.99 -24.04
C LYS A 531 -42.45 18.35 -23.01
N GLU A 551 -23.15 23.76 -17.91
CA GLU A 551 -24.60 23.91 -17.83
C GLU A 551 -25.20 23.95 -19.25
N THR A 552 -24.75 24.88 -20.09
CA THR A 552 -25.36 25.09 -21.40
C THR A 552 -24.94 24.04 -22.46
N GLU A 553 -24.27 22.95 -22.07
CA GLU A 553 -23.69 21.95 -22.97
C GLU A 553 -24.48 20.62 -22.94
N PRO A 554 -24.19 19.71 -23.88
CA PRO A 554 -24.91 18.41 -23.92
C PRO A 554 -24.17 17.33 -23.14
N PRO A 555 -24.83 16.21 -22.84
CA PRO A 555 -24.22 15.20 -22.00
C PRO A 555 -22.84 14.77 -22.49
N TYR A 556 -21.91 14.60 -21.52
CA TYR A 556 -20.58 14.07 -21.81
C TYR A 556 -20.26 12.90 -20.88
N ALA A 557 -19.86 11.79 -21.50
CA ALA A 557 -19.49 10.59 -20.78
C ALA A 557 -18.12 10.74 -20.13
N SER A 558 -17.95 10.04 -19.00
CA SER A 558 -16.63 9.95 -18.37
C SER A 558 -15.68 9.11 -19.23
N PRO A 559 -14.43 9.55 -19.40
CA PRO A 559 -13.49 8.75 -20.20
C PRO A 559 -13.22 7.41 -19.52
N ARG A 560 -12.91 6.40 -20.36
CA ARG A 560 -12.76 5.01 -19.92
CA ARG A 560 -12.76 5.01 -19.91
C ARG A 560 -11.37 4.49 -20.22
N TYR A 561 -10.90 3.52 -19.43
CA TYR A 561 -9.66 2.76 -19.68
C TYR A 561 -8.41 3.64 -19.90
N LEU A 562 -8.17 4.55 -18.97
CA LEU A 562 -7.03 5.45 -19.10
C LEU A 562 -5.78 4.96 -18.36
N ARG A 563 -5.83 3.76 -17.79
CA ARG A 563 -4.75 3.35 -16.90
C ARG A 563 -4.32 1.91 -17.12
N ASN A 564 -4.36 1.44 -18.36
CA ASN A 564 -4.12 0.00 -18.58
C ASN A 564 -2.75 -0.41 -18.10
N PHE A 565 -1.72 0.36 -18.48
CA PHE A 565 -0.36 -0.01 -18.08
C PHE A 565 -0.13 0.25 -16.59
N THR A 566 -0.65 1.38 -16.08
CA THR A 566 -0.40 1.79 -14.71
C THR A 566 -1.02 0.85 -13.69
N LEU A 567 -2.24 0.40 -13.90
CA LEU A 567 -2.87 -0.51 -12.95
C LEU A 567 -2.30 -1.93 -13.01
N THR A 568 -1.62 -2.29 -14.09
CA THR A 568 -1.06 -3.63 -14.26
C THR A 568 0.35 -3.76 -13.69
N VAL A 569 1.22 -2.81 -14.03
CA VAL A 569 2.64 -2.82 -13.69
C VAL A 569 2.97 -1.88 -12.54
N THR A 570 2.62 -0.61 -12.69
CA THR A 570 3.06 0.43 -11.75
C THR A 570 2.47 0.26 -10.36
N ASP A 571 1.16 -0.04 -10.30
CA ASP A 571 0.45 -0.40 -9.05
C ASP A 571 0.55 -1.88 -8.70
N PHE A 572 1.64 -2.54 -9.08
CA PHE A 572 1.84 -3.96 -8.82
C PHE A 572 1.43 -4.38 -7.43
N TYR A 573 1.91 -3.66 -6.40
CA TYR A 573 1.65 -4.12 -5.02
C TYR A 573 0.15 -4.20 -4.69
N ARG A 574 -0.61 -3.12 -4.91
CA ARG A 574 -2.03 -3.15 -4.55
C ARG A 574 -2.83 -4.08 -5.44
N SER A 575 -2.45 -4.16 -6.70
CA SER A 575 -3.12 -5.04 -7.64
C SER A 575 -3.30 -6.43 -7.07
N TRP A 576 -2.25 -6.94 -6.40
CA TRP A 576 -2.18 -8.31 -5.93
C TRP A 576 -2.37 -8.48 -4.44
N ASN A 577 -2.01 -7.50 -3.62
CA ASN A 577 -2.14 -7.65 -2.18
C ASN A 577 -3.33 -6.95 -1.57
N ALA A 579 -7.71 -6.37 -1.87
CA ALA A 579 -8.94 -6.81 -2.51
C ALA A 579 -9.34 -5.71 -3.49
N PRO A 580 -9.89 -6.05 -4.67
CA PRO A 580 -10.36 -7.35 -5.16
C PRO A 580 -9.36 -8.20 -5.94
N GLY A 581 -8.12 -7.77 -6.07
CA GLY A 581 -7.19 -8.61 -6.74
C GLY A 581 -7.03 -8.21 -8.17
N PRO A 582 -6.18 -8.94 -8.90
CA PRO A 582 -5.67 -8.48 -10.20
C PRO A 582 -6.35 -9.04 -11.44
N PHE A 583 -7.46 -9.74 -11.33
CA PHE A 583 -7.93 -10.55 -12.46
C PHE A 583 -8.69 -9.73 -13.51
N HIS A 584 -9.32 -8.62 -13.15
CA HIS A 584 -10.12 -7.82 -14.08
C HIS A 584 -9.56 -6.42 -14.30
N LEU A 585 -9.86 -5.87 -15.48
CA LEU A 585 -9.61 -4.48 -15.82
C LEU A 585 -10.93 -3.73 -15.84
N PHE A 586 -11.04 -2.66 -15.01
CA PHE A 586 -12.25 -1.88 -14.88
C PHE A 586 -12.19 -0.65 -15.75
N PRO A 587 -13.32 -0.09 -16.16
CA PRO A 587 -13.24 1.09 -17.02
C PRO A 587 -12.71 2.27 -16.25
N HIS A 588 -12.98 2.33 -14.96
CA HIS A 588 -12.43 3.36 -14.09
C HIS A 588 -12.54 2.87 -12.65
N THR A 589 -11.87 3.58 -11.72
CA THR A 589 -11.91 3.17 -10.32
C THR A 589 -11.86 4.41 -9.43
N PRO A 590 -12.33 4.29 -8.19
CA PRO A 590 -12.25 5.42 -7.24
C PRO A 590 -10.88 5.68 -6.68
N PHE A 591 -9.84 4.90 -7.00
CA PHE A 591 -8.52 5.01 -6.40
CA PHE A 591 -8.51 5.03 -6.40
C PHE A 591 -7.51 5.69 -7.33
N ASP A 592 -7.97 6.33 -8.42
CA ASP A 592 -7.07 7.08 -9.33
C ASP A 592 -6.39 8.23 -8.59
N PRO A 593 -5.08 8.38 -8.66
CA PRO A 593 -4.44 9.44 -7.86
C PRO A 593 -4.82 10.83 -8.36
N VAL A 594 -4.93 11.74 -7.44
CA VAL A 594 -5.28 13.11 -7.75
C VAL A 594 -4.04 13.91 -8.16
N LEU A 595 -4.25 14.90 -9.03
CA LEU A 595 -3.19 15.86 -9.37
C LEU A 595 -2.90 16.81 -8.20
N PRO A 596 -1.65 17.18 -7.97
CA PRO A 596 -1.39 18.30 -7.06
C PRO A 596 -2.07 19.57 -7.57
N SER A 597 -2.53 20.41 -6.63
CA SER A 597 -3.51 21.42 -6.97
C SER A 597 -2.95 22.56 -7.83
N GLU A 598 -1.66 22.62 -8.16
CA GLU A 598 -1.24 23.59 -9.15
C GLU A 598 -1.31 23.07 -10.58
N ALA A 599 -1.44 21.75 -10.78
CA ALA A 599 -1.29 21.24 -12.14
C ALA A 599 -2.41 21.75 -13.04
N LYS A 600 -3.59 22.03 -12.48
CA LYS A 600 -4.67 22.55 -13.32
C LYS A 600 -4.38 23.93 -13.86
N PHE A 601 -3.45 24.67 -13.26
CA PHE A 601 -3.10 26.00 -13.74
C PHE A 601 -1.87 25.99 -14.59
N LEU A 602 -1.20 24.86 -14.68
CA LEU A 602 0.11 24.79 -15.25
C LEU A 602 0.22 23.61 -16.20
N GLY A 603 -0.80 23.44 -17.04
CA GLY A 603 -0.70 22.54 -18.17
C GLY A 603 -1.58 21.30 -18.17
N SER A 604 -2.33 21.04 -17.09
CA SER A 604 -3.18 19.84 -16.98
C SER A 604 -4.59 20.22 -16.67
N GLY A 605 -5.05 21.33 -17.24
CA GLY A 605 -6.30 21.92 -16.83
C GLY A 605 -7.50 21.47 -17.59
N THR A 606 -7.37 20.56 -18.53
CA THR A 606 -8.54 20.10 -19.28
C THR A 606 -9.63 19.63 -18.32
N GLY A 607 -10.79 20.26 -18.39
CA GLY A 607 -11.94 19.86 -17.62
C GLY A 607 -12.06 20.47 -16.24
N PHE A 608 -11.00 21.10 -15.74
CA PHE A 608 -11.08 21.70 -14.44
C PHE A 608 -11.91 22.97 -14.52
N ARG A 609 -12.63 23.23 -13.42
CA ARG A 609 -13.52 24.38 -13.28
C ARG A 609 -13.31 24.90 -11.87
N PRO A 610 -12.21 25.57 -11.62
CA PRO A 610 -11.93 26.05 -10.26
C PRO A 610 -12.82 27.22 -9.87
N ILE A 611 -13.28 27.19 -8.62
CA ILE A 611 -14.12 28.26 -8.10
C ILE A 611 -13.40 29.59 -8.26
N GLY A 612 -14.11 30.57 -8.82
CA GLY A 612 -13.54 31.89 -8.98
C GLY A 612 -12.22 31.94 -9.73
N GLY A 613 -12.08 31.14 -10.79
CA GLY A 613 -10.81 31.10 -11.52
C GLY A 613 -9.58 30.68 -10.74
N GLY A 614 -9.79 30.20 -9.50
CA GLY A 614 -8.74 29.82 -8.59
C GLY A 614 -8.51 30.78 -7.43
N ALA A 615 -9.20 31.90 -7.41
CA ALA A 615 -9.13 32.85 -6.31
C ALA A 615 -10.16 32.51 -5.25
N GLY A 616 -11.09 31.65 -5.62
CA GLY A 616 -12.08 31.19 -4.71
C GLY A 616 -13.17 32.22 -4.51
N GLY A 617 -13.89 32.04 -3.43
CA GLY A 617 -14.94 32.98 -3.11
C GLY A 617 -15.98 32.34 -2.22
N SER A 618 -17.10 33.03 -2.16
CA SER A 618 -18.23 32.67 -1.30
C SER A 618 -19.27 32.01 -2.21
N GLY A 619 -20.55 32.12 -1.86
CA GLY A 619 -21.58 31.31 -2.51
C GLY A 619 -21.79 31.61 -3.99
N LYS A 620 -21.59 32.85 -4.40
CA LYS A 620 -21.79 33.19 -5.81
C LYS A 620 -20.83 32.40 -6.70
N GLU A 621 -19.53 32.55 -6.43
CA GLU A 621 -18.49 31.85 -7.16
C GLU A 621 -18.62 30.35 -7.01
N PHE A 622 -19.03 29.89 -5.82
CA PHE A 622 -19.16 28.46 -5.53
C PHE A 622 -20.17 27.82 -6.46
N GLN A 623 -21.34 28.43 -6.62
CA GLN A 623 -22.39 27.78 -7.42
C GLN A 623 -22.13 27.83 -8.91
N ALA A 624 -21.18 28.65 -9.34
CA ALA A 624 -20.80 28.82 -10.72
C ALA A 624 -19.77 27.82 -11.19
N ALA A 625 -19.29 26.94 -10.31
CA ALA A 625 -18.18 26.05 -10.63
C ALA A 625 -18.12 24.87 -9.66
N LEU A 626 -17.91 23.68 -10.22
CA LEU A 626 -17.72 22.49 -9.40
C LEU A 626 -16.50 22.64 -8.49
N GLY A 627 -15.40 23.14 -9.03
CA GLY A 627 -14.20 23.24 -8.20
C GLY A 627 -13.65 21.86 -7.87
N GLY A 628 -12.95 21.77 -6.76
CA GLY A 628 -12.49 20.48 -6.29
C GLY A 628 -11.07 20.18 -6.75
N ASN A 629 -10.76 18.88 -6.72
CA ASN A 629 -9.41 18.42 -7.04
C ASN A 629 -9.35 17.53 -8.28
N VAL A 630 -10.48 17.35 -8.96
CA VAL A 630 -10.58 16.54 -10.16
C VAL A 630 -11.38 17.30 -11.21
N PRO A 631 -11.22 16.92 -12.46
CA PRO A 631 -11.97 17.57 -13.54
C PRO A 631 -13.46 17.39 -13.40
N ARG A 632 -14.20 18.20 -14.16
CA ARG A 632 -15.65 18.14 -14.04
C ARG A 632 -16.17 16.82 -14.59
N GLU A 633 -17.39 16.49 -14.21
CA GLU A 633 -18.03 15.29 -14.71
C GLU A 633 -19.51 15.36 -14.42
N GLN A 634 -20.24 14.40 -14.98
CA GLN A 634 -21.66 14.23 -14.70
C GLN A 634 -21.92 12.94 -13.96
N PHE A 635 -23.17 12.77 -13.59
CA PHE A 635 -23.65 11.59 -12.89
C PHE A 635 -24.92 11.09 -13.55
N THR A 636 -25.17 9.81 -13.34
CA THR A 636 -26.29 9.10 -13.90
C THR A 636 -27.22 8.70 -12.78
N VAL A 637 -28.52 8.95 -12.96
CA VAL A 637 -29.50 8.45 -12.00
C VAL A 637 -29.91 7.05 -12.41
N VAL A 638 -29.92 6.13 -11.43
CA VAL A 638 -30.44 4.78 -11.60
C VAL A 638 -31.62 4.65 -10.64
N MET A 639 -32.78 4.32 -11.17
CA MET A 639 -34.04 4.38 -10.45
C MET A 639 -34.76 3.06 -10.65
N LEU A 640 -34.84 2.27 -9.59
CA LEU A 640 -35.51 0.98 -9.67
C LEU A 640 -37.01 1.21 -9.54
N THR A 641 -37.80 0.49 -10.33
CA THR A 641 -39.25 0.62 -10.25
C THR A 641 -39.94 -0.74 -10.47
N TYR A 642 -41.10 -0.87 -9.84
CA TYR A 642 -41.88 -2.10 -9.91
C TYR A 642 -43.32 -1.73 -9.60
N GLU A 643 -44.23 -1.97 -10.53
CA GLU A 643 -45.67 -1.80 -10.30
C GLU A 643 -45.99 -0.47 -9.62
N ARG A 644 -45.44 0.60 -10.17
CA ARG A 644 -45.71 1.93 -9.60
C ARG A 644 -45.72 2.97 -10.70
N GLU A 645 -46.38 2.66 -11.82
CA GLU A 645 -46.27 3.45 -13.04
C GLU A 645 -46.58 4.93 -12.80
N GLU A 646 -47.48 5.25 -11.88
CA GLU A 646 -47.88 6.64 -11.71
C GLU A 646 -46.87 7.44 -10.89
N VAL A 647 -46.34 6.89 -9.79
CA VAL A 647 -45.38 7.68 -9.02
C VAL A 647 -44.07 7.80 -9.78
N LEU A 648 -43.75 6.82 -10.64
CA LEU A 648 -42.51 6.90 -11.42
C LEU A 648 -42.49 8.15 -12.27
N MET A 649 -43.58 8.40 -13.03
CA MET A 649 -43.66 9.56 -13.91
C MET A 649 -43.48 10.85 -13.13
N ASN A 650 -44.05 10.92 -11.92
CA ASN A 650 -43.91 12.15 -11.17
C ASN A 650 -42.48 12.35 -10.64
N SER A 651 -41.85 11.31 -10.08
CA SER A 651 -40.49 11.53 -9.57
C SER A 651 -39.53 11.77 -10.73
N LEU A 652 -39.73 11.10 -11.87
CA LEU A 652 -38.95 11.42 -13.05
C LEU A 652 -39.03 12.90 -13.41
N GLU A 653 -40.16 13.55 -13.12
CA GLU A 653 -40.31 14.95 -13.48
C GLU A 653 -39.57 15.86 -12.52
N ARG A 654 -39.45 15.47 -11.25
CA ARG A 654 -38.70 16.29 -10.31
C ARG A 654 -37.23 16.43 -10.71
N LEU A 655 -36.74 15.63 -11.65
CA LEU A 655 -35.36 15.68 -12.11
C LEU A 655 -35.16 16.66 -13.25
N ASN A 656 -36.23 17.26 -13.76
CA ASN A 656 -36.08 18.26 -14.81
C ASN A 656 -35.34 19.48 -14.29
N GLY A 657 -34.28 19.86 -14.98
CA GLY A 657 -33.44 20.96 -14.55
C GLY A 657 -32.30 20.61 -13.61
N LEU A 658 -32.09 19.32 -13.31
CA LEU A 658 -31.00 18.94 -12.40
C LEU A 658 -29.65 19.24 -13.05
N PRO A 659 -28.81 20.05 -12.45
CA PRO A 659 -27.48 20.27 -13.03
C PRO A 659 -26.62 19.01 -13.00
N TYR A 660 -25.79 18.89 -14.01
CA TYR A 660 -24.82 17.81 -14.17
C TYR A 660 -25.42 16.44 -14.38
N LEU A 661 -26.74 16.33 -14.57
CA LEU A 661 -27.39 15.05 -14.88
C LEU A 661 -27.09 14.61 -16.31
N ASN A 662 -26.53 13.41 -16.48
CA ASN A 662 -26.18 12.89 -17.81
C ASN A 662 -27.32 12.16 -18.47
N LYS A 663 -28.03 11.37 -17.69
CA LYS A 663 -29.15 10.57 -18.18
C LYS A 663 -29.76 9.90 -16.96
N VAL A 664 -30.95 9.36 -17.16
CA VAL A 664 -31.65 8.56 -16.15
C VAL A 664 -31.76 7.14 -16.69
N VAL A 665 -31.33 6.16 -15.91
CA VAL A 665 -31.57 4.75 -16.23
C VAL A 665 -32.70 4.28 -15.31
N VAL A 666 -33.74 3.72 -15.90
CA VAL A 666 -34.90 3.20 -15.17
C VAL A 666 -34.87 1.69 -15.29
N VAL A 667 -34.71 1.00 -14.17
CA VAL A 667 -34.65 -0.46 -14.18
C VAL A 667 -36.08 -0.97 -13.99
N TRP A 668 -36.63 -1.60 -15.05
CA TRP A 668 -38.02 -2.08 -15.09
C TRP A 668 -38.10 -3.52 -14.61
N ASN A 669 -38.38 -3.70 -13.32
CA ASN A 669 -38.43 -5.04 -12.75
C ASN A 669 -39.77 -5.74 -12.97
N SER A 670 -40.87 -5.00 -13.10
CA SER A 670 -42.16 -5.64 -13.26
C SER A 670 -42.12 -6.59 -14.46
N PRO A 671 -42.71 -7.78 -14.36
CA PRO A 671 -42.75 -8.69 -15.52
C PRO A 671 -43.62 -8.16 -16.66
N LYS A 672 -44.60 -7.30 -16.37
CA LYS A 672 -45.43 -6.74 -17.44
C LYS A 672 -44.79 -5.45 -17.93
N LEU A 673 -44.48 -5.42 -19.24
CA LEU A 673 -43.85 -4.28 -19.89
C LEU A 673 -44.68 -3.04 -19.64
N PRO A 674 -44.11 -1.87 -19.90
CA PRO A 674 -44.88 -0.63 -19.76
C PRO A 674 -45.87 -0.51 -20.90
N SER A 675 -47.06 -0.01 -20.58
CA SER A 675 -48.12 0.15 -21.57
C SER A 675 -47.65 0.99 -22.77
N GLU A 676 -48.04 0.55 -23.97
CA GLU A 676 -47.64 1.22 -25.20
C GLU A 676 -48.02 2.70 -25.20
N ASP A 677 -49.14 3.06 -24.57
CA ASP A 677 -49.74 4.38 -24.60
C ASP A 677 -49.21 5.30 -23.52
N LEU A 678 -47.94 5.20 -23.19
CA LEU A 678 -47.40 5.92 -22.05
C LEU A 678 -46.65 7.13 -22.57
N LEU A 679 -46.95 8.29 -21.99
CA LEU A 679 -46.22 9.51 -22.31
C LEU A 679 -45.27 9.80 -21.15
N TRP A 680 -44.04 9.31 -21.30
CA TRP A 680 -42.98 9.64 -20.35
C TRP A 680 -42.75 11.14 -20.40
N PRO A 681 -42.37 11.76 -19.30
CA PRO A 681 -41.98 13.16 -19.36
C PRO A 681 -40.75 13.35 -20.23
N ASP A 682 -40.54 14.61 -20.63
CA ASP A 682 -39.31 15.05 -21.27
C ASP A 682 -38.57 15.93 -20.26
N ILE A 683 -37.36 15.51 -19.88
CA ILE A 683 -36.62 16.17 -18.81
C ILE A 683 -35.31 16.79 -19.30
N GLY A 684 -35.08 16.84 -20.60
CA GLY A 684 -33.90 17.47 -21.13
C GLY A 684 -32.73 16.54 -21.36
N VAL A 685 -32.75 15.36 -20.73
CA VAL A 685 -31.73 14.34 -20.91
C VAL A 685 -32.45 13.04 -21.25
N PRO A 686 -31.72 12.07 -21.77
CA PRO A 686 -32.34 10.79 -22.14
C PRO A 686 -32.89 10.04 -20.93
N ILE A 687 -33.91 9.22 -21.19
CA ILE A 687 -34.45 8.30 -20.22
C ILE A 687 -34.45 6.95 -20.89
N MET A 688 -33.57 6.06 -20.48
CA MET A 688 -33.55 4.70 -20.98
C MET A 688 -34.22 3.79 -19.98
N VAL A 689 -35.16 3.00 -20.46
CA VAL A 689 -35.90 2.05 -19.66
C VAL A 689 -35.36 0.68 -20.03
N VAL A 690 -34.80 -0.04 -19.05
CA VAL A 690 -34.11 -1.30 -19.33
C VAL A 690 -34.98 -2.44 -18.84
N ARG A 691 -34.93 -3.55 -19.58
CA ARG A 691 -35.67 -4.76 -19.29
C ARG A 691 -34.78 -5.69 -18.47
N THR A 692 -35.39 -6.38 -17.51
CA THR A 692 -34.67 -7.24 -16.59
C THR A 692 -35.15 -8.68 -16.72
N GLU A 693 -34.24 -9.61 -17.06
CA GLU A 693 -34.65 -11.00 -17.29
C GLU A 693 -35.40 -11.58 -16.09
N LYS A 694 -35.35 -10.93 -14.92
CA LYS A 694 -36.07 -11.38 -13.71
C LYS A 694 -36.17 -10.20 -12.74
N ASN A 695 -36.99 -10.36 -11.69
CA ASN A 695 -37.29 -9.27 -10.77
C ASN A 695 -36.47 -9.36 -9.49
N SER A 696 -35.41 -8.56 -9.40
CA SER A 696 -34.46 -8.66 -8.30
C SER A 696 -34.05 -7.27 -7.83
N LEU A 697 -33.88 -7.12 -6.53
CA LEU A 697 -33.27 -5.89 -6.05
C LEU A 697 -31.77 -5.81 -6.36
N ASN A 698 -31.09 -6.93 -6.58
CA ASN A 698 -29.73 -6.89 -7.06
C ASN A 698 -29.59 -6.25 -8.44
N ASN A 699 -30.71 -6.04 -9.16
CA ASN A 699 -30.66 -5.47 -10.50
C ASN A 699 -30.38 -3.97 -10.47
N ARG A 700 -30.60 -3.32 -9.33
CA ARG A 700 -30.24 -1.91 -9.26
C ARG A 700 -28.73 -1.69 -9.28
N PHE A 701 -27.94 -2.71 -8.97
CA PHE A 701 -26.49 -2.58 -8.90
C PHE A 701 -25.79 -3.29 -10.07
N LEU A 702 -26.53 -3.74 -11.07
CA LEU A 702 -25.86 -4.25 -12.24
C LEU A 702 -25.12 -3.13 -12.95
N PRO A 703 -24.01 -3.44 -13.57
CA PRO A 703 -23.26 -2.39 -14.31
C PRO A 703 -23.77 -2.18 -15.73
N TRP A 704 -24.93 -1.51 -15.81
CA TRP A 704 -25.60 -1.29 -17.09
C TRP A 704 -24.67 -0.55 -18.04
N ASN A 705 -24.57 -1.05 -19.27
CA ASN A 705 -23.76 -0.40 -20.29
C ASN A 705 -24.26 1.01 -20.64
N GLU A 706 -25.51 1.34 -20.31
CA GLU A 706 -26.01 2.68 -20.53
C GLU A 706 -25.51 3.68 -19.49
N ILE A 707 -24.98 3.22 -18.37
CA ILE A 707 -24.38 4.13 -17.40
C ILE A 707 -23.03 4.53 -17.98
N GLU A 708 -22.90 5.80 -18.36
CA GLU A 708 -21.73 6.28 -19.06
C GLU A 708 -20.86 7.18 -18.18
N THR A 709 -21.23 7.38 -16.93
CA THR A 709 -20.48 8.18 -15.99
C THR A 709 -19.77 7.29 -14.98
N GLU A 710 -18.95 7.89 -14.13
CA GLU A 710 -18.41 7.15 -13.00
C GLU A 710 -19.33 7.19 -11.81
N ALA A 711 -19.96 8.33 -11.61
CA ALA A 711 -20.86 8.54 -10.49
C ALA A 711 -22.25 7.99 -10.81
N ILE A 712 -22.84 7.28 -9.84
CA ILE A 712 -24.23 6.88 -9.88
C ILE A 712 -24.93 7.53 -8.71
N LEU A 713 -26.12 8.13 -8.94
CA LEU A 713 -27.08 8.51 -7.89
C LEU A 713 -28.16 7.43 -7.92
N SER A 714 -28.10 6.51 -6.96
CA SER A 714 -29.06 5.41 -6.83
C SER A 714 -30.23 5.86 -5.96
N ILE A 715 -31.44 5.70 -6.47
CA ILE A 715 -32.60 6.33 -5.85
C ILE A 715 -33.82 5.45 -6.08
N ASP A 716 -34.68 5.40 -5.07
CA ASP A 716 -35.93 4.66 -5.17
C ASP A 716 -36.91 5.50 -5.98
N ASP A 717 -37.82 4.82 -6.70
CA ASP A 717 -38.80 5.53 -7.53
C ASP A 717 -39.75 6.40 -6.70
N ASP A 718 -39.64 6.34 -5.37
CA ASP A 718 -40.45 7.12 -4.46
C ASP A 718 -39.65 8.03 -3.54
N ALA A 719 -38.42 8.37 -3.89
CA ALA A 719 -37.58 9.20 -3.03
C ALA A 719 -37.68 10.67 -3.42
N HIS A 720 -37.66 11.55 -2.42
CA HIS A 720 -37.81 12.99 -2.65
C HIS A 720 -36.58 13.73 -2.21
N LEU A 721 -35.66 13.91 -3.14
CA LEU A 721 -34.50 14.75 -2.93
C LEU A 721 -34.69 16.06 -3.67
N ARG A 722 -34.41 17.16 -2.98
CA ARG A 722 -34.32 18.46 -3.61
C ARG A 722 -33.05 18.55 -4.46
N HIS A 723 -33.05 19.52 -5.37
CA HIS A 723 -31.94 19.68 -6.28
C HIS A 723 -30.69 20.13 -5.54
N ASP A 724 -30.86 20.96 -4.50
CA ASP A 724 -29.69 21.45 -3.76
C ASP A 724 -29.02 20.31 -2.98
N GLU A 725 -29.83 19.44 -2.38
CA GLU A 725 -29.29 18.25 -1.72
C GLU A 725 -28.50 17.40 -2.70
N ILE A 726 -29.08 17.09 -3.87
CA ILE A 726 -28.39 16.27 -4.85
C ILE A 726 -27.06 16.91 -5.24
N MET A 727 -27.03 18.24 -5.36
CA MET A 727 -25.81 18.90 -5.80
C MET A 727 -24.76 18.91 -4.70
N PHE A 728 -25.16 19.10 -3.43
CA PHE A 728 -24.18 19.06 -2.36
C PHE A 728 -23.62 17.66 -2.18
N GLY A 729 -24.49 16.65 -2.29
CA GLY A 729 -24.04 15.26 -2.21
C GLY A 729 -23.06 14.92 -3.31
N PHE A 730 -23.32 15.40 -4.52
CA PHE A 730 -22.45 15.14 -5.66
C PHE A 730 -21.08 15.74 -5.42
N ARG A 731 -21.01 16.95 -4.86
CA ARG A 731 -19.69 17.53 -4.61
C ARG A 731 -18.96 16.83 -3.47
N VAL A 732 -19.67 16.36 -2.46
CA VAL A 732 -19.02 15.56 -1.44
C VAL A 732 -18.43 14.30 -2.06
N TRP A 733 -19.22 13.59 -2.88
CA TRP A 733 -18.76 12.33 -3.48
C TRP A 733 -17.57 12.52 -4.40
N ARG A 734 -17.44 13.70 -5.04
CA ARG A 734 -16.32 13.98 -5.95
C ARG A 734 -15.03 14.15 -5.19
N GLU A 735 -15.15 14.34 -3.90
CA GLU A 735 -14.06 14.43 -2.96
C GLU A 735 -13.95 13.18 -2.06
N ALA A 736 -14.84 12.20 -2.22
CA ALA A 736 -14.84 10.98 -1.42
C ALA A 736 -15.27 9.81 -2.33
N ARG A 737 -14.46 9.58 -3.37
CA ARG A 737 -14.99 8.85 -4.51
C ARG A 737 -15.14 7.39 -4.20
N ASP A 738 -14.48 6.91 -3.16
CA ASP A 738 -14.50 5.50 -2.82
C ASP A 738 -15.55 5.18 -1.77
N ARG A 739 -16.40 6.15 -1.43
CA ARG A 739 -17.35 5.99 -0.34
C ARG A 739 -18.78 6.00 -0.86
N ILE A 740 -19.65 5.35 -0.12
CA ILE A 740 -21.09 5.63 -0.16
C ILE A 740 -21.35 6.98 0.50
N VAL A 741 -21.84 7.94 -0.29
CA VAL A 741 -22.13 9.30 0.19
C VAL A 741 -23.61 9.53 0.00
N GLY A 742 -24.33 9.81 1.09
CA GLY A 742 -25.76 9.67 1.00
C GLY A 742 -26.52 10.34 2.12
N PHE A 743 -27.82 10.06 2.16
CA PHE A 743 -28.71 10.73 3.07
C PHE A 743 -29.26 9.86 4.20
N PRO A 744 -29.88 8.68 3.95
CA PRO A 744 -30.46 7.90 5.06
C PRO A 744 -29.48 7.14 5.95
N GLY A 745 -29.18 7.67 7.14
CA GLY A 745 -28.24 7.04 8.05
C GLY A 745 -28.89 6.01 8.97
N ARG A 746 -28.22 4.87 9.13
CA ARG A 746 -28.66 3.77 9.98
C ARG A 746 -27.44 3.20 10.71
N TYR A 747 -27.65 2.16 11.51
CA TYR A 747 -26.49 1.59 12.20
C TYR A 747 -26.79 0.19 12.72
N HIS A 748 -25.71 -0.56 13.00
CA HIS A 748 -25.84 -1.92 13.50
C HIS A 748 -25.65 -1.88 15.02
N ALA A 749 -26.53 -2.62 15.72
CA ALA A 749 -26.58 -2.59 17.17
C ALA A 749 -26.24 -3.97 17.70
N TRP A 750 -25.43 -3.97 18.78
CA TRP A 750 -25.03 -5.21 19.43
C TRP A 750 -26.14 -5.69 20.36
N ASP A 751 -26.61 -6.91 20.11
CA ASP A 751 -27.62 -7.57 20.93
C ASP A 751 -26.92 -8.18 22.14
N ILE A 752 -26.89 -7.45 23.26
CA ILE A 752 -26.00 -7.81 24.35
C ILE A 752 -26.22 -9.23 24.88
N PRO A 753 -27.45 -9.67 25.17
CA PRO A 753 -27.62 -11.03 25.70
C PRO A 753 -27.41 -12.09 24.65
N HIS A 754 -27.70 -11.80 23.39
CA HIS A 754 -27.58 -12.84 22.38
C HIS A 754 -26.25 -12.84 21.68
N GLN A 755 -25.39 -11.88 21.98
CA GLN A 755 -24.09 -11.74 21.30
C GLN A 755 -24.24 -11.90 19.79
N SER A 756 -24.95 -10.92 19.21
CA SER A 756 -25.22 -10.92 17.78
C SER A 756 -25.64 -9.49 17.43
N TRP A 757 -25.93 -9.27 16.15
CA TRP A 757 -26.19 -7.94 15.63
C TRP A 757 -27.67 -7.77 15.37
N LEU A 758 -28.10 -6.51 15.47
CA LEU A 758 -29.42 -6.04 15.12
C LEU A 758 -29.31 -4.85 14.18
N TYR A 759 -30.20 -4.81 13.19
CA TYR A 759 -30.50 -3.60 12.44
C TYR A 759 -31.25 -2.59 13.31
N ASN A 760 -30.84 -1.32 13.27
CA ASN A 760 -31.42 -0.25 14.07
C ASN A 760 -31.57 1.01 13.23
N SER A 761 -32.80 1.53 13.10
CA SER A 761 -33.07 2.76 12.35
C SER A 761 -33.53 3.94 13.22
N ASN A 762 -33.46 3.81 14.54
CA ASN A 762 -33.72 4.92 15.44
C ASN A 762 -32.91 6.15 15.06
N TYR A 763 -33.38 7.32 15.48
CA TYR A 763 -32.50 8.48 15.56
C TYR A 763 -31.29 8.09 16.41
N SER A 764 -30.12 8.59 16.01
CA SER A 764 -28.86 8.16 16.60
C SER A 764 -27.75 9.19 16.42
N CYS A 765 -26.79 9.17 17.34
CA CYS A 765 -25.62 10.02 17.23
C CYS A 765 -24.41 9.33 16.59
N GLU A 766 -24.59 8.14 16.03
CA GLU A 766 -23.47 7.38 15.50
C GLU A 766 -24.04 6.49 14.41
N LEU A 767 -23.39 6.43 13.24
CA LEU A 767 -23.89 5.73 12.07
C LEU A 767 -22.82 4.82 11.52
N SER A 768 -23.26 3.86 10.69
CA SER A 768 -22.40 2.87 10.10
C SER A 768 -22.89 2.36 8.74
N MET A 769 -24.11 2.75 8.33
CA MET A 769 -24.63 2.42 7.00
C MET A 769 -25.29 3.69 6.44
N VAL A 770 -25.35 3.78 5.12
CA VAL A 770 -26.12 4.80 4.42
C VAL A 770 -26.88 4.05 3.35
N LEU A 771 -28.20 4.11 3.38
CA LEU A 771 -28.98 3.26 2.48
C LEU A 771 -28.90 3.73 1.03
N THR A 772 -28.80 2.77 0.11
CA THR A 772 -28.69 3.09 -1.31
C THR A 772 -30.03 3.40 -1.99
N GLY A 773 -31.11 3.55 -1.21
CA GLY A 773 -32.32 4.15 -1.74
C GLY A 773 -32.18 5.63 -2.00
N ALA A 774 -31.07 6.24 -1.56
CA ALA A 774 -30.73 7.63 -1.86
C ALA A 774 -29.27 7.96 -1.60
N ALA A 775 -28.39 7.57 -2.50
CA ALA A 775 -26.97 7.73 -2.23
C ALA A 775 -26.20 7.68 -3.55
N PHE A 776 -25.05 8.39 -3.54
CA PHE A 776 -24.05 8.32 -4.59
C PHE A 776 -23.04 7.21 -4.34
N PHE A 777 -22.68 6.48 -5.39
CA PHE A 777 -21.50 5.64 -5.31
C PHE A 777 -20.89 5.49 -6.70
N HIS A 778 -19.63 5.04 -6.77
CA HIS A 778 -18.91 4.80 -8.02
C HIS A 778 -19.38 3.51 -8.70
N LYS A 779 -19.52 3.57 -10.03
CA LYS A 779 -19.94 2.39 -10.79
C LYS A 779 -19.00 1.20 -10.57
N TYR A 780 -17.77 1.45 -10.17
CA TYR A 780 -16.86 0.35 -9.85
C TYR A 780 -17.51 -0.64 -8.92
N TYR A 781 -18.26 -0.15 -7.92
CA TYR A 781 -18.82 -1.06 -6.92
C TYR A 781 -20.00 -1.84 -7.46
N ALA A 782 -20.62 -1.35 -8.54
CA ALA A 782 -21.66 -2.11 -9.24
C ALA A 782 -21.07 -3.37 -9.88
N TYR A 783 -19.92 -3.24 -10.58
CA TYR A 783 -19.26 -4.41 -11.14
C TYR A 783 -18.92 -5.41 -10.04
N LEU A 784 -18.36 -4.92 -8.94
CA LEU A 784 -18.02 -5.80 -7.82
C LEU A 784 -19.25 -6.46 -7.23
N TYR A 785 -20.26 -5.67 -6.89
CA TYR A 785 -21.47 -6.22 -6.31
C TYR A 785 -22.05 -7.32 -7.19
N SER A 786 -22.01 -7.12 -8.51
CA SER A 786 -22.75 -8.02 -9.39
C SER A 786 -21.93 -9.24 -9.80
N TYR A 787 -20.60 -9.13 -9.87
CA TYR A 787 -19.81 -10.18 -10.46
C TYR A 787 -18.64 -10.71 -9.64
N VAL A 788 -18.33 -10.13 -8.47
CA VAL A 788 -17.12 -10.52 -7.73
C VAL A 788 -17.48 -10.90 -6.29
N MET A 789 -18.42 -10.18 -5.69
CA MET A 789 -18.93 -10.50 -4.37
C MET A 789 -19.58 -11.89 -4.34
N PRO A 790 -19.60 -12.55 -3.17
CA PRO A 790 -20.10 -13.94 -3.13
C PRO A 790 -21.56 -14.09 -3.55
N GLN A 791 -21.83 -15.18 -4.27
CA GLN A 791 -23.19 -15.49 -4.72
C GLN A 791 -24.15 -15.66 -3.54
N ALA A 792 -23.68 -16.23 -2.42
CA ALA A 792 -24.58 -16.46 -1.28
C ALA A 792 -25.25 -15.18 -0.79
N ILE A 793 -24.66 -14.02 -1.06
CA ILE A 793 -25.24 -12.78 -0.58
C ILE A 793 -26.34 -12.30 -1.50
N ARG A 794 -26.13 -12.41 -2.80
CA ARG A 794 -27.17 -12.08 -3.76
C ARG A 794 -28.31 -13.07 -3.64
N ASP A 795 -27.97 -14.37 -3.51
CA ASP A 795 -28.97 -15.41 -3.23
C ASP A 795 -29.92 -14.98 -2.12
N MET A 796 -29.38 -14.48 -0.99
CA MET A 796 -30.22 -14.10 0.13
C MET A 796 -31.03 -12.84 -0.16
N VAL A 797 -30.50 -11.91 -0.95
CA VAL A 797 -31.28 -10.73 -1.28
C VAL A 797 -32.51 -11.11 -2.10
N ASP A 798 -32.37 -12.04 -3.05
CA ASP A 798 -33.50 -12.52 -3.83
C ASP A 798 -34.48 -13.37 -3.00
N GLU A 799 -34.00 -14.06 -1.97
CA GLU A 799 -34.88 -14.88 -1.14
C GLU A 799 -35.84 -14.02 -0.34
N TYR A 800 -35.32 -13.04 0.39
CA TYR A 800 -36.13 -12.16 1.20
C TYR A 800 -36.67 -10.95 0.45
N ILE A 801 -36.26 -10.76 -0.81
CA ILE A 801 -36.53 -9.52 -1.54
C ILE A 801 -36.26 -8.37 -0.58
N ASN A 802 -35.02 -8.27 -0.11
CA ASN A 802 -34.66 -7.37 0.97
C ASN A 802 -33.13 -7.33 1.09
N CYS A 803 -32.64 -6.27 1.71
CA CYS A 803 -31.29 -6.17 2.23
C CYS A 803 -30.19 -5.84 1.22
N GLU A 804 -30.51 -5.47 -0.01
CA GLU A 804 -29.43 -5.15 -0.95
C GLU A 804 -28.66 -3.91 -0.50
N ASP A 805 -29.29 -3.03 0.27
CA ASP A 805 -28.58 -1.85 0.76
C ASP A 805 -27.61 -2.20 1.88
N ILE A 806 -27.93 -3.25 2.64
CA ILE A 806 -27.04 -3.72 3.68
C ILE A 806 -25.82 -4.40 3.06
N ALA A 807 -26.07 -5.26 2.06
CA ALA A 807 -24.98 -5.95 1.40
C ALA A 807 -23.99 -4.97 0.76
N MET A 808 -24.48 -3.83 0.23
CA MET A 808 -23.59 -2.89 -0.44
C MET A 808 -22.80 -2.06 0.55
N ASN A 809 -23.35 -1.79 1.75
CA ASN A 809 -22.52 -1.15 2.77
C ASN A 809 -21.45 -2.10 3.30
N PHE A 810 -21.75 -3.42 3.36
CA PHE A 810 -20.75 -4.41 3.76
C PHE A 810 -19.62 -4.46 2.75
N LEU A 811 -19.95 -4.44 1.46
CA LEU A 811 -18.93 -4.55 0.42
C LEU A 811 -17.99 -3.36 0.44
N VAL A 812 -18.55 -2.13 0.48
CA VAL A 812 -17.73 -0.94 0.37
C VAL A 812 -16.90 -0.76 1.61
N SER A 813 -17.46 -1.09 2.77
CA SER A 813 -16.68 -0.93 4.01
C SER A 813 -15.63 -2.02 4.17
N HIS A 814 -15.86 -3.20 3.58
CA HIS A 814 -14.83 -4.24 3.52
C HIS A 814 -13.67 -3.82 2.63
N ILE A 815 -13.96 -3.30 1.43
CA ILE A 815 -12.89 -2.87 0.53
C ILE A 815 -12.10 -1.69 1.09
N THR A 816 -12.77 -0.73 1.74
CA THR A 816 -12.11 0.51 2.11
C THR A 816 -11.73 0.60 3.58
N ARG A 817 -12.33 -0.21 4.45
CA ARG A 817 -12.11 -0.09 5.89
C ARG A 817 -12.40 1.34 6.39
N LYS A 818 -13.44 2.00 5.82
CA LYS A 818 -13.97 3.27 6.29
C LYS A 818 -15.48 3.25 6.39
N PRO A 819 -16.05 4.05 7.30
CA PRO A 819 -17.51 4.17 7.38
C PRO A 819 -18.04 4.91 6.18
N PRO A 820 -19.35 4.98 6.00
CA PRO A 820 -19.92 5.78 4.92
C PRO A 820 -19.95 7.26 5.36
N ILE A 821 -20.52 8.10 4.49
CA ILE A 821 -20.62 9.53 4.77
C ILE A 821 -22.07 9.95 4.61
N LYS A 822 -22.60 10.64 5.62
CA LYS A 822 -24.02 11.01 5.66
C LYS A 822 -24.13 12.51 5.42
N VAL A 823 -25.06 12.90 4.54
CA VAL A 823 -25.15 14.27 4.05
C VAL A 823 -26.48 14.87 4.51
N THR A 824 -26.42 16.09 5.08
CA THR A 824 -27.55 16.90 5.55
C THR A 824 -28.26 16.30 6.77
N SER A 825 -29.23 17.01 7.34
CA SER A 825 -29.97 16.53 8.51
C SER A 825 -31.19 15.69 8.17
N ARG A 826 -31.44 15.40 6.90
CA ARG A 826 -32.56 14.54 6.55
C ARG A 826 -32.47 13.21 7.29
N TRP A 827 -33.64 12.63 7.68
CA TRP A 827 -33.70 11.25 8.15
C TRP A 827 -34.65 10.34 7.36
N THR A 828 -35.61 10.87 6.59
CA THR A 828 -36.39 10.02 5.68
C THR A 828 -36.52 10.54 4.25
N ASP A 841 -43.40 -3.61 6.94
CA ASP A 841 -44.03 -4.34 8.04
C ASP A 841 -43.00 -4.96 9.00
N ASP A 842 -43.43 -5.87 9.88
CA ASP A 842 -42.52 -6.39 10.90
C ASP A 842 -41.68 -7.57 10.40
N SER A 843 -42.23 -8.47 9.58
CA SER A 843 -41.37 -9.57 9.11
C SER A 843 -40.28 -9.07 8.18
N HIS A 844 -40.43 -7.89 7.61
CA HIS A 844 -39.37 -7.28 6.83
C HIS A 844 -38.23 -6.82 7.76
N PHE A 845 -38.56 -6.17 8.88
CA PHE A 845 -37.55 -5.68 9.81
C PHE A 845 -36.73 -6.82 10.41
N HIS A 846 -37.36 -7.95 10.68
CA HIS A 846 -36.58 -9.05 11.25
C HIS A 846 -35.77 -9.77 10.19
N GLU A 847 -36.13 -9.64 8.92
CA GLU A 847 -35.26 -10.12 7.86
C GLU A 847 -33.91 -9.38 7.85
N ARG A 848 -33.86 -8.14 8.37
CA ARG A 848 -32.65 -7.35 8.33
C ARG A 848 -31.67 -7.65 9.47
N HIS A 849 -32.16 -8.15 10.61
CA HIS A 849 -31.26 -8.77 11.58
C HIS A 849 -30.71 -10.08 11.01
N LYS A 850 -31.54 -10.88 10.38
CA LYS A 850 -31.01 -12.12 9.83
C LYS A 850 -29.95 -11.85 8.76
N CYS A 851 -30.13 -10.79 7.97
CA CYS A 851 -29.20 -10.50 6.90
C CYS A 851 -27.84 -10.07 7.48
N ILE A 852 -27.84 -9.15 8.44
CA ILE A 852 -26.58 -8.66 8.98
C ILE A 852 -25.76 -9.83 9.51
N ASN A 853 -26.41 -10.75 10.22
CA ASN A 853 -25.72 -11.86 10.86
C ASN A 853 -25.29 -12.94 9.85
N PHE A 854 -26.10 -13.20 8.82
CA PHE A 854 -25.63 -14.09 7.75
C PHE A 854 -24.45 -13.47 6.96
N PHE A 855 -24.50 -12.15 6.65
CA PHE A 855 -23.42 -11.54 5.86
C PHE A 855 -22.10 -11.60 6.63
N VAL A 856 -22.18 -11.50 7.94
CA VAL A 856 -21.00 -11.65 8.77
C VAL A 856 -20.41 -13.07 8.67
N LYS A 857 -21.26 -14.10 8.54
CA LYS A 857 -20.73 -15.46 8.32
C LYS A 857 -20.10 -15.65 6.94
N VAL A 858 -20.53 -14.89 5.94
CA VAL A 858 -19.94 -15.03 4.62
C VAL A 858 -18.56 -14.37 4.57
N TYR A 859 -18.41 -13.20 5.22
CA TYR A 859 -17.17 -12.45 5.24
C TYR A 859 -16.20 -12.96 6.28
N GLY A 860 -16.70 -13.60 7.33
CA GLY A 860 -15.84 -13.99 8.44
C GLY A 860 -15.68 -12.99 9.55
N TYR A 861 -16.27 -11.81 9.42
CA TYR A 861 -16.09 -10.70 10.36
C TYR A 861 -17.10 -9.62 10.00
N MET A 862 -17.26 -8.64 10.90
CA MET A 862 -18.14 -7.51 10.65
C MET A 862 -17.37 -6.33 10.07
N PRO A 863 -17.59 -5.95 8.81
CA PRO A 863 -16.82 -4.83 8.23
C PRO A 863 -17.38 -3.46 8.54
N LEU A 864 -18.61 -3.36 8.98
CA LEU A 864 -19.19 -2.04 9.23
C LEU A 864 -18.41 -1.35 10.34
N LEU A 865 -18.25 -0.04 10.20
CA LEU A 865 -17.59 0.82 11.15
C LEU A 865 -18.44 2.04 11.41
N TYR A 866 -18.16 2.73 12.52
CA TYR A 866 -18.98 3.83 13.02
C TYR A 866 -18.42 5.21 12.70
N THR A 867 -19.32 6.16 12.47
CA THR A 867 -18.95 7.58 12.35
C THR A 867 -19.82 8.40 13.27
N GLN A 868 -19.23 9.44 13.88
CA GLN A 868 -19.92 10.30 14.82
C GLN A 868 -20.07 11.73 14.32
N PHE A 869 -20.15 11.90 13.01
CA PHE A 869 -20.43 13.19 12.42
C PHE A 869 -21.13 12.94 11.09
N ARG A 870 -21.75 14.02 10.61
CA ARG A 870 -22.25 14.14 9.26
C ARG A 870 -21.58 15.36 8.65
N VAL A 871 -21.78 15.54 7.34
CA VAL A 871 -21.19 16.66 6.61
C VAL A 871 -22.27 17.63 6.18
N ASP A 872 -21.97 18.91 6.33
CA ASP A 872 -22.78 20.00 5.82
C ASP A 872 -21.85 20.88 4.99
N SER A 873 -22.44 21.83 4.26
CA SER A 873 -21.61 22.81 3.55
C SER A 873 -20.85 23.69 4.54
N VAL A 874 -19.78 24.30 4.06
CA VAL A 874 -18.86 24.99 4.96
C VAL A 874 -19.49 26.14 5.72
N LEU A 875 -20.44 26.84 5.09
CA LEU A 875 -21.07 28.01 5.67
C LEU A 875 -22.53 27.76 6.02
N PHE A 876 -22.91 26.50 6.19
CA PHE A 876 -24.19 26.14 6.79
C PHE A 876 -24.38 26.85 8.13
N LYS A 877 -25.48 27.58 8.26
CA LYS A 877 -25.87 28.25 9.51
C LYS A 877 -24.78 29.14 10.06
N THR A 878 -23.99 29.74 9.19
CA THR A 878 -22.94 30.67 9.59
C THR A 878 -23.41 32.09 9.30
N ARG A 879 -23.24 33.00 10.28
CA ARG A 879 -23.56 34.41 10.08
C ARG A 879 -22.45 35.04 9.26
N LEU A 880 -22.82 35.72 8.16
CA LEU A 880 -21.89 36.30 7.19
C LEU A 880 -22.02 37.82 7.10
N PRO A 881 -20.90 38.55 6.78
CA PRO A 881 -21.04 39.97 6.38
C PRO A 881 -21.90 40.11 5.13
N HIS A 882 -22.12 41.34 4.68
CA HIS A 882 -23.08 41.58 3.60
C HIS A 882 -22.49 41.26 2.24
N ASP A 883 -21.18 41.51 2.03
CA ASP A 883 -20.48 41.19 0.78
C ASP A 883 -20.16 39.67 0.63
N LYS A 884 -20.92 38.79 1.31
CA LYS A 884 -20.69 37.35 1.25
C LYS A 884 -22.03 36.63 1.34
N THR A 885 -22.08 35.46 0.68
CA THR A 885 -23.27 34.65 0.52
C THR A 885 -23.02 33.22 0.98
N LYS A 886 -24.04 32.60 1.55
CA LYS A 886 -23.94 31.19 1.86
C LYS A 886 -23.75 30.37 0.60
N CYS A 887 -23.13 29.19 0.77
CA CYS A 887 -22.88 28.28 -0.35
C CYS A 887 -24.19 27.73 -0.88
N PHE A 888 -25.08 27.31 0.01
CA PHE A 888 -26.42 26.89 -0.32
C PHE A 888 -27.36 27.72 0.55
N LYS A 889 -28.62 27.80 0.13
CA LYS A 889 -29.61 28.49 0.94
C LYS A 889 -29.88 27.70 2.20
N PHE A 890 -30.07 26.38 2.07
CA PHE A 890 -30.64 25.57 3.12
C PHE A 890 -29.76 24.44 3.64
N ILE A 891 -28.62 24.16 3.02
CA ILE A 891 -27.88 22.98 3.46
C ILE A 891 -26.38 23.20 3.63
N SER B 126 15.64 -15.91 25.32
CA SER B 126 16.88 -16.69 25.22
C SER B 126 17.59 -16.47 23.88
N LEU B 127 18.91 -16.71 23.83
CA LEU B 127 19.68 -16.28 22.67
C LEU B 127 19.31 -17.11 21.47
N PRO B 128 19.45 -16.58 20.27
CA PRO B 128 19.26 -17.38 19.07
C PRO B 128 20.34 -18.43 18.94
N ILE B 129 20.00 -19.52 18.25
CA ILE B 129 20.94 -20.59 18.00
C ILE B 129 22.16 -20.08 17.23
N ARG B 130 23.34 -20.53 17.65
CA ARG B 130 24.60 -20.05 17.09
C ARG B 130 24.93 -20.73 15.79
N LEU B 131 25.31 -19.94 14.78
CA LEU B 131 25.84 -20.55 13.56
C LEU B 131 27.20 -21.20 13.84
N LEU B 132 27.40 -22.38 13.26
CA LEU B 132 28.64 -23.13 13.44
C LEU B 132 29.70 -22.67 12.44
N PRO B 133 30.85 -22.16 12.90
CA PRO B 133 31.79 -21.50 12.00
C PRO B 133 32.60 -22.47 11.14
N GLU B 134 33.33 -21.87 10.18
CA GLU B 134 34.39 -22.55 9.44
C GLU B 134 35.52 -22.89 10.42
N LYS B 135 36.12 -24.07 10.26
CA LYS B 135 37.03 -24.63 11.29
C LYS B 135 38.29 -23.79 11.66
N LEU B 140 40.08 -20.35 1.87
CA LEU B 140 39.94 -21.82 1.87
C LEU B 140 38.62 -22.37 1.26
N PRO B 141 37.46 -21.73 1.51
CA PRO B 141 36.21 -22.24 0.93
C PRO B 141 36.20 -22.10 -0.58
N PRO B 142 35.57 -23.03 -1.30
CA PRO B 142 35.54 -22.96 -2.79
C PRO B 142 34.54 -21.93 -3.30
N PRO B 143 34.71 -21.49 -4.56
CA PRO B 143 33.78 -20.47 -5.10
C PRO B 143 32.33 -20.92 -5.16
N LYS B 144 32.07 -22.23 -5.28
CA LYS B 144 30.72 -22.75 -5.20
C LYS B 144 30.11 -22.53 -3.81
N ALA B 145 30.95 -22.53 -2.78
CA ALA B 145 30.47 -22.33 -1.41
C ALA B 145 30.13 -20.87 -1.13
N THR B 146 31.05 -19.95 -1.49
CA THR B 146 30.82 -18.52 -1.26
C THR B 146 29.66 -17.98 -2.09
N ARG B 147 29.43 -18.54 -3.29
CA ARG B 147 28.31 -18.09 -4.09
C ARG B 147 26.96 -18.54 -3.54
N GLY B 148 26.93 -19.59 -2.72
CA GLY B 148 25.72 -20.03 -2.07
C GLY B 148 25.42 -19.41 -0.72
N CYS B 149 26.23 -18.47 -0.24
CA CYS B 149 25.95 -17.84 1.05
C CYS B 149 24.61 -17.10 1.03
N ARG B 150 23.81 -17.29 2.09
CA ARG B 150 22.58 -16.54 2.29
C ARG B 150 22.44 -16.34 3.79
N LEU B 151 21.46 -15.54 4.20
CA LEU B 151 21.33 -15.32 5.63
C LEU B 151 21.09 -16.64 6.37
N HIS B 152 20.42 -17.61 5.74
CA HIS B 152 20.00 -18.82 6.46
C HIS B 152 21.17 -19.78 6.65
N ASN B 153 22.29 -19.60 5.96
CA ASN B 153 23.45 -20.46 6.19
C ASN B 153 24.78 -19.73 6.44
N CYS B 154 24.83 -18.37 6.44
CA CYS B 154 26.09 -17.67 6.70
C CYS B 154 26.02 -16.53 7.73
N PHE B 155 24.90 -16.32 8.40
CA PHE B 155 24.77 -15.26 9.39
C PHE B 155 24.57 -15.87 10.76
N ASP B 156 25.23 -15.32 11.75
CA ASP B 156 25.21 -15.88 13.10
C ASP B 156 24.19 -15.05 13.88
N TYR B 157 22.95 -15.55 13.98
CA TYR B 157 21.90 -14.85 14.68
C TYR B 157 22.17 -14.77 16.19
N SER B 158 23.14 -15.52 16.70
CA SER B 158 23.37 -15.44 18.15
C SER B 158 23.97 -14.11 18.57
N ARG B 159 24.64 -13.39 17.65
CA ARG B 159 25.08 -12.04 17.99
C ARG B 159 23.94 -11.02 18.02
N CYS B 160 22.72 -11.39 17.60
CA CYS B 160 21.69 -10.42 17.24
C CYS B 160 20.32 -10.79 17.81
N PRO B 161 20.19 -10.82 19.14
CA PRO B 161 18.85 -11.02 19.73
C PRO B 161 17.90 -9.91 19.33
N LEU B 162 16.59 -10.23 19.29
CA LEU B 162 15.62 -9.28 18.77
C LEU B 162 15.52 -8.03 19.62
N THR B 163 15.84 -8.15 20.91
CA THR B 163 15.57 -7.07 21.87
C THR B 163 16.82 -6.35 22.35
N SER B 164 17.99 -6.63 21.76
CA SER B 164 19.24 -6.03 22.17
C SER B 164 19.69 -4.91 21.25
N GLY B 165 18.79 -4.37 20.44
CA GLY B 165 19.17 -3.30 19.55
C GLY B 165 20.09 -3.84 18.47
N PHE B 166 20.65 -2.91 17.72
CA PHE B 166 21.39 -3.25 16.50
C PHE B 166 22.72 -2.52 16.60
N PRO B 167 23.59 -2.94 17.52
CA PRO B 167 24.90 -2.30 17.66
C PRO B 167 25.83 -2.66 16.51
N VAL B 168 26.43 -1.64 15.93
CA VAL B 168 27.24 -1.76 14.72
C VAL B 168 28.64 -1.29 15.05
N TYR B 169 29.61 -2.12 14.73
CA TYR B 169 31.02 -1.79 14.86
C TYR B 169 31.58 -1.44 13.50
N VAL B 170 32.24 -0.26 13.42
CA VAL B 170 32.79 0.25 12.17
C VAL B 170 34.28 0.27 12.32
N TYR B 171 34.99 -0.53 11.50
CA TYR B 171 36.44 -0.50 11.43
C TYR B 171 36.94 0.85 10.91
N ASP B 172 37.99 1.35 11.55
CA ASP B 172 38.69 2.57 11.13
C ASP B 172 39.63 2.18 9.99
N SER B 173 39.24 2.53 8.75
CA SER B 173 40.00 2.06 7.58
C SER B 173 41.42 2.64 7.52
N ASP B 174 41.73 3.67 8.31
CA ASP B 174 43.08 4.21 8.44
C ASP B 174 44.05 3.27 9.18
N GLN B 175 43.58 2.19 9.84
CA GLN B 175 44.47 1.19 10.44
C GLN B 175 44.79 0.00 9.55
N PHE B 176 44.28 -0.04 8.31
CA PHE B 176 44.40 -1.21 7.43
C PHE B 176 44.85 -0.74 6.05
N VAL B 177 45.25 -1.68 5.19
CA VAL B 177 45.83 -1.25 3.91
C VAL B 177 44.86 -0.40 3.12
N PHE B 178 43.55 -0.56 3.34
CA PHE B 178 42.56 0.09 2.48
C PHE B 178 42.68 1.61 2.60
N GLY B 179 43.00 2.11 3.80
CA GLY B 179 42.84 3.54 4.08
C GLY B 179 43.63 4.45 3.14
N SER B 180 44.83 4.04 2.76
CA SER B 180 45.66 4.93 1.95
C SER B 180 45.30 4.83 0.47
N TYR B 181 44.62 3.77 0.06
CA TYR B 181 44.21 3.67 -1.31
C TYR B 181 42.80 4.15 -1.56
N LEU B 182 42.06 4.56 -0.54
CA LEU B 182 40.66 4.92 -0.70
C LEU B 182 40.60 6.27 -1.38
N ASP B 183 39.63 6.45 -2.28
CA ASP B 183 39.29 7.79 -2.73
C ASP B 183 39.09 8.64 -1.49
N PRO B 184 39.77 9.78 -1.38
CA PRO B 184 39.71 10.53 -0.11
C PRO B 184 38.36 11.11 0.19
N LEU B 185 37.56 11.48 -0.82
CA LEU B 185 36.27 12.08 -0.51
C LEU B 185 35.26 11.02 -0.02
N VAL B 186 35.29 9.82 -0.62
CA VAL B 186 34.52 8.72 -0.10
C VAL B 186 34.86 8.50 1.36
N LYS B 187 36.17 8.33 1.64
CA LYS B 187 36.63 8.03 2.99
C LYS B 187 36.19 9.09 3.99
N GLN B 188 36.29 10.36 3.62
CA GLN B 188 35.97 11.41 4.59
C GLN B 188 34.47 11.48 4.86
N ALA B 189 33.65 11.28 3.83
CA ALA B 189 32.20 11.37 4.00
C ALA B 189 31.69 10.19 4.81
N PHE B 190 32.27 9.02 4.57
CA PHE B 190 31.85 7.81 5.30
C PHE B 190 32.20 7.91 6.78
N GLN B 191 33.45 8.26 7.08
CA GLN B 191 33.84 8.38 8.47
C GLN B 191 33.01 9.42 9.21
N ALA B 192 32.65 10.52 8.55
CA ALA B 192 31.80 11.51 9.19
C ALA B 192 30.43 10.92 9.54
N THR B 193 29.74 10.34 8.55
CA THR B 193 28.45 9.69 8.82
C THR B 193 28.53 8.65 9.95
N ALA B 194 29.55 7.79 9.91
CA ALA B 194 29.62 6.72 10.91
C ALA B 194 29.81 7.26 12.32
N ARG B 195 30.63 8.29 12.50
CA ARG B 195 30.79 8.91 13.81
C ARG B 195 29.48 9.46 14.35
N ALA B 196 28.60 9.91 13.47
CA ALA B 196 27.36 10.52 13.91
C ALA B 196 26.21 9.53 14.01
N ASN B 197 26.44 8.22 13.86
CA ASN B 197 25.35 7.25 13.70
C ASN B 197 24.96 6.64 15.04
N VAL B 198 23.64 6.57 15.28
CA VAL B 198 23.13 6.15 16.57
C VAL B 198 23.45 4.68 16.87
N TYR B 199 23.54 3.84 15.86
CA TYR B 199 23.76 2.42 16.10
C TYR B 199 25.22 2.10 16.41
N VAL B 200 26.15 3.00 16.18
CA VAL B 200 27.55 2.61 16.14
C VAL B 200 28.11 2.55 17.56
N THR B 201 28.90 1.51 17.80
CA THR B 201 29.59 1.24 19.06
C THR B 201 31.08 0.96 18.81
N GLU B 202 31.90 1.33 19.78
CA GLU B 202 33.34 1.00 19.78
C GLU B 202 33.62 -0.32 20.50
N ASN B 203 32.60 -0.93 21.08
CA ASN B 203 32.73 -2.21 21.76
C ASN B 203 32.45 -3.35 20.78
N ALA B 204 33.50 -4.01 20.30
CA ALA B 204 33.24 -5.04 19.31
C ALA B 204 32.69 -6.31 19.93
N ASP B 205 32.68 -6.42 21.25
CA ASP B 205 32.24 -7.67 21.85
C ASP B 205 30.71 -7.82 21.83
N ILE B 206 29.97 -6.70 21.85
CA ILE B 206 28.52 -6.74 21.79
C ILE B 206 27.97 -6.54 20.38
N ALA B 207 28.82 -6.25 19.40
CA ALA B 207 28.34 -5.85 18.10
C ALA B 207 27.60 -6.99 17.42
N CYS B 208 26.57 -6.62 16.66
CA CYS B 208 25.83 -7.54 15.82
C CYS B 208 26.37 -7.53 14.40
N LEU B 209 26.87 -6.38 13.94
CA LEU B 209 27.40 -6.20 12.59
C LEU B 209 28.75 -5.48 12.60
N TYR B 210 29.65 -5.92 11.72
CA TYR B 210 30.97 -5.32 11.51
C TYR B 210 31.06 -4.75 10.12
N VAL B 211 31.45 -3.48 9.99
CA VAL B 211 31.45 -2.73 8.72
C VAL B 211 32.88 -2.38 8.35
N ILE B 212 33.30 -2.67 7.11
CA ILE B 212 34.62 -2.28 6.60
C ILE B 212 34.48 -1.55 5.25
N LEU B 213 34.96 -0.30 5.17
CA LEU B 213 34.99 0.45 3.91
C LEU B 213 36.25 0.11 3.11
N VAL B 214 36.09 -0.42 1.89
CA VAL B 214 37.23 -0.85 1.08
C VAL B 214 37.34 -0.11 -0.26
N GLY B 215 36.43 0.80 -0.58
CA GLY B 215 36.45 1.45 -1.88
C GLY B 215 35.34 2.47 -1.98
N GLU B 216 35.34 3.21 -3.11
CA GLU B 216 36.24 2.94 -4.24
C GLU B 216 37.64 3.45 -4.01
N MET B 217 38.54 2.90 -4.79
CA MET B 217 39.95 3.18 -4.72
C MET B 217 40.39 4.18 -5.76
N GLN B 218 41.41 4.96 -5.41
CA GLN B 218 42.02 5.89 -6.36
C GLN B 218 42.60 5.14 -7.54
N GLU B 219 42.38 5.68 -8.75
CA GLU B 219 42.84 5.10 -10.02
C GLU B 219 44.24 5.63 -10.38
N PRO B 220 45.12 4.81 -10.96
CA PRO B 220 44.95 3.40 -11.32
C PRO B 220 45.09 2.53 -10.10
N VAL B 221 44.35 1.43 -10.07
CA VAL B 221 44.18 0.69 -8.83
C VAL B 221 45.44 -0.11 -8.57
N VAL B 222 46.18 0.32 -7.57
CA VAL B 222 47.45 -0.30 -7.20
C VAL B 222 47.23 -1.74 -6.70
N LEU B 223 46.47 -1.89 -5.63
CA LEU B 223 46.37 -3.15 -4.88
C LEU B 223 45.84 -4.29 -5.73
N ARG B 224 46.50 -5.43 -5.67
CA ARG B 224 46.11 -6.60 -6.46
C ARG B 224 45.04 -7.42 -5.72
N PRO B 225 44.19 -8.14 -6.43
CA PRO B 225 43.08 -8.85 -5.77
C PRO B 225 43.42 -9.70 -4.56
N ALA B 226 44.20 -10.77 -4.76
CA ALA B 226 44.51 -11.70 -3.67
C ALA B 226 45.09 -11.00 -2.44
N GLU B 227 45.67 -9.82 -2.59
CA GLU B 227 46.09 -9.04 -1.43
C GLU B 227 44.88 -8.49 -0.65
N LEU B 228 43.91 -7.90 -1.37
CA LEU B 228 42.68 -7.41 -0.75
C LEU B 228 41.99 -8.51 0.06
N GLU B 229 42.02 -9.74 -0.46
CA GLU B 229 41.50 -10.90 0.25
C GLU B 229 42.20 -11.13 1.60
N LYS B 230 43.52 -10.96 1.63
CA LYS B 230 44.29 -11.26 2.82
C LYS B 230 44.14 -10.20 3.88
N GLN B 231 43.96 -8.94 3.50
CA GLN B 231 43.71 -7.94 4.53
CA GLN B 231 43.72 -7.93 4.52
C GLN B 231 42.30 -8.07 5.09
N LEU B 232 41.36 -8.63 4.31
CA LEU B 232 40.01 -8.90 4.85
C LEU B 232 40.09 -9.97 5.92
N TYR B 233 40.74 -11.12 5.62
CA TYR B 233 40.89 -12.19 6.61
C TYR B 233 41.74 -11.75 7.82
N SER B 234 42.48 -10.66 7.67
CA SER B 234 43.25 -10.11 8.79
C SER B 234 42.44 -9.16 9.66
N LEU B 235 41.24 -8.79 9.27
CA LEU B 235 40.58 -7.78 10.07
C LEU B 235 40.51 -8.30 11.51
N PRO B 236 40.59 -7.42 12.49
CA PRO B 236 40.62 -7.86 13.88
C PRO B 236 39.52 -8.82 14.30
N HIS B 237 38.27 -8.63 13.87
CA HIS B 237 37.14 -9.46 14.29
C HIS B 237 36.57 -10.32 13.18
N TRP B 238 37.38 -10.61 12.18
CA TRP B 238 36.96 -11.51 11.13
C TRP B 238 36.70 -12.89 11.67
N ARG B 239 37.39 -13.29 12.74
CA ARG B 239 37.26 -14.63 13.31
C ARG B 239 37.79 -15.59 12.25
N THR B 240 37.05 -16.59 11.81
CA THR B 240 37.62 -17.47 10.80
C THR B 240 37.11 -17.18 9.39
N ASP B 241 35.98 -16.48 9.26
CA ASP B 241 35.24 -16.51 7.99
C ASP B 241 34.55 -15.18 7.68
N GLY B 242 34.64 -14.18 8.53
CA GLY B 242 33.99 -12.92 8.26
C GLY B 242 32.51 -12.88 8.53
N HIS B 243 31.96 -13.80 9.33
CA HIS B 243 30.51 -13.83 9.48
C HIS B 243 30.09 -12.54 10.17
N ASN B 244 28.93 -12.03 9.74
CA ASN B 244 28.34 -10.83 10.28
C ASN B 244 29.16 -9.58 9.92
N HIS B 245 29.89 -9.63 8.80
CA HIS B 245 30.62 -8.50 8.23
C HIS B 245 29.92 -8.03 6.96
N VAL B 246 29.84 -6.70 6.76
CA VAL B 246 29.45 -6.15 5.47
C VAL B 246 30.62 -5.35 4.90
N ILE B 247 30.99 -5.66 3.66
CA ILE B 247 32.07 -5.00 2.92
C ILE B 247 31.47 -3.91 2.04
N ILE B 248 31.85 -2.66 2.27
CA ILE B 248 31.28 -1.54 1.58
C ILE B 248 32.28 -0.98 0.58
N ASN B 249 31.79 -0.59 -0.59
CA ASN B 249 32.63 -0.26 -1.75
C ASN B 249 31.78 0.70 -2.56
N LEU B 250 31.92 2.00 -2.26
CA LEU B 250 31.05 3.03 -2.78
C LEU B 250 31.69 3.73 -3.95
N SER B 251 30.99 3.78 -5.07
CA SER B 251 31.49 4.42 -6.27
C SER B 251 31.43 5.94 -6.17
N ARG B 252 32.32 6.60 -6.93
CA ARG B 252 32.19 8.04 -7.10
C ARG B 252 32.68 8.57 -8.44
N LYS B 253 33.88 8.16 -8.84
CA LYS B 253 34.54 8.71 -10.01
C LYS B 253 34.80 7.70 -11.09
N SER B 254 34.87 6.43 -10.76
CA SER B 254 35.19 5.39 -11.71
C SER B 254 33.93 4.59 -12.07
N ASP B 255 33.85 4.24 -13.34
CA ASP B 255 32.79 3.37 -13.84
C ASP B 255 33.39 2.09 -14.40
N THR B 256 34.66 1.80 -14.06
CA THR B 256 35.31 0.58 -14.53
C THR B 256 35.78 -0.33 -13.42
N GLN B 257 35.76 0.13 -12.17
CA GLN B 257 36.22 -0.67 -11.05
C GLN B 257 35.27 -1.83 -10.70
N ASN B 258 35.87 -3.00 -10.39
CA ASN B 258 35.17 -4.16 -9.82
C ASN B 258 36.14 -4.80 -8.80
N LEU B 259 36.30 -4.17 -7.65
CA LEU B 259 37.42 -4.50 -6.78
C LEU B 259 37.37 -5.97 -6.33
N LEU B 260 36.17 -6.48 -6.08
CA LEU B 260 36.04 -7.74 -5.36
C LEU B 260 35.80 -8.91 -6.31
N TYR B 261 36.02 -8.73 -7.60
CA TYR B 261 35.60 -9.77 -8.53
C TYR B 261 36.32 -11.10 -8.27
N ASN B 262 37.63 -11.06 -8.04
CA ASN B 262 38.37 -12.29 -7.82
C ASN B 262 38.60 -12.60 -6.33
N VAL B 263 37.89 -11.92 -5.43
CA VAL B 263 38.19 -11.90 -4.00
C VAL B 263 37.21 -12.79 -3.25
N SER B 264 37.73 -13.80 -2.56
CA SER B 264 36.90 -14.61 -1.66
C SER B 264 36.50 -13.80 -0.43
N THR B 265 35.19 -13.70 -0.16
CA THR B 265 34.69 -12.85 0.90
C THR B 265 34.24 -13.63 2.14
N GLY B 266 34.55 -14.90 2.22
CA GLY B 266 34.11 -15.64 3.39
C GLY B 266 32.60 -15.70 3.49
N ARG B 267 32.10 -15.38 4.68
CA ARG B 267 30.67 -15.28 4.91
C ARG B 267 30.18 -13.85 4.97
N ALA B 268 30.96 -12.91 4.44
CA ALA B 268 30.60 -11.50 4.55
C ALA B 268 29.69 -11.12 3.41
N MET B 269 28.82 -10.14 3.68
CA MET B 269 28.01 -9.50 2.68
C MET B 269 28.81 -8.42 1.96
N VAL B 270 28.44 -8.14 0.71
CA VAL B 270 29.05 -7.08 -0.08
C VAL B 270 28.00 -6.05 -0.46
N ALA B 271 28.32 -4.77 -0.31
CA ALA B 271 27.46 -3.65 -0.66
C ALA B 271 28.16 -2.72 -1.66
N GLN B 272 27.69 -2.67 -2.89
CA GLN B 272 28.39 -1.94 -3.93
C GLN B 272 27.46 -1.72 -5.11
N SER B 273 27.96 -1.02 -6.14
CA SER B 273 27.18 -0.65 -7.30
C SER B 273 27.47 -1.44 -8.57
N THR B 274 28.49 -2.30 -8.58
CA THR B 274 28.76 -3.18 -9.72
C THR B 274 28.77 -4.65 -9.31
N PHE B 275 27.97 -5.46 -10.00
CA PHE B 275 27.91 -6.89 -9.76
C PHE B 275 27.75 -7.60 -11.10
N TYR B 276 28.55 -8.63 -11.34
CA TYR B 276 28.22 -9.64 -12.34
C TYR B 276 27.39 -10.74 -11.67
N THR B 277 26.70 -11.53 -12.49
CA THR B 277 25.85 -12.57 -11.95
C THR B 277 26.63 -13.55 -11.06
N VAL B 278 27.83 -13.92 -11.46
CA VAL B 278 28.57 -14.86 -10.64
C VAL B 278 28.73 -14.34 -9.22
N GLN B 279 28.90 -13.02 -9.06
CA GLN B 279 29.25 -12.54 -7.73
C GLN B 279 28.03 -12.11 -6.93
N TYR B 280 26.87 -11.90 -7.53
CA TYR B 280 25.73 -11.35 -6.82
C TYR B 280 24.95 -12.47 -6.14
N ARG B 281 24.89 -12.45 -4.78
CA ARG B 281 24.09 -13.31 -3.92
C ARG B 281 22.77 -12.59 -3.56
N PRO B 282 21.66 -12.88 -4.23
CA PRO B 282 20.42 -12.16 -3.92
C PRO B 282 20.00 -12.39 -2.49
N GLY B 283 19.37 -11.38 -1.89
CA GLY B 283 18.94 -11.48 -0.51
C GLY B 283 20.04 -11.43 0.53
N PHE B 284 21.29 -11.31 0.10
CA PHE B 284 22.43 -11.31 1.00
C PHE B 284 23.34 -10.12 0.69
N ASP B 285 23.76 -9.98 -0.56
CA ASP B 285 24.46 -8.78 -1.01
C ASP B 285 23.48 -7.59 -1.18
N LEU B 286 24.05 -6.39 -1.34
CA LEU B 286 23.27 -5.14 -1.44
C LEU B 286 23.76 -4.35 -2.65
N VAL B 287 22.85 -4.01 -3.54
CA VAL B 287 23.09 -3.02 -4.58
C VAL B 287 22.77 -1.64 -4.04
N VAL B 288 23.77 -0.75 -3.97
CA VAL B 288 23.58 0.59 -3.42
C VAL B 288 23.82 1.68 -4.46
N SER B 289 23.54 2.91 -4.06
CA SER B 289 23.68 4.09 -4.90
C SER B 289 25.14 4.56 -4.95
N PRO B 290 25.55 5.17 -6.04
CA PRO B 290 26.86 5.85 -6.04
C PRO B 290 26.81 7.05 -5.12
N LEU B 291 27.99 7.38 -4.57
CA LEU B 291 28.14 8.49 -3.62
C LEU B 291 28.51 9.73 -4.41
N VAL B 292 27.52 10.55 -4.73
CA VAL B 292 27.76 11.74 -5.54
C VAL B 292 28.14 12.93 -4.68
N HIS B 293 27.33 13.27 -3.66
CA HIS B 293 27.57 14.48 -2.85
C HIS B 293 28.42 14.15 -1.63
N ALA B 294 29.65 13.71 -1.89
CA ALA B 294 30.59 13.47 -0.80
C ALA B 294 31.03 14.81 -0.23
N MET B 295 30.89 14.96 1.08
CA MET B 295 31.32 16.19 1.76
C MET B 295 30.63 17.42 1.18
N SER B 296 29.36 17.25 0.79
CA SER B 296 28.52 18.37 0.40
C SER B 296 27.06 18.05 0.74
N GLU B 297 26.21 19.04 0.61
CA GLU B 297 24.77 18.90 0.74
C GLU B 297 24.14 19.18 -0.63
N PRO B 298 23.16 18.40 -1.09
CA PRO B 298 22.46 18.78 -2.32
C PRO B 298 21.58 19.99 -2.12
N ASN B 299 21.45 20.79 -3.16
CA ASN B 299 20.64 22.00 -3.10
C ASN B 299 19.25 21.68 -3.67
N PHE B 300 18.25 21.65 -2.79
CA PHE B 300 16.90 21.33 -3.23
C PHE B 300 16.31 22.41 -4.14
N MET B 301 16.89 23.61 -4.18
CA MET B 301 16.33 24.65 -5.04
C MET B 301 16.85 24.58 -6.48
N GLU B 302 17.88 23.78 -6.77
CA GLU B 302 18.27 23.58 -8.16
C GLU B 302 17.46 22.47 -8.84
N ILE B 303 16.52 21.83 -8.14
CA ILE B 303 15.74 20.72 -8.66
C ILE B 303 14.55 21.34 -9.38
N PRO B 304 14.34 21.09 -10.67
CA PRO B 304 13.21 21.73 -11.34
C PRO B 304 11.90 21.29 -10.70
N PRO B 305 10.90 22.12 -10.75
CA PRO B 305 9.63 21.75 -10.14
C PRO B 305 9.01 20.58 -10.89
N GLN B 306 8.06 19.92 -10.21
CA GLN B 306 7.48 18.67 -10.69
C GLN B 306 6.40 18.96 -11.74
N VAL B 307 5.79 20.14 -11.65
CA VAL B 307 4.75 20.62 -12.55
C VAL B 307 5.30 21.81 -13.34
N PRO B 308 5.04 21.93 -14.65
CA PRO B 308 4.22 21.06 -15.53
C PRO B 308 4.73 19.67 -15.77
N VAL B 309 3.76 18.77 -15.99
CA VAL B 309 4.10 17.35 -16.09
C VAL B 309 5.02 17.11 -17.28
N LYS B 310 4.65 17.65 -18.44
CA LYS B 310 5.38 17.41 -19.68
C LYS B 310 6.37 18.54 -19.91
N ARG B 311 7.59 18.16 -20.23
CA ARG B 311 8.68 19.07 -20.41
C ARG B 311 9.00 19.11 -21.89
N LYS B 312 10.12 19.78 -22.22
CA LYS B 312 10.44 20.06 -23.61
C LYS B 312 10.56 18.78 -24.42
N TYR B 313 11.36 17.84 -23.97
CA TYR B 313 11.51 16.56 -24.65
C TYR B 313 10.65 15.47 -24.00
N LEU B 314 10.13 14.57 -24.83
CA LEU B 314 9.40 13.44 -24.26
C LEU B 314 10.37 12.49 -23.59
N PHE B 315 11.47 12.16 -24.28
CA PHE B 315 12.58 11.46 -23.64
C PHE B 315 13.88 11.90 -24.28
N THR B 316 14.98 11.61 -23.59
CA THR B 316 16.32 11.84 -24.10
C THR B 316 17.24 10.67 -23.72
N PHE B 317 18.33 10.54 -24.47
CA PHE B 317 19.39 9.56 -24.20
C PHE B 317 20.69 10.11 -24.77
N GLN B 318 21.81 9.90 -24.05
CA GLN B 318 23.16 10.22 -24.50
C GLN B 318 24.09 9.12 -24.09
N GLY B 319 24.71 8.45 -25.05
CA GLY B 319 25.78 7.55 -24.67
C GLY B 319 26.58 7.12 -25.88
N GLU B 320 27.66 6.41 -25.59
CA GLU B 320 28.44 5.86 -26.69
C GLU B 320 28.98 4.49 -26.30
N LYS B 321 28.93 3.57 -27.26
CA LYS B 321 29.40 2.20 -27.07
C LYS B 321 30.59 1.97 -27.98
N ILE B 322 31.69 1.49 -27.41
CA ILE B 322 32.86 1.26 -28.24
C ILE B 322 33.10 -0.23 -28.53
N ALA B 345 22.00 -13.01 -27.53
CA ALA B 345 21.28 -12.15 -28.50
C ALA B 345 21.76 -10.70 -28.45
N ASP B 346 21.73 -10.02 -29.60
CA ASP B 346 22.16 -8.62 -29.73
C ASP B 346 20.98 -7.79 -30.27
N TYR B 347 20.23 -7.18 -29.34
CA TYR B 347 19.08 -6.35 -29.64
C TYR B 347 19.45 -4.88 -29.82
N ASP B 348 20.71 -4.51 -29.58
CA ASP B 348 21.10 -3.12 -29.54
C ASP B 348 20.85 -2.43 -30.88
N ASP B 349 21.04 -3.16 -31.99
CA ASP B 349 20.95 -2.54 -33.31
C ASP B 349 19.52 -2.17 -33.64
N ARG B 350 18.56 -2.97 -33.18
CA ARG B 350 17.17 -2.64 -33.39
C ARG B 350 16.72 -1.49 -32.48
N ILE B 351 17.26 -1.42 -31.26
CA ILE B 351 16.98 -0.29 -30.38
C ILE B 351 17.38 1.03 -31.03
N ILE B 352 18.63 1.12 -31.48
CA ILE B 352 19.09 2.32 -32.17
C ILE B 352 18.18 2.65 -33.34
N ALA B 353 17.98 1.68 -34.23
CA ALA B 353 17.12 1.91 -35.38
C ALA B 353 15.75 2.37 -34.96
N THR B 354 15.17 1.73 -33.95
CA THR B 354 13.83 2.14 -33.51
C THR B 354 13.82 3.58 -32.95
N LEU B 355 14.78 3.92 -32.10
CA LEU B 355 14.72 5.23 -31.42
C LEU B 355 15.02 6.36 -32.40
N LYS B 356 15.92 6.12 -33.36
CA LYS B 356 16.18 7.08 -34.43
C LYS B 356 14.94 7.33 -35.24
N ALA B 357 14.21 6.27 -35.57
CA ALA B 357 12.99 6.45 -36.34
C ALA B 357 11.99 7.30 -35.57
N VAL B 358 11.94 7.17 -34.24
CA VAL B 358 11.05 8.01 -33.44
C VAL B 358 11.51 9.47 -33.51
N GLN B 359 12.81 9.71 -33.38
CA GLN B 359 13.29 11.08 -33.54
C GLN B 359 12.94 11.61 -34.91
N ASP B 360 13.14 10.79 -35.95
CA ASP B 360 12.97 11.26 -37.32
C ASP B 360 11.50 11.44 -37.68
N SER B 361 10.58 10.82 -36.94
CA SER B 361 9.17 10.93 -37.26
C SER B 361 8.59 12.30 -36.93
N LYS B 362 9.21 13.02 -36.01
CA LYS B 362 8.70 14.31 -35.58
C LYS B 362 7.23 14.23 -35.18
N LEU B 363 6.89 13.16 -34.46
CA LEU B 363 5.61 13.10 -33.75
C LEU B 363 5.73 13.63 -32.34
N ASP B 364 6.95 13.64 -31.81
CA ASP B 364 7.24 14.26 -30.54
C ASP B 364 8.64 14.83 -30.60
N GLN B 365 8.93 15.70 -29.66
CA GLN B 365 10.23 16.30 -29.56
C GLN B 365 11.05 15.35 -28.70
N VAL B 366 12.02 14.66 -29.31
CA VAL B 366 12.94 13.83 -28.56
C VAL B 366 14.35 14.14 -29.03
N LEU B 367 15.31 13.69 -28.23
CA LEU B 367 16.72 13.94 -28.49
C LEU B 367 17.48 12.70 -28.07
N VAL B 368 17.92 11.93 -29.05
CA VAL B 368 18.63 10.69 -28.82
C VAL B 368 19.96 10.76 -29.54
N GLU B 369 21.05 10.47 -28.81
CA GLU B 369 22.40 10.62 -29.32
C GLU B 369 23.24 9.40 -28.96
N PHE B 370 23.72 8.66 -29.97
CA PHE B 370 24.47 7.44 -29.74
C PHE B 370 25.96 7.60 -29.95
N THR B 371 26.47 8.82 -29.88
CA THR B 371 27.90 9.09 -29.68
C THR B 371 28.03 10.35 -28.86
N CYS B 372 29.21 10.57 -28.29
CA CYS B 372 29.45 11.76 -27.48
C CYS B 372 30.19 12.84 -28.26
N LYS B 373 29.92 14.11 -27.90
CA LYS B 373 30.62 15.26 -28.47
C LYS B 373 32.12 15.12 -28.36
N ASN B 374 32.61 14.81 -27.15
CA ASN B 374 34.02 14.59 -26.84
C ASN B 374 34.26 13.09 -26.62
N GLN B 375 35.28 12.75 -25.83
CA GLN B 375 35.62 11.35 -25.57
C GLN B 375 34.74 10.79 -24.46
N PRO B 376 34.18 9.59 -24.60
CA PRO B 376 33.33 9.04 -23.54
C PRO B 376 34.13 8.68 -22.29
N LYS B 377 33.46 8.72 -21.15
CA LYS B 377 34.03 8.22 -19.90
C LYS B 377 34.29 6.72 -20.06
N PRO B 378 35.35 6.21 -19.47
CA PRO B 378 35.60 4.76 -19.57
C PRO B 378 34.51 3.97 -18.86
N SER B 379 34.30 2.73 -19.31
CA SER B 379 33.15 1.96 -18.85
C SER B 379 33.48 0.48 -18.97
N LEU B 380 32.57 -0.36 -18.44
CA LEU B 380 32.75 -1.79 -18.60
C LEU B 380 32.31 -2.23 -19.99
N PRO B 381 32.75 -3.40 -20.44
CA PRO B 381 32.43 -3.83 -21.81
C PRO B 381 30.93 -3.99 -22.04
N THR B 382 30.50 -3.61 -23.24
CA THR B 382 29.13 -3.67 -23.74
C THR B 382 28.24 -2.63 -23.10
N GLU B 383 28.77 -1.78 -22.23
CA GLU B 383 27.99 -0.75 -21.56
C GLU B 383 27.80 0.45 -22.48
N TRP B 384 26.68 1.13 -22.34
CA TRP B 384 26.54 2.43 -22.99
C TRP B 384 27.18 3.50 -22.10
N ALA B 385 28.35 3.98 -22.50
CA ALA B 385 29.17 4.82 -21.63
C ALA B 385 28.63 6.22 -21.56
N LEU B 386 28.83 6.84 -20.38
CA LEU B 386 28.37 8.19 -20.09
C LEU B 386 29.13 9.24 -20.91
N CYS B 387 28.47 10.37 -21.15
CA CYS B 387 29.03 11.45 -21.96
C CYS B 387 29.20 12.72 -21.15
N GLY B 388 30.38 13.32 -21.25
CA GLY B 388 30.57 14.61 -20.67
C GLY B 388 30.71 14.53 -19.16
N GLU B 389 30.38 15.64 -18.53
CA GLU B 389 30.44 15.77 -17.10
C GLU B 389 29.03 15.82 -16.53
N ARG B 390 28.97 15.57 -15.23
CA ARG B 390 27.69 15.54 -14.53
C ARG B 390 26.84 16.76 -14.85
N GLU B 391 27.47 17.92 -15.00
CA GLU B 391 26.71 19.15 -15.19
C GLU B 391 26.14 19.29 -16.60
N ASP B 392 26.80 18.71 -17.60
CA ASP B 392 26.24 18.63 -18.96
C ASP B 392 25.04 17.70 -19.04
N ARG B 393 25.15 16.50 -18.46
CA ARG B 393 24.06 15.53 -18.54
C ARG B 393 22.81 16.04 -17.85
N LEU B 394 22.98 16.71 -16.69
CA LEU B 394 21.83 17.23 -15.94
C LEU B 394 21.10 18.34 -16.67
N GLU B 395 21.79 19.10 -17.52
CA GLU B 395 21.13 20.20 -18.20
C GLU B 395 20.13 19.66 -19.21
N LEU B 396 20.45 18.55 -19.88
CA LEU B 396 19.46 17.92 -20.75
C LEU B 396 18.38 17.18 -19.95
N LEU B 397 18.77 16.47 -18.89
CA LEU B 397 17.76 15.74 -18.11
C LEU B 397 16.74 16.68 -17.49
N LYS B 398 17.19 17.87 -17.09
CA LYS B 398 16.24 18.83 -16.51
C LYS B 398 15.09 19.13 -17.48
N LEU B 399 15.29 18.91 -18.77
CA LEU B 399 14.30 19.23 -19.81
C LEU B 399 13.61 18.00 -20.38
N SER B 400 13.77 16.85 -19.75
CA SER B 400 13.23 15.58 -20.21
C SER B 400 12.09 15.16 -19.29
N THR B 401 10.95 14.84 -19.90
CA THR B 401 9.90 14.18 -19.15
C THR B 401 10.36 12.80 -18.68
N PHE B 402 11.04 12.05 -19.56
CA PHE B 402 11.53 10.71 -19.33
C PHE B 402 13.00 10.69 -19.72
N ALA B 403 13.78 9.83 -19.07
CA ALA B 403 15.17 9.58 -19.43
C ALA B 403 15.33 8.11 -19.76
N LEU B 404 15.92 7.81 -20.90
CA LEU B 404 16.20 6.42 -21.21
C LEU B 404 17.47 5.95 -20.50
N ILE B 405 17.45 4.70 -20.05
CA ILE B 405 18.62 3.98 -19.59
C ILE B 405 18.64 2.66 -20.35
N ILE B 406 19.70 2.42 -21.11
CA ILE B 406 19.82 1.20 -21.91
C ILE B 406 20.84 0.30 -21.26
N THR B 407 20.38 -0.84 -20.72
CA THR B 407 21.25 -1.64 -19.89
C THR B 407 22.33 -2.27 -20.76
N PRO B 408 23.41 -2.72 -20.15
CA PRO B 408 24.52 -3.28 -20.94
C PRO B 408 24.08 -4.43 -21.83
N GLY B 409 24.87 -4.65 -22.89
CA GLY B 409 24.56 -5.72 -23.81
C GLY B 409 24.85 -7.12 -23.26
N ASP B 410 25.89 -7.26 -22.46
CA ASP B 410 26.14 -8.55 -21.81
C ASP B 410 25.16 -8.77 -20.66
N PRO B 411 24.24 -9.72 -20.77
CA PRO B 411 23.25 -9.92 -19.70
C PRO B 411 23.82 -10.34 -18.35
N ARG B 412 25.09 -10.75 -18.26
CA ARG B 412 25.70 -11.11 -16.98
C ARG B 412 26.06 -9.93 -16.10
N LEU B 413 26.08 -8.73 -16.68
CA LEU B 413 26.35 -7.50 -15.97
C LEU B 413 25.01 -7.06 -15.41
N VAL B 414 24.78 -7.44 -14.16
CA VAL B 414 23.50 -7.25 -13.48
C VAL B 414 23.26 -5.80 -13.14
N ILE B 415 24.32 -5.08 -12.76
CA ILE B 415 24.25 -3.64 -12.53
C ILE B 415 25.67 -3.13 -12.56
N SER B 416 25.81 -1.85 -12.89
CA SER B 416 27.11 -1.21 -12.96
C SER B 416 26.98 0.21 -12.44
N SER B 417 28.11 0.76 -11.98
CA SER B 417 28.19 2.15 -11.55
C SER B 417 27.59 3.09 -12.60
N GLY B 418 27.82 2.80 -13.88
CA GLY B 418 27.33 3.68 -14.92
C GLY B 418 25.82 3.66 -15.05
N CYS B 419 25.21 2.47 -14.93
CA CYS B 419 23.76 2.40 -14.90
CA CYS B 419 23.76 2.40 -14.90
C CYS B 419 23.19 3.08 -13.66
N ALA B 420 23.80 2.87 -12.51
CA ALA B 420 23.29 3.46 -11.28
C ALA B 420 23.45 4.96 -11.27
N THR B 421 24.45 5.47 -11.98
CA THR B 421 24.63 6.91 -12.09
C THR B 421 23.55 7.52 -12.96
N ARG B 422 23.19 6.84 -14.07
CA ARG B 422 22.09 7.35 -14.88
C ARG B 422 20.77 7.35 -14.13
N LEU B 423 20.53 6.31 -13.33
CA LEU B 423 19.35 6.29 -12.49
C LEU B 423 19.40 7.46 -11.50
N PHE B 424 20.55 7.63 -10.83
CA PHE B 424 20.72 8.73 -9.88
C PHE B 424 20.41 10.08 -10.49
N GLU B 425 21.00 10.38 -11.66
CA GLU B 425 20.88 11.73 -12.22
C GLU B 425 19.47 11.96 -12.76
N ALA B 426 18.87 10.94 -13.34
CA ALA B 426 17.48 11.08 -13.76
C ALA B 426 16.56 11.38 -12.57
N LEU B 427 16.67 10.62 -11.48
CA LEU B 427 15.73 10.85 -10.39
C LEU B 427 15.98 12.22 -9.80
N GLU B 428 17.25 12.59 -9.68
CA GLU B 428 17.65 13.85 -9.10
C GLU B 428 16.88 15.07 -9.64
N VAL B 429 16.56 15.09 -10.94
CA VAL B 429 15.95 16.27 -11.54
C VAL B 429 14.55 15.98 -12.08
N GLY B 430 13.99 14.79 -11.78
CA GLY B 430 12.59 14.52 -12.04
C GLY B 430 12.26 13.95 -13.41
N ALA B 431 13.27 13.49 -14.14
CA ALA B 431 13.04 12.72 -15.34
C ALA B 431 12.76 11.26 -14.95
N VAL B 432 11.60 10.76 -15.35
CA VAL B 432 11.11 9.44 -14.97
C VAL B 432 11.94 8.41 -15.72
N PRO B 433 12.74 7.59 -15.05
CA PRO B 433 13.60 6.66 -15.76
C PRO B 433 12.79 5.67 -16.59
N VAL B 434 13.30 5.33 -17.77
CA VAL B 434 12.74 4.28 -18.62
C VAL B 434 13.89 3.34 -18.88
N VAL B 435 13.88 2.19 -18.23
CA VAL B 435 14.98 1.24 -18.28
C VAL B 435 14.66 0.13 -19.29
N LEU B 436 15.52 -0.01 -20.27
CA LEU B 436 15.41 -1.08 -21.27
C LEU B 436 16.28 -2.25 -20.84
N GLY B 437 15.65 -3.34 -20.39
CA GLY B 437 16.35 -4.52 -19.95
C GLY B 437 15.85 -4.94 -18.58
N GLU B 438 15.09 -6.03 -18.50
CA GLU B 438 14.60 -6.43 -17.19
C GLU B 438 15.63 -7.22 -16.37
N GLN B 439 16.76 -7.61 -16.96
CA GLN B 439 17.73 -8.43 -16.25
C GLN B 439 18.45 -7.66 -15.16
N VAL B 440 18.24 -6.34 -15.05
CA VAL B 440 19.01 -5.44 -14.20
C VAL B 440 18.47 -5.48 -12.77
N GLN B 441 19.40 -5.34 -11.81
CA GLN B 441 19.10 -5.22 -10.39
C GLN B 441 19.35 -3.79 -9.98
N LEU B 442 18.31 -3.03 -9.69
CA LEU B 442 18.44 -1.64 -9.34
C LEU B 442 18.75 -1.46 -7.85
N PRO B 443 19.36 -0.35 -7.47
CA PRO B 443 19.70 -0.15 -6.06
C PRO B 443 18.55 -0.44 -5.13
N TYR B 444 18.85 -1.15 -4.06
CA TYR B 444 17.91 -1.45 -2.98
C TYR B 444 16.69 -2.23 -3.46
N GLN B 445 16.82 -2.96 -4.56
CA GLN B 445 15.65 -3.53 -5.22
C GLN B 445 14.91 -4.53 -4.34
N ASP B 446 15.56 -5.12 -3.34
CA ASP B 446 14.87 -6.06 -2.44
C ASP B 446 13.80 -5.38 -1.59
N MET B 447 13.90 -4.06 -1.43
CA MET B 447 13.00 -3.33 -0.53
CA MET B 447 13.01 -3.33 -0.54
C MET B 447 12.10 -2.36 -1.26
N LEU B 448 12.54 -1.83 -2.38
CA LEU B 448 11.82 -0.79 -3.09
C LEU B 448 11.04 -1.36 -4.27
N GLN B 449 9.79 -0.93 -4.42
CA GLN B 449 8.99 -1.31 -5.58
C GLN B 449 9.28 -0.29 -6.67
N TRP B 450 10.32 -0.55 -7.46
CA TRP B 450 10.81 0.41 -8.43
C TRP B 450 9.79 0.74 -9.50
N ASN B 451 8.77 -0.08 -9.71
CA ASN B 451 7.86 0.17 -10.83
C ASN B 451 7.01 1.38 -10.57
N GLU B 452 6.90 1.79 -9.30
CA GLU B 452 6.27 3.03 -8.93
C GLU B 452 7.09 4.27 -9.29
N ALA B 453 8.38 4.15 -9.59
CA ALA B 453 9.19 5.31 -9.92
C ALA B 453 9.80 5.25 -11.30
N ALA B 454 9.84 4.08 -11.95
CA ALA B 454 10.48 3.90 -13.24
C ALA B 454 9.71 2.90 -14.07
N LEU B 455 9.75 3.06 -15.39
CA LEU B 455 9.20 2.08 -16.30
C LEU B 455 10.31 1.09 -16.64
N VAL B 456 10.15 -0.19 -16.29
CA VAL B 456 11.18 -1.19 -16.59
C VAL B 456 10.63 -2.15 -17.64
N VAL B 457 11.31 -2.22 -18.78
CA VAL B 457 10.71 -2.70 -20.03
C VAL B 457 11.69 -3.64 -20.75
N PRO B 458 11.23 -4.79 -21.21
CA PRO B 458 12.12 -5.68 -21.95
C PRO B 458 12.68 -5.01 -23.21
N LYS B 459 13.92 -5.34 -23.54
CA LYS B 459 14.49 -4.77 -24.76
C LYS B 459 13.68 -5.08 -26.01
N PRO B 460 13.00 -6.22 -26.14
CA PRO B 460 12.20 -6.45 -27.36
C PRO B 460 10.99 -5.57 -27.46
N ARG B 461 10.51 -5.00 -26.36
CA ARG B 461 9.37 -4.12 -26.46
C ARG B 461 9.77 -2.66 -26.78
N VAL B 462 11.01 -2.42 -27.23
CA VAL B 462 11.39 -1.06 -27.63
C VAL B 462 10.45 -0.51 -28.72
N THR B 463 9.91 -1.37 -29.56
CA THR B 463 9.04 -0.95 -30.65
C THR B 463 7.71 -0.43 -30.15
N GLU B 464 7.46 -0.47 -28.86
CA GLU B 464 6.22 -0.04 -28.26
C GLU B 464 6.44 1.04 -27.21
N VAL B 465 7.70 1.43 -26.99
CA VAL B 465 7.99 2.42 -25.96
C VAL B 465 7.32 3.75 -26.31
N HIS B 466 7.47 4.19 -27.55
CA HIS B 466 6.85 5.45 -27.93
C HIS B 466 5.35 5.45 -27.63
N PHE B 467 4.62 4.44 -28.11
CA PHE B 467 3.18 4.33 -27.80
C PHE B 467 2.94 4.41 -26.29
N LEU B 468 3.80 3.75 -25.52
CA LEU B 468 3.55 3.62 -24.08
C LEU B 468 3.76 4.94 -23.35
N LEU B 469 4.82 5.69 -23.69
CA LEU B 469 5.04 6.98 -23.05
C LEU B 469 3.90 7.96 -23.32
N ARG B 470 3.30 7.93 -24.51
CA ARG B 470 2.17 8.81 -24.78
C ARG B 470 0.91 8.39 -24.08
N SER B 471 0.83 7.13 -23.61
CA SER B 471 -0.45 6.66 -23.08
C SER B 471 -0.56 6.87 -21.57
N LEU B 472 0.49 7.34 -20.90
CA LEU B 472 0.38 7.55 -19.47
C LEU B 472 -0.32 8.87 -19.18
N SER B 473 -1.35 8.81 -18.35
CA SER B 473 -2.04 10.01 -17.95
C SER B 473 -1.12 10.93 -17.16
N ASP B 474 -1.58 12.18 -17.03
CA ASP B 474 -0.80 13.20 -16.34
C ASP B 474 -0.70 12.90 -14.85
N SER B 475 -1.80 12.52 -14.23
CA SER B 475 -1.74 12.24 -12.81
C SER B 475 -0.88 11.02 -12.52
N ASP B 476 -0.82 10.04 -13.45
CA ASP B 476 0.02 8.87 -13.19
C ASP B 476 1.50 9.23 -13.36
N LEU B 477 1.83 10.00 -14.37
CA LEU B 477 3.23 10.42 -14.55
C LEU B 477 3.69 11.25 -13.37
N LEU B 478 2.87 12.20 -12.93
CA LEU B 478 3.22 13.01 -11.76
C LEU B 478 3.43 12.14 -10.52
N ALA B 479 2.50 11.23 -10.23
CA ALA B 479 2.75 10.29 -9.12
C ALA B 479 4.08 9.55 -9.28
N MET B 480 4.49 9.16 -10.50
CA MET B 480 5.81 8.52 -10.61
C MET B 480 6.94 9.52 -10.33
N ARG B 481 6.80 10.77 -10.79
CA ARG B 481 7.82 11.78 -10.47
C ARG B 481 7.90 12.03 -8.96
N ARG B 482 6.76 12.17 -8.31
CA ARG B 482 6.76 12.41 -6.86
C ARG B 482 7.35 11.22 -6.08
N GLN B 483 7.22 10.00 -6.58
CA GLN B 483 7.76 8.83 -5.89
C GLN B 483 9.27 8.72 -6.11
N GLY B 484 9.74 9.00 -7.31
CA GLY B 484 11.18 9.10 -7.56
C GLY B 484 11.89 10.10 -6.65
N ARG B 485 11.26 11.22 -6.36
CA ARG B 485 11.88 12.21 -5.48
C ARG B 485 12.02 11.66 -4.06
N PHE B 486 10.94 11.08 -3.52
CA PHE B 486 10.99 10.37 -2.25
C PHE B 486 12.11 9.34 -2.23
N LEU B 487 12.19 8.50 -3.27
CA LEU B 487 13.24 7.47 -3.22
C LEU B 487 14.60 8.13 -3.26
N TRP B 488 14.78 9.09 -4.14
CA TRP B 488 16.10 9.68 -4.33
C TRP B 488 16.58 10.34 -3.04
N GLU B 489 15.75 11.16 -2.45
CA GLU B 489 16.13 11.91 -1.25
C GLU B 489 16.38 11.00 -0.06
N THR B 490 15.57 9.94 0.09
CA THR B 490 15.61 9.12 1.32
C THR B 490 16.78 8.14 1.27
N TYR B 491 17.08 7.57 0.08
CA TYR B 491 18.06 6.51 -0.01
C TYR B 491 19.30 6.78 -0.90
N PHE B 492 19.34 7.85 -1.67
CA PHE B 492 20.43 8.04 -2.65
C PHE B 492 21.28 9.27 -2.41
N SER B 493 20.68 10.34 -1.88
CA SER B 493 21.15 11.69 -2.08
C SER B 493 22.45 12.00 -1.37
N THR B 494 22.72 11.39 -0.22
CA THR B 494 23.91 11.75 0.54
C THR B 494 24.61 10.54 1.13
N ALA B 495 25.79 10.77 1.67
CA ALA B 495 26.49 9.71 2.37
C ALA B 495 25.65 9.18 3.55
N ASP B 496 24.95 10.07 4.23
CA ASP B 496 24.09 9.66 5.35
C ASP B 496 22.96 8.75 4.85
N SER B 497 22.27 9.17 3.78
CA SER B 497 21.25 8.35 3.16
C SER B 497 21.76 6.94 2.88
N ILE B 498 22.89 6.86 2.18
CA ILE B 498 23.42 5.57 1.74
C ILE B 498 23.73 4.69 2.95
N PHE B 499 24.48 5.24 3.91
CA PHE B 499 24.87 4.46 5.09
C PHE B 499 23.66 4.08 5.93
N ASN B 500 22.69 4.99 6.12
CA ASN B 500 21.47 4.62 6.84
C ASN B 500 20.75 3.45 6.14
N THR B 501 20.77 3.45 4.80
CA THR B 501 20.03 2.47 4.01
C THR B 501 20.65 1.10 4.10
N VAL B 502 21.98 1.03 3.98
CA VAL B 502 22.71 -0.24 4.16
C VAL B 502 22.41 -0.83 5.54
N LEU B 503 22.54 -0.02 6.59
CA LEU B 503 22.24 -0.51 7.93
C LEU B 503 20.79 -0.94 8.07
N ALA B 504 19.86 -0.14 7.55
CA ALA B 504 18.45 -0.49 7.72
C ALA B 504 18.07 -1.72 6.90
N MET B 505 18.77 -2.00 5.77
CA MET B 505 18.45 -3.19 4.99
C MET B 505 18.83 -4.45 5.77
N ILE B 506 20.06 -4.48 6.24
CA ILE B 506 20.53 -5.66 6.96
C ILE B 506 19.76 -5.84 8.25
N ARG B 507 19.50 -4.74 8.97
CA ARG B 507 18.72 -4.85 10.21
C ARG B 507 17.34 -5.40 9.93
N THR B 508 16.66 -4.91 8.88
CA THR B 508 15.30 -5.35 8.55
C THR B 508 15.28 -6.82 8.16
N ARG B 509 16.24 -7.26 7.34
CA ARG B 509 16.37 -8.65 6.95
C ARG B 509 16.57 -9.62 8.11
N ILE B 510 16.98 -9.13 9.28
CA ILE B 510 17.07 -10.01 10.44
C ILE B 510 16.08 -9.62 11.52
N GLN B 511 15.03 -8.95 11.10
CA GLN B 511 13.81 -8.79 11.91
CA GLN B 511 13.80 -8.78 11.88
C GLN B 511 13.99 -7.94 13.16
N ILE B 512 15.00 -7.06 13.19
CA ILE B 512 15.18 -6.19 14.38
C ILE B 512 14.62 -4.81 14.12
N PRO B 513 13.89 -4.21 15.07
CA PRO B 513 13.28 -2.90 14.82
C PRO B 513 14.30 -1.78 14.90
N ALA B 514 13.88 -0.63 14.39
CA ALA B 514 14.75 0.53 14.29
C ALA B 514 14.96 1.13 15.68
N ALA B 515 16.06 1.86 15.82
CA ALA B 515 16.29 2.62 17.04
C ALA B 515 15.11 3.59 17.28
N PRO B 516 14.71 3.80 18.53
CA PRO B 516 13.61 4.75 18.77
C PRO B 516 14.03 6.17 18.46
N ILE B 517 13.13 6.92 17.83
CA ILE B 517 13.41 8.31 17.52
C ILE B 517 13.55 9.06 18.84
N ARG B 518 14.39 10.08 18.87
CA ARG B 518 14.61 10.83 20.10
C ARG B 518 13.39 11.67 20.44
N GLU B 519 13.32 12.12 21.69
CA GLU B 519 12.33 13.10 22.05
C GLU B 519 13.00 14.30 22.69
N GLU B 520 12.16 15.27 23.09
CA GLU B 520 12.63 16.57 23.58
C GLU B 520 12.58 16.55 25.10
N ALA B 521 13.74 16.36 25.72
CA ALA B 521 13.82 16.33 27.17
C ALA B 521 13.43 17.69 27.71
N ALA B 522 12.35 17.72 28.45
CA ALA B 522 11.80 18.96 28.97
C ALA B 522 12.44 19.35 30.29
N ALA B 523 12.79 20.61 30.43
CA ALA B 523 13.23 21.16 31.70
C ALA B 523 12.01 21.84 32.33
N GLU B 524 11.36 21.16 33.30
CA GLU B 524 10.15 21.69 33.93
C GLU B 524 10.50 22.89 34.80
N ILE B 525 9.59 23.85 34.84
CA ILE B 525 9.78 25.06 35.64
C ILE B 525 8.84 25.01 36.82
N PRO B 526 9.28 24.62 38.01
CA PRO B 526 8.31 24.38 39.08
C PRO B 526 7.65 25.68 39.50
N HIS B 527 6.39 25.53 39.89
CA HIS B 527 5.52 26.66 40.17
C HIS B 527 4.56 26.23 41.27
N ARG B 528 3.79 27.19 41.78
CA ARG B 528 2.86 26.94 42.86
C ARG B 528 1.43 27.28 42.42
N SER B 529 0.49 26.44 42.83
CA SER B 529 -0.89 26.50 42.36
C SER B 529 -1.82 27.10 43.41
N GLY B 530 -2.96 27.63 42.95
CA GLY B 530 -3.97 28.19 43.82
C GLY B 530 -4.91 27.13 44.33
N LYS B 531 -6.08 27.56 44.80
CA LYS B 531 -7.07 26.63 45.38
C LYS B 531 -7.95 26.02 44.30
N GLU B 551 -14.45 9.53 33.64
CA GLU B 551 -14.71 10.83 34.26
C GLU B 551 -14.10 10.92 35.69
N THR B 552 -14.51 10.05 36.60
CA THR B 552 -14.06 10.14 38.00
C THR B 552 -12.66 9.54 38.23
N GLU B 553 -11.94 9.11 37.19
CA GLU B 553 -10.66 8.41 37.30
C GLU B 553 -9.46 9.37 37.15
N PRO B 554 -8.24 8.88 37.40
CA PRO B 554 -7.04 9.76 37.31
C PRO B 554 -6.29 9.57 36.00
N PRO B 555 -5.51 10.57 35.59
CA PRO B 555 -4.90 10.54 34.25
C PRO B 555 -4.29 9.18 33.87
N TYR B 556 -4.48 8.80 32.60
CA TYR B 556 -3.84 7.62 32.01
C TYR B 556 -3.13 7.95 30.70
N ALA B 557 -1.84 7.65 30.65
CA ALA B 557 -1.02 7.81 29.46
C ALA B 557 -1.36 6.77 28.39
N SER B 558 -1.03 7.13 27.10
CA SER B 558 -1.24 6.19 26.00
C SER B 558 -0.15 5.10 26.00
N PRO B 559 -0.53 3.82 25.76
CA PRO B 559 0.51 2.77 25.66
C PRO B 559 1.44 3.03 24.48
N ARG B 560 2.70 2.60 24.64
CA ARG B 560 3.78 2.93 23.73
CA ARG B 560 3.78 2.93 23.73
C ARG B 560 4.47 1.67 23.18
N TYR B 561 4.90 1.77 21.93
CA TYR B 561 5.73 0.75 21.29
C TYR B 561 5.11 -0.65 21.30
N LEU B 562 3.89 -0.77 20.77
CA LEU B 562 3.12 -2.02 20.77
C LEU B 562 3.29 -2.82 19.47
N ARG B 563 4.08 -2.33 18.53
CA ARG B 563 4.12 -2.87 17.19
C ARG B 563 5.53 -3.01 16.65
N ASN B 564 6.50 -3.42 17.48
CA ASN B 564 7.88 -3.34 17.01
C ASN B 564 8.15 -4.29 15.84
N PHE B 565 7.62 -5.50 15.94
CA PHE B 565 7.86 -6.49 14.88
C PHE B 565 6.98 -6.20 13.68
N THR B 566 5.73 -5.80 13.93
CA THR B 566 4.78 -5.56 12.85
C THR B 566 5.22 -4.39 11.98
N LEU B 567 5.68 -3.29 12.57
CA LEU B 567 6.10 -2.17 11.71
C LEU B 567 7.42 -2.45 10.98
N THR B 568 8.19 -3.41 11.43
CA THR B 568 9.47 -3.69 10.77
C THR B 568 9.36 -4.73 9.67
N VAL B 569 8.60 -5.79 9.91
CA VAL B 569 8.55 -6.97 9.02
C VAL B 569 7.19 -7.06 8.35
N THR B 570 6.11 -7.10 9.12
CA THR B 570 4.78 -7.29 8.55
C THR B 570 4.41 -6.19 7.59
N ASP B 571 4.65 -4.94 8.00
CA ASP B 571 4.35 -3.72 7.23
C ASP B 571 5.51 -3.29 6.35
N PHE B 572 6.27 -4.25 5.83
CA PHE B 572 7.44 -4.01 5.00
C PHE B 572 7.19 -3.06 3.84
N TYR B 573 6.08 -3.22 3.12
CA TYR B 573 5.93 -2.46 1.88
C TYR B 573 5.84 -0.97 2.19
N ARG B 574 4.89 -0.56 3.07
CA ARG B 574 4.73 0.86 3.40
C ARG B 574 5.96 1.40 4.11
N SER B 575 6.54 0.60 5.00
CA SER B 575 7.75 0.99 5.73
C SER B 575 8.81 1.61 4.81
N TRP B 576 8.99 1.03 3.62
CA TRP B 576 10.07 1.38 2.72
C TRP B 576 9.62 2.25 1.55
N ASN B 577 8.37 2.14 1.12
CA ASN B 577 7.94 2.77 -0.12
C ASN B 577 7.01 3.95 0.13
N ALA B 579 6.39 7.63 2.64
CA ALA B 579 7.10 8.57 3.51
C ALA B 579 6.59 8.26 4.88
N PRO B 580 7.44 8.38 5.91
CA PRO B 580 8.80 8.93 5.91
C PRO B 580 9.92 7.92 5.72
N GLY B 581 9.60 6.68 5.42
CA GLY B 581 10.66 5.70 5.34
C GLY B 581 10.91 4.92 6.63
N PRO B 582 11.94 4.06 6.62
CA PRO B 582 12.06 2.97 7.60
C PRO B 582 13.08 3.18 8.70
N PHE B 583 13.62 4.39 8.88
CA PHE B 583 14.81 4.57 9.72
C PHE B 583 14.52 4.74 11.20
N HIS B 584 13.32 5.11 11.57
CA HIS B 584 12.95 5.42 12.94
C HIS B 584 11.78 4.56 13.40
N LEU B 585 11.77 4.29 14.70
CA LEU B 585 10.65 3.66 15.38
C LEU B 585 9.98 4.70 16.26
N PHE B 586 8.70 4.89 16.06
CA PHE B 586 7.94 5.86 16.81
C PHE B 586 7.11 5.17 17.89
N PRO B 587 6.80 5.89 18.97
CA PRO B 587 5.99 5.29 20.04
C PRO B 587 4.63 4.88 19.58
N HIS B 588 4.11 5.58 18.59
CA HIS B 588 2.80 5.21 18.08
C HIS B 588 2.58 5.99 16.79
N THR B 589 1.62 5.54 15.99
CA THR B 589 1.37 6.24 14.74
C THR B 589 -0.13 6.37 14.54
N PRO B 590 -0.57 7.21 13.61
CA PRO B 590 -2.00 7.30 13.30
C PRO B 590 -2.49 6.26 12.31
N PHE B 591 -1.62 5.34 11.87
CA PHE B 591 -1.96 4.33 10.88
C PHE B 591 -2.12 2.92 11.49
N ASP B 592 -2.21 2.82 12.81
CA ASP B 592 -2.48 1.52 13.46
C ASP B 592 -3.81 0.98 12.93
N PRO B 593 -3.87 -0.30 12.53
CA PRO B 593 -5.14 -0.83 12.02
C PRO B 593 -6.22 -0.95 13.10
N VAL B 594 -7.44 -0.79 12.69
CA VAL B 594 -8.59 -0.76 13.56
C VAL B 594 -9.14 -2.18 13.66
N LEU B 595 -9.68 -2.52 14.84
CA LEU B 595 -10.32 -3.82 15.07
C LEU B 595 -11.70 -3.83 14.41
N PRO B 596 -12.10 -4.95 13.82
CA PRO B 596 -13.48 -5.04 13.36
C PRO B 596 -14.42 -4.91 14.54
N SER B 597 -15.61 -4.35 14.27
CA SER B 597 -16.38 -3.75 15.36
C SER B 597 -16.98 -4.79 16.31
N GLU B 598 -17.03 -6.09 15.95
CA GLU B 598 -17.45 -7.08 16.95
C GLU B 598 -16.33 -7.48 17.92
N ALA B 599 -15.07 -7.15 17.65
CA ALA B 599 -14.01 -7.65 18.50
C ALA B 599 -14.06 -7.07 19.90
N LYS B 600 -14.55 -5.84 20.08
CA LYS B 600 -14.64 -5.31 21.46
C LYS B 600 -15.62 -6.09 22.33
N PHE B 601 -16.58 -6.82 21.74
CA PHE B 601 -17.57 -7.55 22.51
C PHE B 601 -17.18 -9.00 22.70
N LEU B 602 -16.26 -9.49 21.86
CA LEU B 602 -15.87 -10.88 21.77
C LEU B 602 -14.39 -11.09 22.09
N GLY B 603 -13.87 -10.37 23.07
CA GLY B 603 -12.60 -10.71 23.68
C GLY B 603 -11.51 -9.69 23.58
N SER B 604 -11.70 -8.57 22.86
CA SER B 604 -10.67 -7.54 22.68
C SER B 604 -11.09 -6.17 23.21
N GLY B 605 -12.01 -6.17 24.17
CA GLY B 605 -12.67 -4.97 24.61
C GLY B 605 -11.92 -4.13 25.60
N THR B 606 -10.67 -4.46 25.91
CA THR B 606 -9.99 -3.60 26.87
C THR B 606 -10.01 -2.15 26.40
N GLY B 607 -10.47 -1.26 27.28
CA GLY B 607 -10.48 0.17 27.01
C GLY B 607 -11.66 0.70 26.20
N PHE B 608 -12.41 -0.16 25.51
CA PHE B 608 -13.53 0.31 24.68
C PHE B 608 -14.71 0.79 25.53
N ARG B 609 -15.37 1.86 25.09
CA ARG B 609 -16.52 2.43 25.79
C ARG B 609 -17.65 2.68 24.79
N PRO B 610 -18.29 1.63 24.30
CA PRO B 610 -19.34 1.82 23.29
C PRO B 610 -20.57 2.51 23.87
N ILE B 611 -21.21 3.31 23.02
CA ILE B 611 -22.42 4.02 23.39
C ILE B 611 -23.52 3.02 23.71
N GLY B 612 -24.18 3.21 24.85
CA GLY B 612 -25.25 2.31 25.26
C GLY B 612 -24.82 0.87 25.34
N GLY B 613 -23.57 0.60 25.65
CA GLY B 613 -23.07 -0.76 25.71
C GLY B 613 -23.12 -1.54 24.41
N GLY B 614 -23.33 -0.85 23.28
CA GLY B 614 -23.46 -1.53 21.99
C GLY B 614 -24.85 -1.57 21.41
N ALA B 615 -25.84 -1.04 22.12
CA ALA B 615 -27.17 -0.78 21.59
C ALA B 615 -27.24 0.59 20.95
N GLY B 616 -26.36 1.49 21.36
CA GLY B 616 -26.39 2.82 20.82
C GLY B 616 -27.37 3.72 21.53
N GLY B 617 -27.82 4.71 20.82
CA GLY B 617 -28.82 5.59 21.36
C GLY B 617 -28.66 6.99 20.80
N SER B 618 -29.20 7.92 21.55
CA SER B 618 -29.31 9.33 21.22
C SER B 618 -28.42 10.08 22.21
N GLY B 619 -28.67 11.39 22.36
CA GLY B 619 -27.66 12.27 22.96
C GLY B 619 -27.30 11.94 24.39
N LYS B 620 -28.22 11.33 25.14
CA LYS B 620 -27.97 11.00 26.53
C LYS B 620 -26.80 10.02 26.64
N GLU B 621 -26.97 8.86 26.00
CA GLU B 621 -25.96 7.80 25.95
C GLU B 621 -24.65 8.29 25.29
N PHE B 622 -24.77 9.09 24.22
CA PHE B 622 -23.63 9.60 23.49
C PHE B 622 -22.70 10.43 24.36
N GLN B 623 -23.25 11.11 25.36
CA GLN B 623 -22.41 11.95 26.21
C GLN B 623 -21.74 11.13 27.29
N ALA B 624 -22.21 9.92 27.51
CA ALA B 624 -21.71 9.04 28.55
C ALA B 624 -20.52 8.20 28.11
N ALA B 625 -20.22 8.15 26.82
CA ALA B 625 -19.25 7.19 26.29
C ALA B 625 -18.60 7.75 25.04
N LEU B 626 -17.27 7.68 24.98
CA LEU B 626 -16.56 8.08 23.78
C LEU B 626 -17.05 7.28 22.57
N GLY B 627 -17.36 6.01 22.75
CA GLY B 627 -17.66 5.10 21.63
C GLY B 627 -16.57 5.19 20.56
N GLY B 628 -16.98 4.93 19.32
CA GLY B 628 -15.99 4.98 18.23
C GLY B 628 -15.49 3.59 17.86
N ASN B 629 -14.40 3.57 17.09
CA ASN B 629 -13.79 2.33 16.68
C ASN B 629 -12.46 2.02 17.38
N VAL B 630 -12.05 2.81 18.35
CA VAL B 630 -10.79 2.61 19.06
C VAL B 630 -10.99 2.73 20.56
N PRO B 631 -10.13 2.09 21.35
CA PRO B 631 -10.21 2.18 22.81
C PRO B 631 -10.12 3.62 23.28
N ARG B 632 -10.60 3.83 24.50
CA ARG B 632 -10.64 5.19 25.01
C ARG B 632 -9.22 5.70 25.21
N GLU B 633 -9.09 7.01 25.29
CA GLU B 633 -7.79 7.62 25.49
C GLU B 633 -8.06 9.05 25.90
N GLN B 634 -6.99 9.75 26.23
CA GLN B 634 -7.03 11.15 26.64
C GLN B 634 -6.17 12.02 25.73
N PHE B 635 -6.31 13.33 25.91
CA PHE B 635 -5.53 14.28 25.15
C PHE B 635 -4.81 15.23 26.08
N THR B 636 -3.72 15.77 25.55
CA THR B 636 -2.86 16.73 26.18
C THR B 636 -3.00 18.07 25.48
N VAL B 637 -3.27 19.13 26.24
CA VAL B 637 -3.21 20.47 25.68
C VAL B 637 -1.77 20.95 25.66
N VAL B 638 -1.31 21.41 24.50
CA VAL B 638 -0.05 22.11 24.38
C VAL B 638 -0.37 23.57 24.06
N MET B 639 0.18 24.49 24.85
CA MET B 639 -0.23 25.89 24.77
C MET B 639 1.01 26.76 24.78
N LEU B 640 1.24 27.47 23.67
CA LEU B 640 2.42 28.32 23.50
C LEU B 640 2.14 29.69 24.11
N THR B 641 3.16 30.27 24.76
CA THR B 641 2.97 31.57 25.37
C THR B 641 4.27 32.35 25.35
N TYR B 642 4.12 33.66 25.41
CA TYR B 642 5.24 34.59 25.29
C TYR B 642 4.71 35.93 25.79
N GLU B 643 5.21 36.39 26.92
CA GLU B 643 4.95 37.76 27.38
C GLU B 643 3.46 38.09 27.39
N ARG B 644 2.64 37.18 27.88
CA ARG B 644 1.21 37.42 27.99
C ARG B 644 0.69 36.84 29.30
N GLU B 645 1.38 37.18 30.39
CA GLU B 645 1.23 36.40 31.61
C GLU B 645 -0.22 36.35 32.08
N GLU B 646 -0.96 37.45 31.91
CA GLU B 646 -2.31 37.52 32.47
C GLU B 646 -3.32 36.73 31.64
N VAL B 647 -3.20 36.75 30.32
CA VAL B 647 -4.15 36.00 29.49
C VAL B 647 -3.95 34.51 29.67
N LEU B 648 -2.69 34.09 29.82
CA LEU B 648 -2.37 32.68 30.00
C LEU B 648 -3.14 32.10 31.17
N MET B 649 -3.04 32.74 32.35
CA MET B 649 -3.69 32.19 33.53
C MET B 649 -5.18 32.02 33.28
N ASN B 650 -5.76 32.94 32.52
CA ASN B 650 -7.20 32.88 32.31
C ASN B 650 -7.59 31.79 31.31
N SER B 651 -6.76 31.55 30.28
CA SER B 651 -7.12 30.47 29.36
C SER B 651 -6.88 29.12 30.01
N LEU B 652 -5.83 29.00 30.86
CA LEU B 652 -5.64 27.80 31.68
C LEU B 652 -6.87 27.50 32.52
N GLU B 653 -7.51 28.52 33.04
CA GLU B 653 -8.67 28.31 33.88
C GLU B 653 -9.91 27.93 33.07
N ARG B 654 -9.98 28.30 31.79
CA ARG B 654 -11.07 27.77 30.96
C ARG B 654 -10.98 26.24 30.85
N LEU B 655 -9.79 25.67 31.03
CA LEU B 655 -9.60 24.23 30.88
C LEU B 655 -10.08 23.44 32.09
N ASN B 656 -10.22 24.06 33.25
CA ASN B 656 -10.72 23.34 34.42
C ASN B 656 -12.02 22.65 34.08
N GLY B 657 -12.10 21.36 34.37
CA GLY B 657 -13.31 20.60 34.15
C GLY B 657 -13.44 19.90 32.80
N LEU B 658 -12.47 20.06 31.90
CA LEU B 658 -12.55 19.47 30.54
C LEU B 658 -12.49 17.96 30.61
N PRO B 659 -13.49 17.22 30.12
CA PRO B 659 -13.35 15.75 30.11
C PRO B 659 -12.13 15.25 29.33
N TYR B 660 -11.62 14.11 29.76
CA TYR B 660 -10.56 13.40 29.03
C TYR B 660 -9.28 14.21 28.89
N LEU B 661 -9.08 15.27 29.66
CA LEU B 661 -7.81 15.99 29.62
C LEU B 661 -6.78 15.29 30.51
N ASN B 662 -5.61 14.99 29.95
CA ASN B 662 -4.55 14.30 30.68
C ASN B 662 -3.69 15.29 31.45
N LYS B 663 -3.32 16.39 30.79
CA LYS B 663 -2.46 17.41 31.39
C LYS B 663 -2.34 18.56 30.40
N VAL B 664 -1.77 19.67 30.88
CA VAL B 664 -1.52 20.85 30.07
C VAL B 664 -0.03 21.14 30.10
N VAL B 665 0.61 21.09 28.93
CA VAL B 665 2.01 21.46 28.75
C VAL B 665 2.07 22.89 28.23
N VAL B 666 2.73 23.75 28.97
CA VAL B 666 2.81 25.16 28.63
C VAL B 666 4.21 25.41 28.13
N VAL B 667 4.33 25.77 26.85
CA VAL B 667 5.64 26.02 26.26
C VAL B 667 5.98 27.49 26.49
N TRP B 668 6.95 27.74 27.36
CA TRP B 668 7.26 29.08 27.84
C TRP B 668 8.36 29.64 26.96
N ASN B 669 7.95 30.43 25.95
CA ASN B 669 8.90 30.89 24.95
C ASN B 669 9.60 32.20 25.30
N SER B 670 9.13 32.94 26.33
CA SER B 670 9.78 34.19 26.74
C SER B 670 11.14 33.94 27.40
N PRO B 671 12.16 34.77 27.12
CA PRO B 671 13.48 34.56 27.73
C PRO B 671 13.54 34.87 29.23
N LYS B 672 12.53 35.53 29.79
CA LYS B 672 12.52 35.83 31.22
C LYS B 672 11.65 34.81 31.93
N LEU B 673 12.22 34.14 32.94
CA LEU B 673 11.49 33.06 33.58
C LEU B 673 10.22 33.63 34.20
N PRO B 674 9.24 32.79 34.49
CA PRO B 674 8.07 33.28 35.21
C PRO B 674 8.53 33.90 36.51
N SER B 675 7.68 34.78 37.05
CA SER B 675 7.94 35.44 38.32
C SER B 675 7.68 34.49 39.48
N GLU B 676 8.60 34.47 40.46
CA GLU B 676 8.51 33.48 41.53
C GLU B 676 7.19 33.56 42.28
N ASP B 677 6.60 34.74 42.38
CA ASP B 677 5.37 34.92 43.16
C ASP B 677 4.12 34.75 42.29
N LEU B 678 4.07 33.67 41.55
CA LEU B 678 3.00 33.48 40.58
C LEU B 678 2.08 32.39 41.11
N LEU B 679 0.78 32.68 41.13
CA LEU B 679 -0.20 31.65 41.49
C LEU B 679 -0.92 31.20 40.23
N TRP B 680 -0.53 30.02 39.75
CA TRP B 680 -1.21 29.36 38.64
C TRP B 680 -2.49 28.74 39.16
N PRO B 681 -3.51 28.65 38.32
CA PRO B 681 -4.74 27.99 38.75
C PRO B 681 -4.55 26.49 38.96
N ASP B 682 -5.47 25.92 39.73
CA ASP B 682 -5.53 24.48 39.92
C ASP B 682 -6.69 23.95 39.10
N ILE B 683 -6.41 23.27 38.00
CA ILE B 683 -7.47 22.89 37.07
C ILE B 683 -7.87 21.44 37.20
N GLY B 684 -7.35 20.72 38.19
CA GLY B 684 -7.68 19.32 38.39
C GLY B 684 -6.73 18.35 37.73
N VAL B 685 -5.78 18.83 36.94
CA VAL B 685 -4.75 18.01 36.31
C VAL B 685 -3.43 18.77 36.36
N PRO B 686 -2.32 18.09 36.14
CA PRO B 686 -1.03 18.75 36.25
C PRO B 686 -0.87 19.81 35.18
N ILE B 687 -0.05 20.82 35.44
CA ILE B 687 0.27 21.86 34.46
C ILE B 687 1.79 21.93 34.37
N MET B 688 2.38 21.34 33.33
CA MET B 688 3.82 21.31 33.20
C MET B 688 4.28 22.52 32.40
N VAL B 689 5.21 23.30 32.94
CA VAL B 689 5.68 24.50 32.28
C VAL B 689 7.11 24.26 31.86
N VAL B 690 7.34 24.15 30.55
CA VAL B 690 8.63 23.70 30.05
C VAL B 690 9.41 24.89 29.55
N ARG B 691 10.71 24.85 29.74
CA ARG B 691 11.61 25.90 29.34
C ARG B 691 12.18 25.65 27.95
N THR B 692 12.34 26.72 27.17
CA THR B 692 12.82 26.65 25.79
C THR B 692 14.20 27.30 25.64
N GLU B 693 15.14 26.62 24.98
CA GLU B 693 16.48 27.16 24.80
C GLU B 693 16.48 28.43 23.94
N LYS B 694 15.44 28.66 23.14
CA LYS B 694 15.31 29.85 22.30
C LYS B 694 13.84 30.12 22.09
N ASN B 695 13.54 31.23 21.43
CA ASN B 695 12.13 31.59 21.21
C ASN B 695 11.71 31.35 19.76
N SER B 696 11.01 30.25 19.53
CA SER B 696 10.67 29.79 18.19
C SER B 696 9.21 29.37 18.19
N LEU B 697 8.55 29.54 17.05
CA LEU B 697 7.22 28.98 16.92
C LEU B 697 7.29 27.48 16.69
N ASN B 698 8.43 27.01 16.20
CA ASN B 698 8.65 25.58 16.04
C ASN B 698 8.51 24.83 17.34
N ASN B 699 8.65 25.53 18.48
CA ASN B 699 8.64 24.87 19.77
C ASN B 699 7.28 24.35 20.14
N ARG B 700 6.22 24.81 19.49
CA ARG B 700 4.93 24.19 19.79
C ARG B 700 4.79 22.81 19.18
N PHE B 701 5.73 22.39 18.31
CA PHE B 701 5.67 21.11 17.61
C PHE B 701 6.82 20.20 18.00
N LEU B 702 7.61 20.56 19.01
CA LEU B 702 8.61 19.66 19.55
C LEU B 702 7.92 18.52 20.31
N PRO B 703 8.43 17.28 20.21
CA PRO B 703 7.83 16.13 20.93
C PRO B 703 8.30 16.05 22.39
N TRP B 704 7.79 16.96 23.21
CA TRP B 704 8.14 16.98 24.63
C TRP B 704 7.86 15.62 25.23
N ASN B 705 8.83 15.12 25.99
CA ASN B 705 8.61 13.88 26.70
C ASN B 705 7.52 14.00 27.75
N GLU B 706 7.00 15.21 28.02
CA GLU B 706 5.84 15.31 28.91
C GLU B 706 4.51 14.99 28.22
N ILE B 707 4.47 14.96 26.90
CA ILE B 707 3.24 14.59 26.21
C ILE B 707 3.11 13.07 26.26
N GLU B 708 2.18 12.57 27.08
CA GLU B 708 2.00 11.15 27.34
C GLU B 708 0.84 10.53 26.56
N THR B 709 0.23 11.29 25.66
CA THR B 709 -0.88 10.81 24.86
C THR B 709 -0.53 10.77 23.38
N GLU B 710 -1.39 10.13 22.60
CA GLU B 710 -1.30 10.25 21.15
C GLU B 710 -1.89 11.60 20.69
N ALA B 711 -3.08 11.96 21.22
CA ALA B 711 -3.77 13.19 20.79
C ALA B 711 -3.14 14.44 21.40
N ILE B 712 -2.91 15.46 20.58
CA ILE B 712 -2.54 16.79 21.05
C ILE B 712 -3.60 17.81 20.65
N LEU B 713 -4.04 18.65 21.59
CA LEU B 713 -4.88 19.82 21.26
C LEU B 713 -3.94 21.00 21.29
N SER B 714 -3.52 21.45 20.11
CA SER B 714 -2.60 22.58 19.97
C SER B 714 -3.43 23.85 20.09
N ILE B 715 -3.07 24.74 21.01
CA ILE B 715 -3.92 25.89 21.27
C ILE B 715 -3.04 27.07 21.66
N ASP B 716 -3.31 28.21 21.02
CA ASP B 716 -2.59 29.42 21.37
C ASP B 716 -3.03 29.87 22.77
N ASP B 717 -2.18 30.69 23.41
CA ASP B 717 -2.54 31.22 24.74
C ASP B 717 -3.77 32.13 24.69
N ASP B 718 -4.22 32.61 23.52
CA ASP B 718 -5.41 33.46 23.42
C ASP B 718 -6.59 32.82 22.68
N ALA B 719 -6.74 31.50 22.74
CA ALA B 719 -7.87 30.86 22.08
C ALA B 719 -9.00 30.57 23.05
N HIS B 720 -10.19 30.78 22.59
CA HIS B 720 -11.38 30.51 23.35
C HIS B 720 -12.07 29.40 22.60
N LEU B 721 -11.87 28.18 23.07
CA LEU B 721 -12.71 27.06 22.68
C LEU B 721 -13.60 26.75 23.86
N ARG B 722 -14.89 26.54 23.58
CA ARG B 722 -15.82 26.02 24.56
C ARG B 722 -15.51 24.53 24.81
N HIS B 723 -16.11 23.99 25.86
CA HIS B 723 -15.88 22.59 26.16
C HIS B 723 -16.55 21.68 25.15
N ASP B 724 -17.74 22.04 24.68
CA ASP B 724 -18.42 21.18 23.70
C ASP B 724 -17.62 21.15 22.39
N GLU B 725 -17.09 22.30 21.97
CA GLU B 725 -16.29 22.32 20.76
C GLU B 725 -15.13 21.36 20.88
N ILE B 726 -14.38 21.43 21.99
CA ILE B 726 -13.26 20.52 22.21
C ILE B 726 -13.71 19.04 22.19
N MET B 727 -14.85 18.72 22.80
CA MET B 727 -15.24 17.32 22.87
C MET B 727 -15.65 16.77 21.52
N PHE B 728 -16.34 17.57 20.70
CA PHE B 728 -16.70 17.11 19.35
C PHE B 728 -15.46 17.05 18.47
N GLY B 729 -14.53 18.00 18.62
CA GLY B 729 -13.28 17.92 17.87
C GLY B 729 -12.47 16.69 18.24
N PHE B 730 -12.39 16.39 19.54
CA PHE B 730 -11.65 15.22 19.98
C PHE B 730 -12.27 13.96 19.40
N ARG B 731 -13.59 13.89 19.37
CA ARG B 731 -14.26 12.73 18.82
C ARG B 731 -14.07 12.60 17.31
N VAL B 732 -13.99 13.73 16.59
CA VAL B 732 -13.76 13.62 15.15
C VAL B 732 -12.36 13.07 14.92
N TRP B 733 -11.37 13.64 15.61
CA TRP B 733 -9.99 13.19 15.44
C TRP B 733 -9.84 11.68 15.72
N ARG B 734 -10.56 11.14 16.72
CA ARG B 734 -10.41 9.73 17.08
C ARG B 734 -10.79 8.81 15.93
N GLU B 735 -11.53 9.36 14.97
CA GLU B 735 -11.98 8.69 13.76
C GLU B 735 -11.22 9.17 12.51
N ALA B 736 -10.30 10.10 12.68
CA ALA B 736 -9.54 10.71 11.59
C ALA B 736 -8.14 11.02 12.12
N ARG B 737 -7.45 9.97 12.57
CA ARG B 737 -6.27 10.13 13.42
C ARG B 737 -5.05 10.65 12.68
N ASP B 738 -5.04 10.55 11.33
CA ASP B 738 -3.93 11.01 10.48
C ASP B 738 -4.08 12.45 9.99
N ARG B 739 -5.15 13.17 10.38
CA ARG B 739 -5.47 14.49 9.85
C ARG B 739 -5.34 15.57 10.92
N ILE B 740 -5.21 16.80 10.44
CA ILE B 740 -5.44 17.98 11.27
C ILE B 740 -6.94 18.23 11.35
N VAL B 741 -7.48 18.20 12.56
CA VAL B 741 -8.90 18.32 12.84
C VAL B 741 -9.03 19.52 13.76
N GLY B 742 -9.77 20.54 13.32
CA GLY B 742 -9.69 21.85 13.97
C GLY B 742 -10.79 22.81 13.53
N PHE B 743 -10.66 24.05 13.99
CA PHE B 743 -11.72 25.05 13.87
C PHE B 743 -11.45 26.13 12.84
N PRO B 744 -10.23 26.72 12.79
CA PRO B 744 -9.99 27.83 11.86
C PRO B 744 -9.63 27.49 10.42
N GLY B 745 -10.62 27.48 9.51
CA GLY B 745 -10.35 27.15 8.09
C GLY B 745 -9.82 28.33 7.25
N ARG B 746 -8.90 27.99 6.36
CA ARG B 746 -8.20 28.91 5.48
C ARG B 746 -7.92 28.18 4.18
N TYR B 747 -7.43 28.93 3.19
CA TYR B 747 -7.17 28.29 1.91
C TYR B 747 -6.08 29.03 1.17
N HIS B 748 -5.51 28.34 0.19
CA HIS B 748 -4.49 28.87 -0.70
C HIS B 748 -5.18 29.24 -2.02
N ALA B 749 -4.95 30.48 -2.49
CA ALA B 749 -5.64 30.98 -3.67
C ALA B 749 -4.64 31.26 -4.79
N TRP B 750 -5.00 30.89 -6.01
CA TRP B 750 -4.06 31.09 -7.12
C TRP B 750 -4.04 32.56 -7.54
N ASP B 751 -2.84 33.11 -7.65
CA ASP B 751 -2.62 34.49 -8.10
C ASP B 751 -2.51 34.41 -9.62
N ILE B 752 -3.61 34.69 -10.30
CA ILE B 752 -3.72 34.39 -11.73
C ILE B 752 -2.62 35.08 -12.55
N PRO B 753 -2.36 36.39 -12.39
CA PRO B 753 -1.31 37.01 -13.21
C PRO B 753 0.11 36.58 -12.88
N HIS B 754 0.46 36.37 -11.60
CA HIS B 754 1.84 36.01 -11.30
C HIS B 754 2.10 34.49 -11.23
N GLN B 755 1.10 33.67 -11.52
CA GLN B 755 1.26 32.20 -11.58
C GLN B 755 1.98 31.64 -10.34
N SER B 756 1.35 31.89 -9.18
CA SER B 756 1.92 31.61 -7.86
C SER B 756 0.77 31.68 -6.85
N TRP B 757 1.09 31.40 -5.59
CA TRP B 757 0.04 31.18 -4.59
C TRP B 757 -0.09 32.36 -3.65
N LEU B 758 -1.27 32.44 -3.03
CA LEU B 758 -1.55 33.43 -2.01
C LEU B 758 -2.29 32.81 -0.83
N TYR B 759 -1.95 33.29 0.38
CA TYR B 759 -2.74 33.00 1.58
C TYR B 759 -4.02 33.81 1.58
N ASN B 760 -5.13 33.17 1.91
CA ASN B 760 -6.43 33.82 1.91
C ASN B 760 -7.24 33.32 3.10
N SER B 761 -7.76 34.25 3.92
CA SER B 761 -8.55 33.94 5.11
C SER B 761 -10.02 34.38 5.03
N ASN B 762 -10.46 34.90 3.89
CA ASN B 762 -11.85 35.26 3.72
C ASN B 762 -12.77 34.11 4.07
N TYR B 763 -14.02 34.42 4.34
CA TYR B 763 -15.08 33.43 4.32
C TYR B 763 -15.09 32.74 2.97
N SER B 764 -15.22 31.41 3.00
CA SER B 764 -15.07 30.62 1.81
C SER B 764 -15.88 29.35 1.87
N CYS B 765 -16.30 28.88 0.70
CA CYS B 765 -16.96 27.59 0.58
C CYS B 765 -16.00 26.45 0.31
N GLU B 766 -14.70 26.70 0.28
CA GLU B 766 -13.71 25.68 -0.04
C GLU B 766 -12.47 25.94 0.81
N LEU B 767 -11.98 24.92 1.52
CA LEU B 767 -10.89 25.07 2.46
C LEU B 767 -9.78 24.08 2.11
N SER B 768 -8.58 24.42 2.55
CA SER B 768 -7.40 23.60 2.33
C SER B 768 -6.46 23.56 3.53
N MET B 769 -6.70 24.33 4.59
CA MET B 769 -5.82 24.38 5.75
C MET B 769 -6.67 24.51 7.01
N VAL B 770 -6.17 23.95 8.10
CA VAL B 770 -6.68 24.20 9.45
C VAL B 770 -5.49 24.68 10.28
N LEU B 771 -5.64 25.84 10.86
CA LEU B 771 -4.54 26.44 11.57
C LEU B 771 -4.36 25.72 12.90
N THR B 772 -3.12 25.44 13.25
CA THR B 772 -2.87 24.70 14.47
C THR B 772 -2.97 25.55 15.73
N GLY B 773 -3.31 26.83 15.61
CA GLY B 773 -3.68 27.60 16.78
C GLY B 773 -4.94 27.08 17.48
N ALA B 774 -5.65 26.14 16.87
CA ALA B 774 -6.79 25.50 17.52
C ALA B 774 -7.18 24.24 16.75
N ALA B 775 -6.41 23.16 16.94
CA ALA B 775 -6.64 21.94 16.20
C ALA B 775 -6.07 20.76 16.98
N PHE B 776 -6.65 19.59 16.74
CA PHE B 776 -6.07 18.34 17.19
C PHE B 776 -5.16 17.78 16.11
N PHE B 777 -4.02 17.24 16.52
CA PHE B 777 -3.23 16.38 15.65
C PHE B 777 -2.51 15.32 16.49
N HIS B 778 -2.04 14.28 15.83
CA HIS B 778 -1.27 13.19 16.45
C HIS B 778 0.16 13.61 16.74
N LYS B 779 0.68 13.15 17.90
CA LYS B 779 2.04 13.52 18.30
C LYS B 779 3.09 13.02 17.31
N TYR B 780 2.82 11.91 16.65
CA TYR B 780 3.68 11.46 15.54
C TYR B 780 4.13 12.61 14.64
N TYR B 781 3.27 13.54 14.30
CA TYR B 781 3.68 14.59 13.36
C TYR B 781 4.56 15.66 14.03
N ALA B 782 4.59 15.72 15.37
CA ALA B 782 5.57 16.56 16.04
C ALA B 782 6.98 16.02 15.85
N TYR B 783 7.14 14.68 15.90
CA TYR B 783 8.44 14.07 15.66
C TYR B 783 8.90 14.35 14.24
N LEU B 784 7.97 14.24 13.28
CA LEU B 784 8.28 14.47 11.88
C LEU B 784 8.61 15.94 11.63
N TYR B 785 7.78 16.85 12.17
CA TYR B 785 7.98 18.27 11.98
C TYR B 785 9.33 18.70 12.52
N SER B 786 9.74 18.13 13.65
CA SER B 786 10.93 18.61 14.36
C SER B 786 12.21 17.97 13.84
N TYR B 787 12.14 16.71 13.45
CA TYR B 787 13.35 15.95 13.24
C TYR B 787 13.52 15.35 11.85
N VAL B 788 12.51 15.40 10.99
CA VAL B 788 12.62 14.77 9.69
C VAL B 788 12.37 15.76 8.55
N MET B 789 11.41 16.66 8.73
CA MET B 789 11.09 17.69 7.76
C MET B 789 12.32 18.53 7.47
N PRO B 790 12.49 19.01 6.23
CA PRO B 790 13.69 19.77 5.89
C PRO B 790 13.95 20.95 6.82
N GLN B 791 15.21 21.16 7.16
CA GLN B 791 15.61 22.30 7.98
C GLN B 791 15.19 23.65 7.37
N ALA B 792 15.27 23.80 6.05
CA ALA B 792 14.98 25.11 5.45
C ALA B 792 13.61 25.62 5.82
N ILE B 793 12.64 24.72 6.06
CA ILE B 793 11.30 25.17 6.42
C ILE B 793 11.27 25.75 7.84
N ARG B 794 11.93 25.07 8.78
CA ARG B 794 11.98 25.60 10.13
C ARG B 794 12.84 26.88 10.18
N ASP B 795 13.84 26.97 9.31
CA ASP B 795 14.62 28.19 9.24
C ASP B 795 13.74 29.37 8.85
N MET B 796 12.89 29.19 7.84
CA MET B 796 12.07 30.31 7.41
C MET B 796 11.08 30.70 8.50
N VAL B 797 10.50 29.72 9.20
CA VAL B 797 9.55 30.03 10.27
C VAL B 797 10.22 30.89 11.34
N ASP B 798 11.51 30.65 11.60
CA ASP B 798 12.23 31.43 12.60
C ASP B 798 12.58 32.83 12.09
N GLU B 799 12.91 32.95 10.80
CA GLU B 799 13.24 34.23 10.19
C GLU B 799 12.10 35.22 10.31
N TYR B 800 10.88 34.84 9.91
CA TYR B 800 9.71 35.71 9.91
C TYR B 800 8.88 35.62 11.18
N ILE B 801 9.22 34.73 12.10
CA ILE B 801 8.38 34.43 13.25
C ILE B 801 6.92 34.28 12.80
N ASN B 802 6.69 33.33 11.90
CA ASN B 802 5.40 33.20 11.21
C ASN B 802 5.38 31.84 10.51
N CYS B 803 4.18 31.32 10.29
CA CYS B 803 3.92 30.30 9.29
C CYS B 803 4.14 28.85 9.76
N GLU B 804 4.19 28.63 11.06
CA GLU B 804 4.36 27.26 11.52
C GLU B 804 3.10 26.46 11.23
N ASP B 805 1.93 27.11 11.20
CA ASP B 805 0.71 26.39 10.88
C ASP B 805 0.59 26.10 9.38
N ILE B 806 1.17 26.93 8.53
CA ILE B 806 1.12 26.57 7.12
C ILE B 806 2.07 25.41 6.87
N ALA B 807 3.19 25.34 7.59
CA ALA B 807 4.16 24.29 7.39
C ALA B 807 3.61 22.94 7.81
N MET B 808 2.84 22.90 8.88
CA MET B 808 2.34 21.64 9.38
C MET B 808 1.21 21.15 8.52
N ASN B 809 0.42 22.07 7.96
CA ASN B 809 -0.57 21.64 6.97
C ASN B 809 0.11 21.06 5.72
N PHE B 810 1.24 21.65 5.32
CA PHE B 810 1.97 21.11 4.17
C PHE B 810 2.47 19.70 4.48
N LEU B 811 3.01 19.49 5.68
CA LEU B 811 3.59 18.20 6.04
C LEU B 811 2.53 17.10 6.06
N VAL B 812 1.41 17.36 6.75
CA VAL B 812 0.37 16.33 6.92
C VAL B 812 -0.33 16.04 5.60
N SER B 813 -0.54 17.06 4.76
CA SER B 813 -1.16 16.78 3.48
C SER B 813 -0.19 16.11 2.52
N HIS B 814 1.11 16.32 2.72
CA HIS B 814 2.09 15.57 1.96
C HIS B 814 2.06 14.10 2.33
N ILE B 815 2.06 13.79 3.64
CA ILE B 815 2.06 12.40 4.08
C ILE B 815 0.80 11.66 3.64
N THR B 816 -0.39 12.29 3.80
CA THR B 816 -1.67 11.63 3.59
C THR B 816 -2.33 11.85 2.23
N ARG B 817 -1.91 12.89 1.50
CA ARG B 817 -2.61 13.28 0.27
C ARG B 817 -4.11 13.44 0.51
N LYS B 818 -4.47 14.02 1.65
CA LYS B 818 -5.84 14.40 2.01
C LYS B 818 -5.86 15.81 2.59
N PRO B 819 -6.97 16.52 2.40
CA PRO B 819 -7.15 17.83 3.06
C PRO B 819 -7.39 17.68 4.54
N PRO B 820 -7.29 18.75 5.32
CA PRO B 820 -7.64 18.67 6.74
C PRO B 820 -9.15 18.57 6.93
N ILE B 821 -9.61 18.61 8.19
CA ILE B 821 -11.03 18.54 8.50
C ILE B 821 -11.41 19.74 9.36
N LYS B 822 -12.52 20.39 9.03
CA LYS B 822 -12.93 21.62 9.70
C LYS B 822 -14.18 21.32 10.49
N VAL B 823 -14.19 21.71 11.75
CA VAL B 823 -15.28 21.36 12.66
C VAL B 823 -16.05 22.61 13.03
N THR B 824 -17.39 22.49 13.04
CA THR B 824 -18.33 23.54 13.44
C THR B 824 -18.34 24.75 12.50
N SER B 825 -19.24 25.69 12.76
CA SER B 825 -19.33 26.88 11.94
C SER B 825 -18.45 28.02 12.42
N ARG B 826 -17.53 27.76 13.33
CA ARG B 826 -16.70 28.84 13.85
C ARG B 826 -15.66 29.32 12.83
N TRP B 827 -15.65 30.60 12.59
CA TRP B 827 -14.56 31.34 11.95
C TRP B 827 -13.96 32.36 12.90
N THR B 828 -14.86 33.01 13.65
CA THR B 828 -14.58 33.99 14.69
C THR B 828 -13.50 33.58 15.66
N PHE B 829 -12.54 34.46 15.89
CA PHE B 829 -11.64 34.25 17.00
C PHE B 829 -11.06 35.53 17.60
N ASP B 841 -0.52 42.57 11.65
CA ASP B 841 -0.38 43.65 10.65
C ASP B 841 -0.13 43.17 9.21
N ASP B 842 0.09 44.11 8.26
CA ASP B 842 0.14 43.75 6.84
C ASP B 842 1.44 43.07 6.43
N SER B 843 2.58 43.32 7.12
CA SER B 843 3.80 42.60 6.76
C SER B 843 3.74 41.15 7.21
N HIS B 844 2.80 40.80 8.07
CA HIS B 844 2.54 39.43 8.51
C HIS B 844 1.76 38.66 7.47
N PHE B 845 0.70 39.26 6.93
CA PHE B 845 -0.09 38.64 5.87
C PHE B 845 0.74 38.38 4.60
N HIS B 846 1.64 39.28 4.24
CA HIS B 846 2.45 39.07 3.05
C HIS B 846 3.61 38.12 3.31
N GLU B 847 4.04 37.96 4.56
CA GLU B 847 4.99 36.90 4.85
C GLU B 847 4.36 35.54 4.58
N ARG B 848 3.05 35.43 4.75
CA ARG B 848 2.38 34.16 4.51
C ARG B 848 2.29 33.80 3.04
N HIS B 849 2.18 34.79 2.14
CA HIS B 849 2.28 34.46 0.73
C HIS B 849 3.67 33.93 0.44
N LYS B 850 4.69 34.50 1.07
CA LYS B 850 6.05 34.10 0.75
C LYS B 850 6.39 32.72 1.31
N CYS B 851 5.79 32.35 2.43
CA CYS B 851 5.96 31.01 2.97
C CYS B 851 5.37 29.96 2.04
N ILE B 852 4.08 30.12 1.70
CA ILE B 852 3.43 29.14 0.84
C ILE B 852 4.25 28.88 -0.41
N ASN B 853 4.78 29.94 -1.05
CA ASN B 853 5.48 29.75 -2.32
C ASN B 853 6.92 29.27 -2.10
N PHE B 854 7.54 29.59 -0.97
CA PHE B 854 8.84 28.99 -0.67
C PHE B 854 8.71 27.49 -0.33
N PHE B 855 7.75 27.12 0.52
CA PHE B 855 7.57 25.71 0.85
C PHE B 855 7.36 24.89 -0.40
N VAL B 856 6.59 25.42 -1.36
CA VAL B 856 6.39 24.68 -2.62
C VAL B 856 7.72 24.41 -3.32
N LYS B 857 8.68 25.32 -3.19
CA LYS B 857 10.01 25.05 -3.72
C LYS B 857 10.71 23.95 -2.95
N VAL B 858 10.51 23.88 -1.64
CA VAL B 858 11.20 22.84 -0.87
C VAL B 858 10.66 21.47 -1.28
N TYR B 859 9.33 21.32 -1.24
CA TYR B 859 8.69 20.04 -1.51
C TYR B 859 8.79 19.64 -2.97
N GLY B 860 8.81 20.61 -3.91
CA GLY B 860 8.79 20.35 -5.33
C GLY B 860 7.41 20.44 -5.98
N TYR B 861 6.39 20.70 -5.18
CA TYR B 861 4.99 20.65 -5.58
C TYR B 861 4.18 21.18 -4.41
N MET B 862 2.92 21.49 -4.71
CA MET B 862 2.00 21.96 -3.69
C MET B 862 1.17 20.82 -3.14
N PRO B 863 1.30 20.48 -1.83
CA PRO B 863 0.57 19.31 -1.32
C PRO B 863 -0.83 19.57 -0.86
N LEU B 864 -1.16 20.83 -0.63
CA LEU B 864 -2.48 21.13 -0.13
C LEU B 864 -3.56 20.68 -1.09
N LEU B 865 -4.76 20.50 -0.55
CA LEU B 865 -5.90 20.03 -1.33
C LEU B 865 -7.15 20.66 -0.73
N TYR B 866 -8.23 20.64 -1.50
CA TYR B 866 -9.46 21.36 -1.16
C TYR B 866 -10.54 20.42 -0.63
N THR B 867 -11.35 20.92 0.29
CA THR B 867 -12.55 20.26 0.80
C THR B 867 -13.69 21.27 0.77
N GLN B 868 -14.87 20.83 0.32
CA GLN B 868 -16.06 21.66 0.22
C GLN B 868 -17.10 21.29 1.26
N PHE B 869 -16.65 20.74 2.38
CA PHE B 869 -17.59 20.49 3.47
C PHE B 869 -16.87 20.72 4.79
N ARG B 870 -17.67 20.76 5.84
CA ARG B 870 -17.21 20.74 7.22
C ARG B 870 -18.07 19.69 7.93
N VAL B 871 -17.73 19.38 9.17
CA VAL B 871 -18.47 18.37 9.92
C VAL B 871 -19.19 18.99 11.12
N ASP B 872 -20.33 18.41 11.41
CA ASP B 872 -21.15 18.76 12.55
C ASP B 872 -21.68 17.45 13.12
N SER B 873 -22.22 17.49 14.33
CA SER B 873 -22.76 16.27 14.91
C SER B 873 -23.90 15.78 14.04
N VAL B 874 -24.26 14.51 14.23
CA VAL B 874 -25.20 13.85 13.31
C VAL B 874 -26.61 14.41 13.47
N LEU B 875 -26.94 14.98 14.63
CA LEU B 875 -28.28 15.49 14.90
C LEU B 875 -28.26 16.99 15.14
N PHE B 876 -27.20 17.67 14.71
CA PHE B 876 -27.18 19.12 14.68
C PHE B 876 -28.37 19.65 13.87
N LYS B 877 -29.15 20.54 14.49
CA LYS B 877 -30.27 21.21 13.81
C LYS B 877 -31.29 20.24 13.20
N THR B 878 -31.54 19.10 13.86
CA THR B 878 -32.52 18.11 13.39
C THR B 878 -33.77 18.13 14.29
N ARG B 879 -34.96 17.98 13.70
CA ARG B 879 -36.20 17.98 14.48
C ARG B 879 -36.46 16.59 15.06
N LEU B 880 -36.44 16.48 16.40
CA LEU B 880 -36.41 15.20 17.09
C LEU B 880 -37.67 14.94 17.91
N PRO B 881 -38.18 13.67 17.93
CA PRO B 881 -39.28 13.33 18.85
C PRO B 881 -38.89 13.67 20.28
N HIS B 882 -39.79 13.39 21.22
CA HIS B 882 -39.55 13.78 22.59
C HIS B 882 -38.66 12.78 23.33
N ASP B 883 -38.72 11.49 22.98
CA ASP B 883 -37.86 10.49 23.63
C ASP B 883 -36.40 10.54 23.13
N LYS B 884 -35.98 11.61 22.45
CA LYS B 884 -34.66 11.70 21.85
C LYS B 884 -34.05 13.08 22.14
N THR B 885 -32.74 13.11 22.38
CA THR B 885 -31.98 14.29 22.73
C THR B 885 -30.88 14.53 21.70
N LYS B 886 -30.61 15.78 21.35
CA LYS B 886 -29.51 16.06 20.45
C LYS B 886 -28.17 15.66 21.08
N CYS B 887 -27.22 15.29 20.21
CA CYS B 887 -25.91 14.83 20.65
C CYS B 887 -25.23 15.91 21.45
N PHE B 888 -25.30 17.12 20.97
CA PHE B 888 -24.85 18.30 21.66
C PHE B 888 -25.96 19.33 21.63
N LYS B 889 -25.88 20.29 22.55
CA LYS B 889 -26.90 21.32 22.58
C LYS B 889 -26.76 22.26 21.39
N PHE B 890 -25.53 22.60 21.01
CA PHE B 890 -25.29 23.66 20.07
C PHE B 890 -24.51 23.26 18.82
N ILE B 891 -23.97 22.05 18.74
CA ILE B 891 -23.10 21.72 17.63
C ILE B 891 -23.42 20.33 17.07
#